data_8I75
# 
_entry.id   8I75 
# 
_audit_conform.dict_name       mmcif_pdbx.dic 
_audit_conform.dict_version    5.397 
_audit_conform.dict_location   http://mmcif.pdb.org/dictionaries/ascii/mmcif_pdbx.dic 
# 
loop_
_database_2.database_id 
_database_2.database_code 
_database_2.pdbx_database_accession 
_database_2.pdbx_DOI 
PDB   8I75         pdb_00008i75 10.2210/pdb8i75/pdb 
WWPDB D_1300035054 ?            ?                   
# 
loop_
_pdbx_audit_revision_history.ordinal 
_pdbx_audit_revision_history.data_content_type 
_pdbx_audit_revision_history.major_revision 
_pdbx_audit_revision_history.minor_revision 
_pdbx_audit_revision_history.revision_date 
1 'Structure model' 1 0 2024-01-31 
2 'Structure model' 1 1 2024-08-21 
3 'Structure model' 1 2 2024-10-30 
# 
_pdbx_audit_revision_details.ordinal             1 
_pdbx_audit_revision_details.revision_ordinal    1 
_pdbx_audit_revision_details.data_content_type   'Structure model' 
_pdbx_audit_revision_details.provider            repository 
_pdbx_audit_revision_details.type                'Initial release' 
_pdbx_audit_revision_details.description         ? 
_pdbx_audit_revision_details.details             ? 
# 
loop_
_pdbx_audit_revision_group.ordinal 
_pdbx_audit_revision_group.revision_ordinal 
_pdbx_audit_revision_group.data_content_type 
_pdbx_audit_revision_group.group 
1 2 'Structure model' 'Database references' 
2 3 'Structure model' 'Structure summary'   
# 
loop_
_pdbx_audit_revision_category.ordinal 
_pdbx_audit_revision_category.revision_ordinal 
_pdbx_audit_revision_category.data_content_type 
_pdbx_audit_revision_category.category 
1 2 'Structure model' citation                  
2 2 'Structure model' citation_author           
3 3 'Structure model' pdbx_entry_details        
4 3 'Structure model' pdbx_modification_feature 
# 
loop_
_pdbx_audit_revision_item.ordinal 
_pdbx_audit_revision_item.revision_ordinal 
_pdbx_audit_revision_item.data_content_type 
_pdbx_audit_revision_item.item 
1  2 'Structure model' '_citation.country'                 
2  2 'Structure model' '_citation.journal_abbrev'          
3  2 'Structure model' '_citation.journal_id_ASTM'         
4  2 'Structure model' '_citation.journal_id_CSD'          
5  2 'Structure model' '_citation.journal_id_ISSN'         
6  2 'Structure model' '_citation.journal_volume'          
7  2 'Structure model' '_citation.page_first'              
8  2 'Structure model' '_citation.page_last'               
9  2 'Structure model' '_citation.pdbx_database_id_DOI'    
10 2 'Structure model' '_citation.pdbx_database_id_PubMed' 
11 2 'Structure model' '_citation.title'                   
12 2 'Structure model' '_citation.year'                    
13 2 'Structure model' '_citation_author.identifier_ORCID' 
# 
_pdbx_database_status.status_code                     REL 
_pdbx_database_status.status_code_sf                  REL 
_pdbx_database_status.status_code_mr                  ? 
_pdbx_database_status.entry_id                        8I75 
_pdbx_database_status.recvd_initial_deposition_date   2023-01-31 
_pdbx_database_status.SG_entry                        N 
_pdbx_database_status.deposit_site                    PDBJ 
_pdbx_database_status.process_site                    PDBJ 
_pdbx_database_status.status_code_cs                  ? 
_pdbx_database_status.status_code_nmr_data            ? 
_pdbx_database_status.methods_development_category    ? 
_pdbx_database_status.pdb_format_compatible           Y 
# 
_pdbx_contact_author.id                 2 
_pdbx_contact_author.email              tyokoya3@pha.u-toyama.ac.jp 
_pdbx_contact_author.name_first         Takeshi 
_pdbx_contact_author.name_last          Yokoyama 
_pdbx_contact_author.name_mi            ? 
_pdbx_contact_author.role               'principal investigator/group leader' 
_pdbx_contact_author.identifier_ORCID   0000-0002-5362-8606 
# 
loop_
_audit_author.name 
_audit_author.pdbx_ordinal 
_audit_author.identifier_ORCID 
'Yokoyama, T.'  1 ? 
'Nabeshima, Y.' 2 ? 
'Obita, T.'     3 ? 
'Mizuguchi, M.' 4 ? 
# 
_citation.abstract                  ? 
_citation.abstract_id_CAS           ? 
_citation.book_id_ISBN              ? 
_citation.book_publisher            ? 
_citation.book_publisher_city       ? 
_citation.book_title                ? 
_citation.coordinate_linkage        ? 
_citation.country                   NE 
_citation.database_id_Medline       ? 
_citation.details                   ? 
_citation.id                        primary 
_citation.journal_abbrev            'Febs Lett.' 
_citation.journal_id_ASTM           FEBLAL 
_citation.journal_id_CSD            0165 
_citation.journal_id_ISSN           0014-5793 
_citation.journal_full              ? 
_citation.journal_issue             ? 
_citation.journal_volume            597 
_citation.language                  ? 
_citation.page_first                1479 
_citation.page_last                 1488 
_citation.title                     
'Structural and mutational analyses of decarboxylated osteocalcin provide insight into its adiponectin-inducing activity.' 
_citation.year                      2023 
_citation.database_id_CSD           ? 
_citation.pdbx_database_id_DOI      10.1002/1873-3468.14618 
_citation.pdbx_database_id_PubMed   36976525 
_citation.pdbx_database_id_patent   ? 
_citation.unpublished_flag          ? 
# 
loop_
_citation_author.citation_id 
_citation_author.name 
_citation_author.ordinal 
_citation_author.identifier_ORCID 
primary 'Mizuguchi, M.' 1 0000-0003-0450-0339 
primary 'Yokoyama, T.'  2 0000-0002-5362-8606 
primary 'Otani, T.'     3 ?                   
primary 'Kuribara, S.'  4 ?                   
primary 'Nabeshima, Y.' 5 ?                   
primary 'Obita, T.'     6 ?                   
primary 'Hirata, M.'    7 ?                   
primary 'Kawano, K.'    8 ?                   
# 
loop_
_entity.id 
_entity.type 
_entity.src_method 
_entity.pdbx_description 
_entity.formula_weight 
_entity.pdbx_number_of_molecules 
_entity.pdbx_ec 
_entity.pdbx_mutation 
_entity.pdbx_fragment 
_entity.details 
1 polymer man Osteocalcin 4247.617 2  ? ? ? ? 
2 water   nat water       18.015   59 ? ? ? ? 
# 
_entity_name_com.entity_id   1 
_entity_name_com.name        'Bone Gla protein,BGP,Gamma-carboxyglutamic acid-containing protein' 
# 
_entity_poly.entity_id                      1 
_entity_poly.type                           'polypeptide(L)' 
_entity_poly.nstd_linkage                   no 
_entity_poly.nstd_monomer                   no 
_entity_poly.pdbx_seq_one_letter_code       GSGSGEPKREVCELNPDCDELADHIGFQEAYRRFYGPV 
_entity_poly.pdbx_seq_one_letter_code_can   GSGSGEPKREVCELNPDCDELADHIGFQEAYRRFYGPV 
_entity_poly.pdbx_strand_id                 A,B 
_entity_poly.pdbx_target_identifier         ? 
# 
_pdbx_entity_nonpoly.entity_id   2 
_pdbx_entity_nonpoly.name        water 
_pdbx_entity_nonpoly.comp_id     HOH 
# 
loop_
_entity_poly_seq.entity_id 
_entity_poly_seq.num 
_entity_poly_seq.mon_id 
_entity_poly_seq.hetero 
1 1  GLY n 
1 2  SER n 
1 3  GLY n 
1 4  SER n 
1 5  GLY n 
1 6  GLU n 
1 7  PRO n 
1 8  LYS n 
1 9  ARG n 
1 10 GLU n 
1 11 VAL n 
1 12 CYS n 
1 13 GLU n 
1 14 LEU n 
1 15 ASN n 
1 16 PRO n 
1 17 ASP n 
1 18 CYS n 
1 19 ASP n 
1 20 GLU n 
1 21 LEU n 
1 22 ALA n 
1 23 ASP n 
1 24 HIS n 
1 25 ILE n 
1 26 GLY n 
1 27 PHE n 
1 28 GLN n 
1 29 GLU n 
1 30 ALA n 
1 31 TYR n 
1 32 ARG n 
1 33 ARG n 
1 34 PHE n 
1 35 TYR n 
1 36 GLY n 
1 37 PRO n 
1 38 VAL n 
# 
_entity_src_gen.entity_id                          1 
_entity_src_gen.pdbx_src_id                        1 
_entity_src_gen.pdbx_alt_source_flag               sample 
_entity_src_gen.pdbx_seq_type                      'Biological sequence' 
_entity_src_gen.pdbx_beg_seq_num                   1 
_entity_src_gen.pdbx_end_seq_num                   38 
_entity_src_gen.gene_src_common_name               cattle 
_entity_src_gen.gene_src_genus                     ? 
_entity_src_gen.pdbx_gene_src_gene                 BGLAP 
_entity_src_gen.gene_src_species                   ? 
_entity_src_gen.gene_src_strain                    ? 
_entity_src_gen.gene_src_tissue                    ? 
_entity_src_gen.gene_src_tissue_fraction           ? 
_entity_src_gen.gene_src_details                   ? 
_entity_src_gen.pdbx_gene_src_fragment             ? 
_entity_src_gen.pdbx_gene_src_scientific_name      'Bos taurus' 
_entity_src_gen.pdbx_gene_src_ncbi_taxonomy_id     9913 
_entity_src_gen.pdbx_gene_src_variant              ? 
_entity_src_gen.pdbx_gene_src_cell_line            ? 
_entity_src_gen.pdbx_gene_src_atcc                 ? 
_entity_src_gen.pdbx_gene_src_organ                ? 
_entity_src_gen.pdbx_gene_src_organelle            ? 
_entity_src_gen.pdbx_gene_src_cell                 ? 
_entity_src_gen.pdbx_gene_src_cellular_location    ? 
_entity_src_gen.host_org_common_name               ? 
_entity_src_gen.pdbx_host_org_scientific_name      'Escherichia coli' 
_entity_src_gen.pdbx_host_org_ncbi_taxonomy_id     562 
_entity_src_gen.host_org_genus                     ? 
_entity_src_gen.pdbx_host_org_gene                 ? 
_entity_src_gen.pdbx_host_org_organ                ? 
_entity_src_gen.host_org_species                   ? 
_entity_src_gen.pdbx_host_org_tissue               ? 
_entity_src_gen.pdbx_host_org_tissue_fraction      ? 
_entity_src_gen.pdbx_host_org_strain               ? 
_entity_src_gen.pdbx_host_org_variant              ? 
_entity_src_gen.pdbx_host_org_cell_line            ? 
_entity_src_gen.pdbx_host_org_atcc                 ? 
_entity_src_gen.pdbx_host_org_culture_collection   ? 
_entity_src_gen.pdbx_host_org_cell                 ? 
_entity_src_gen.pdbx_host_org_organelle            ? 
_entity_src_gen.pdbx_host_org_cellular_location    ? 
_entity_src_gen.pdbx_host_org_vector_type          ? 
_entity_src_gen.pdbx_host_org_vector               ? 
_entity_src_gen.host_org_details                   ? 
_entity_src_gen.expression_system_id               ? 
_entity_src_gen.plasmid_name                       ? 
_entity_src_gen.plasmid_details                    ? 
_entity_src_gen.pdbx_description                   ? 
# 
loop_
_chem_comp.id 
_chem_comp.type 
_chem_comp.mon_nstd_flag 
_chem_comp.name 
_chem_comp.pdbx_synonyms 
_chem_comp.formula 
_chem_comp.formula_weight 
ALA 'L-peptide linking' y ALANINE         ? 'C3 H7 N O2'     89.093  
ARG 'L-peptide linking' y ARGININE        ? 'C6 H15 N4 O2 1' 175.209 
ASN 'L-peptide linking' y ASPARAGINE      ? 'C4 H8 N2 O3'    132.118 
ASP 'L-peptide linking' y 'ASPARTIC ACID' ? 'C4 H7 N O4'     133.103 
CYS 'L-peptide linking' y CYSTEINE        ? 'C3 H7 N O2 S'   121.158 
GLN 'L-peptide linking' y GLUTAMINE       ? 'C5 H10 N2 O3'   146.144 
GLU 'L-peptide linking' y 'GLUTAMIC ACID' ? 'C5 H9 N O4'     147.129 
GLY 'peptide linking'   y GLYCINE         ? 'C2 H5 N O2'     75.067  
HIS 'L-peptide linking' y HISTIDINE       ? 'C6 H10 N3 O2 1' 156.162 
HOH non-polymer         . WATER           ? 'H2 O'           18.015  
ILE 'L-peptide linking' y ISOLEUCINE      ? 'C6 H13 N O2'    131.173 
LEU 'L-peptide linking' y LEUCINE         ? 'C6 H13 N O2'    131.173 
LYS 'L-peptide linking' y LYSINE          ? 'C6 H15 N2 O2 1' 147.195 
PHE 'L-peptide linking' y PHENYLALANINE   ? 'C9 H11 N O2'    165.189 
PRO 'L-peptide linking' y PROLINE         ? 'C5 H9 N O2'     115.130 
SER 'L-peptide linking' y SERINE          ? 'C3 H7 N O3'     105.093 
TYR 'L-peptide linking' y TYROSINE        ? 'C9 H11 N O3'    181.189 
VAL 'L-peptide linking' y VALINE          ? 'C5 H11 N O2'    117.146 
# 
loop_
_pdbx_poly_seq_scheme.asym_id 
_pdbx_poly_seq_scheme.entity_id 
_pdbx_poly_seq_scheme.seq_id 
_pdbx_poly_seq_scheme.mon_id 
_pdbx_poly_seq_scheme.ndb_seq_num 
_pdbx_poly_seq_scheme.pdb_seq_num 
_pdbx_poly_seq_scheme.auth_seq_num 
_pdbx_poly_seq_scheme.pdb_mon_id 
_pdbx_poly_seq_scheme.auth_mon_id 
_pdbx_poly_seq_scheme.pdb_strand_id 
_pdbx_poly_seq_scheme.pdb_ins_code 
_pdbx_poly_seq_scheme.hetero 
A 1 1  GLY 1  12 ?  ?   ?   A . n 
A 1 2  SER 2  13 ?  ?   ?   A . n 
A 1 3  GLY 3  14 ?  ?   ?   A . n 
A 1 4  SER 4  15 ?  ?   ?   A . n 
A 1 5  GLY 5  16 ?  ?   ?   A . n 
A 1 6  GLU 6  17 17 GLU GLU A . n 
A 1 7  PRO 7  18 18 PRO PRO A . n 
A 1 8  LYS 8  19 19 LYS LYS A . n 
A 1 9  ARG 9  20 20 ARG ARG A . n 
A 1 10 GLU 10 21 21 GLU GLU A . n 
A 1 11 VAL 11 22 22 VAL VAL A . n 
A 1 12 CYS 12 23 23 CYS CYS A . n 
A 1 13 GLU 13 24 24 GLU GLU A . n 
A 1 14 LEU 14 25 25 LEU LEU A . n 
A 1 15 ASN 15 26 26 ASN ASN A . n 
A 1 16 PRO 16 27 27 PRO PRO A . n 
A 1 17 ASP 17 28 28 ASP ASP A . n 
A 1 18 CYS 18 29 29 CYS CYS A . n 
A 1 19 ASP 19 30 30 ASP ASP A . n 
A 1 20 GLU 20 31 31 GLU GLU A . n 
A 1 21 LEU 21 32 32 LEU LEU A . n 
A 1 22 ALA 22 33 33 ALA ALA A . n 
A 1 23 ASP 23 34 34 ASP ASP A . n 
A 1 24 HIS 24 35 35 HIS HIS A . n 
A 1 25 ILE 25 36 36 ILE ILE A . n 
A 1 26 GLY 26 37 37 GLY GLY A . n 
A 1 27 PHE 27 38 38 PHE PHE A . n 
A 1 28 GLN 28 39 39 GLN GLN A . n 
A 1 29 GLU 29 40 40 GLU GLU A . n 
A 1 30 ALA 30 41 41 ALA ALA A . n 
A 1 31 TYR 31 42 42 TYR TYR A . n 
A 1 32 ARG 32 43 43 ARG ARG A . n 
A 1 33 ARG 33 44 44 ARG ARG A . n 
A 1 34 PHE 34 45 45 PHE PHE A . n 
A 1 35 TYR 35 46 46 TYR TYR A . n 
A 1 36 GLY 36 47 47 GLY GLY A . n 
A 1 37 PRO 37 48 ?  ?   ?   A . n 
A 1 38 VAL 38 49 ?  ?   ?   A . n 
B 1 1  GLY 1  12 ?  ?   ?   B . n 
B 1 2  SER 2  13 ?  ?   ?   B . n 
B 1 3  GLY 3  14 ?  ?   ?   B . n 
B 1 4  SER 4  15 ?  ?   ?   B . n 
B 1 5  GLY 5  16 ?  ?   ?   B . n 
B 1 6  GLU 6  17 17 GLU GLU B . n 
B 1 7  PRO 7  18 18 PRO PRO B . n 
B 1 8  LYS 8  19 19 LYS LYS B . n 
B 1 9  ARG 9  20 20 ARG ARG B . n 
B 1 10 GLU 10 21 21 GLU GLU B . n 
B 1 11 VAL 11 22 22 VAL VAL B . n 
B 1 12 CYS 12 23 23 CYS CYS B . n 
B 1 13 GLU 13 24 24 GLU GLU B . n 
B 1 14 LEU 14 25 25 LEU LEU B . n 
B 1 15 ASN 15 26 26 ASN ASN B . n 
B 1 16 PRO 16 27 27 PRO PRO B . n 
B 1 17 ASP 17 28 28 ASP ASP B . n 
B 1 18 CYS 18 29 29 CYS CYS B . n 
B 1 19 ASP 19 30 30 ASP ASP B . n 
B 1 20 GLU 20 31 31 GLU GLU B . n 
B 1 21 LEU 21 32 32 LEU LEU B . n 
B 1 22 ALA 22 33 33 ALA ALA B . n 
B 1 23 ASP 23 34 34 ASP ASP B . n 
B 1 24 HIS 24 35 35 HIS HIS B . n 
B 1 25 ILE 25 36 36 ILE ILE B . n 
B 1 26 GLY 26 37 37 GLY GLY B . n 
B 1 27 PHE 27 38 38 PHE PHE B . n 
B 1 28 GLN 28 39 39 GLN GLN B . n 
B 1 29 GLU 29 40 40 GLU GLU B . n 
B 1 30 ALA 30 41 41 ALA ALA B . n 
B 1 31 TYR 31 42 42 TYR TYR B . n 
B 1 32 ARG 32 43 43 ARG ARG B . n 
B 1 33 ARG 33 44 44 ARG ARG B . n 
B 1 34 PHE 34 45 45 PHE PHE B . n 
B 1 35 TYR 35 46 46 TYR TYR B . n 
B 1 36 GLY 36 47 47 GLY GLY B . n 
B 1 37 PRO 37 48 ?  ?   ?   B . n 
B 1 38 VAL 38 49 ?  ?   ?   B . n 
# 
loop_
_pdbx_nonpoly_scheme.asym_id 
_pdbx_nonpoly_scheme.entity_id 
_pdbx_nonpoly_scheme.mon_id 
_pdbx_nonpoly_scheme.ndb_seq_num 
_pdbx_nonpoly_scheme.pdb_seq_num 
_pdbx_nonpoly_scheme.auth_seq_num 
_pdbx_nonpoly_scheme.pdb_mon_id 
_pdbx_nonpoly_scheme.auth_mon_id 
_pdbx_nonpoly_scheme.pdb_strand_id 
_pdbx_nonpoly_scheme.pdb_ins_code 
C 2 HOH 1  101 13 HOH HOH A . 
C 2 HOH 2  102 6  HOH HOH A . 
C 2 HOH 3  103 24 HOH HOH A . 
C 2 HOH 4  104 49 HOH HOH A . 
C 2 HOH 5  105 9  HOH HOH A . 
C 2 HOH 6  106 2  HOH HOH A . 
C 2 HOH 7  107 7  HOH HOH A . 
C 2 HOH 8  108 26 HOH HOH A . 
C 2 HOH 9  109 33 HOH HOH A . 
C 2 HOH 10 110 12 HOH HOH A . 
C 2 HOH 11 111 19 HOH HOH A . 
C 2 HOH 12 112 3  HOH HOH A . 
C 2 HOH 13 113 58 HOH HOH A . 
C 2 HOH 14 114 41 HOH HOH A . 
C 2 HOH 15 115 37 HOH HOH A . 
C 2 HOH 16 116 56 HOH HOH A . 
C 2 HOH 17 117 57 HOH HOH A . 
C 2 HOH 18 118 36 HOH HOH A . 
C 2 HOH 19 119 43 HOH HOH A . 
C 2 HOH 20 120 5  HOH HOH A . 
C 2 HOH 21 121 44 HOH HOH A . 
C 2 HOH 22 122 40 HOH HOH A . 
C 2 HOH 23 123 23 HOH HOH A . 
C 2 HOH 24 124 47 HOH HOH A . 
C 2 HOH 25 125 29 HOH HOH A . 
C 2 HOH 26 126 39 HOH HOH A . 
C 2 HOH 27 127 30 HOH HOH A . 
C 2 HOH 28 128 46 HOH HOH A . 
D 2 HOH 1  101 21 HOH HOH B . 
D 2 HOH 2  102 45 HOH HOH B . 
D 2 HOH 3  103 11 HOH HOH B . 
D 2 HOH 4  104 38 HOH HOH B . 
D 2 HOH 5  105 42 HOH HOH B . 
D 2 HOH 6  106 20 HOH HOH B . 
D 2 HOH 7  107 17 HOH HOH B . 
D 2 HOH 8  108 1  HOH HOH B . 
D 2 HOH 9  109 50 HOH HOH B . 
D 2 HOH 10 110 16 HOH HOH B . 
D 2 HOH 11 111 10 HOH HOH B . 
D 2 HOH 12 112 14 HOH HOH B . 
D 2 HOH 13 113 8  HOH HOH B . 
D 2 HOH 14 114 4  HOH HOH B . 
D 2 HOH 15 115 51 HOH HOH B . 
D 2 HOH 16 116 34 HOH HOH B . 
D 2 HOH 17 117 22 HOH HOH B . 
D 2 HOH 18 118 18 HOH HOH B . 
D 2 HOH 19 119 55 HOH HOH B . 
D 2 HOH 20 120 54 HOH HOH B . 
D 2 HOH 21 121 35 HOH HOH B . 
D 2 HOH 22 122 48 HOH HOH B . 
D 2 HOH 23 123 52 HOH HOH B . 
D 2 HOH 24 124 31 HOH HOH B . 
D 2 HOH 25 125 27 HOH HOH B . 
D 2 HOH 26 126 25 HOH HOH B . 
D 2 HOH 27 127 28 HOH HOH B . 
D 2 HOH 28 128 15 HOH HOH B . 
D 2 HOH 29 129 32 HOH HOH B . 
D 2 HOH 30 130 59 HOH HOH B . 
D 2 HOH 31 131 53 HOH HOH B . 
# 
loop_
_software.citation_id 
_software.classification 
_software.compiler_name 
_software.compiler_version 
_software.contact_author 
_software.contact_author_email 
_software.date 
_software.description 
_software.dependencies 
_software.hardware 
_software.language 
_software.location 
_software.mods 
_software.name 
_software.os 
_software.os_version 
_software.type 
_software.version 
_software.pdbx_ordinal 
? refinement       ? ? ? ? ? ? ? ? ? ? ? PHENIX ? ? ? '(1.12_2829: ???)' 1 
? 'data reduction' ? ? ? ? ? ? ? ? ? ? ? XDS    ? ? ? .                  2 
? 'data scaling'   ? ? ? ? ? ? ? ? ? ? ? XSCALE ? ? ? .                  3 
? phasing          ? ? ? ? ? ? ? ? ? ? ? PHENIX ? ? ? .                  4 
# 
_cell.angle_alpha                  90.00 
_cell.angle_alpha_esd              ? 
_cell.angle_beta                   90.00 
_cell.angle_beta_esd               ? 
_cell.angle_gamma                  90.00 
_cell.angle_gamma_esd              ? 
_cell.entry_id                     8I75 
_cell.details                      ? 
_cell.formula_units_Z              ? 
_cell.length_a                     42.237 
_cell.length_a_esd                 ? 
_cell.length_b                     42.237 
_cell.length_b_esd                 ? 
_cell.length_c                     36.872 
_cell.length_c_esd                 ? 
_cell.volume                       ? 
_cell.volume_esd                   ? 
_cell.Z_PDB                        8 
_cell.reciprocal_angle_alpha       ? 
_cell.reciprocal_angle_beta        ? 
_cell.reciprocal_angle_gamma       ? 
_cell.reciprocal_angle_alpha_esd   ? 
_cell.reciprocal_angle_beta_esd    ? 
_cell.reciprocal_angle_gamma_esd   ? 
_cell.reciprocal_length_a          ? 
_cell.reciprocal_length_b          ? 
_cell.reciprocal_length_c          ? 
_cell.reciprocal_length_a_esd      ? 
_cell.reciprocal_length_b_esd      ? 
_cell.reciprocal_length_c_esd      ? 
_cell.pdbx_unique_axis             ? 
_cell.pdbx_esd_method              ? 
# 
_symmetry.entry_id                         8I75 
_symmetry.cell_setting                     ? 
_symmetry.Int_Tables_number                76 
_symmetry.space_group_name_Hall            ? 
_symmetry.space_group_name_H-M             'P 41' 
_symmetry.pdbx_full_space_group_name_H-M   ? 
# 
_exptl.absorpt_coefficient_mu     ? 
_exptl.absorpt_correction_T_max   ? 
_exptl.absorpt_correction_T_min   ? 
_exptl.absorpt_correction_type    ? 
_exptl.absorpt_process_details    ? 
_exptl.entry_id                   8I75 
_exptl.crystals_number            1 
_exptl.details                    ? 
_exptl.method                     'X-RAY DIFFRACTION' 
_exptl.method_details             ? 
# 
_exptl_crystal.colour                       ? 
_exptl_crystal.density_diffrn               ? 
_exptl_crystal.density_Matthews             1.94 
_exptl_crystal.density_method               ? 
_exptl_crystal.density_percent_sol          36.46 
_exptl_crystal.description                  ? 
_exptl_crystal.F_000                        ? 
_exptl_crystal.id                           1 
_exptl_crystal.preparation                  ? 
_exptl_crystal.size_max                     ? 
_exptl_crystal.size_mid                     ? 
_exptl_crystal.size_min                     ? 
_exptl_crystal.size_rad                     ? 
_exptl_crystal.colour_lustre                ? 
_exptl_crystal.colour_modifier              ? 
_exptl_crystal.colour_primary               ? 
_exptl_crystal.density_meas                 ? 
_exptl_crystal.density_meas_esd             ? 
_exptl_crystal.density_meas_gt              ? 
_exptl_crystal.density_meas_lt              ? 
_exptl_crystal.density_meas_temp            ? 
_exptl_crystal.density_meas_temp_esd        ? 
_exptl_crystal.density_meas_temp_gt         ? 
_exptl_crystal.density_meas_temp_lt         ? 
_exptl_crystal.pdbx_crystal_image_url       ? 
_exptl_crystal.pdbx_crystal_image_format    ? 
_exptl_crystal.pdbx_mosaicity               ? 
_exptl_crystal.pdbx_mosaicity_esd           ? 
_exptl_crystal.pdbx_mosaic_method           ? 
_exptl_crystal.pdbx_mosaic_block_size       ? 
_exptl_crystal.pdbx_mosaic_block_size_esd   ? 
# 
_exptl_crystal_grow.apparatus       ? 
_exptl_crystal_grow.atmosphere      ? 
_exptl_crystal_grow.crystal_id      1 
_exptl_crystal_grow.details         ? 
_exptl_crystal_grow.method          'VAPOR DIFFUSION, HANGING DROP' 
_exptl_crystal_grow.method_ref      ? 
_exptl_crystal_grow.pH              ? 
_exptl_crystal_grow.pressure        ? 
_exptl_crystal_grow.pressure_esd    ? 
_exptl_crystal_grow.seeding         ? 
_exptl_crystal_grow.seeding_ref     ? 
_exptl_crystal_grow.temp_details    ? 
_exptl_crystal_grow.temp_esd        ? 
_exptl_crystal_grow.time            ? 
_exptl_crystal_grow.pdbx_details    'Ammonium sulfate, HCl' 
_exptl_crystal_grow.pdbx_pH_range   ? 
_exptl_crystal_grow.temp            293 
# 
_diffrn.ambient_environment              ? 
_diffrn.ambient_temp                     100 
_diffrn.ambient_temp_details             ? 
_diffrn.ambient_temp_esd                 ? 
_diffrn.crystal_id                       1 
_diffrn.crystal_support                  ? 
_diffrn.crystal_treatment                ? 
_diffrn.details                          ? 
_diffrn.id                               1 
_diffrn.ambient_pressure                 ? 
_diffrn.ambient_pressure_esd             ? 
_diffrn.ambient_pressure_gt              ? 
_diffrn.ambient_pressure_lt              ? 
_diffrn.ambient_temp_gt                  ? 
_diffrn.ambient_temp_lt                  ? 
_diffrn.pdbx_serial_crystal_experiment   N 
# 
_diffrn_detector.details                      ? 
_diffrn_detector.detector                     CCD 
_diffrn_detector.diffrn_id                    1 
_diffrn_detector.type                         'ADSC QUANTUM 315r' 
_diffrn_detector.area_resol_mean              ? 
_diffrn_detector.dtime                        ? 
_diffrn_detector.pdbx_frames_total            ? 
_diffrn_detector.pdbx_collection_time_total   ? 
_diffrn_detector.pdbx_collection_date         2017-12-14 
_diffrn_detector.pdbx_frequency               ? 
_diffrn_detector.id                           ? 
_diffrn_detector.number_of_axes               ? 
# 
_diffrn_radiation.collimation                      ? 
_diffrn_radiation.diffrn_id                        1 
_diffrn_radiation.filter_edge                      ? 
_diffrn_radiation.inhomogeneity                    ? 
_diffrn_radiation.monochromator                    ? 
_diffrn_radiation.polarisn_norm                    ? 
_diffrn_radiation.polarisn_ratio                   ? 
_diffrn_radiation.probe                            ? 
_diffrn_radiation.type                             ? 
_diffrn_radiation.xray_symbol                      ? 
_diffrn_radiation.wavelength_id                    1 
_diffrn_radiation.pdbx_monochromatic_or_laue_m_l   M 
_diffrn_radiation.pdbx_wavelength_list             ? 
_diffrn_radiation.pdbx_wavelength                  ? 
_diffrn_radiation.pdbx_diffrn_protocol             'SINGLE WAVELENGTH' 
_diffrn_radiation.pdbx_analyzer                    ? 
_diffrn_radiation.pdbx_scattering_type             x-ray 
# 
_diffrn_radiation_wavelength.id           1 
_diffrn_radiation_wavelength.wavelength   1 
_diffrn_radiation_wavelength.wt           1.0 
# 
_diffrn_source.current                     ? 
_diffrn_source.details                     ? 
_diffrn_source.diffrn_id                   1 
_diffrn_source.power                       ? 
_diffrn_source.size                        ? 
_diffrn_source.source                      SYNCHROTRON 
_diffrn_source.target                      ? 
_diffrn_source.type                        'PHOTON FACTORY BEAMLINE BL-5A' 
_diffrn_source.voltage                     ? 
_diffrn_source.take-off_angle              ? 
_diffrn_source.pdbx_wavelength_list        1 
_diffrn_source.pdbx_wavelength             ? 
_diffrn_source.pdbx_synchrotron_beamline   BL-5A 
_diffrn_source.pdbx_synchrotron_site       'Photon Factory' 
# 
_reflns.B_iso_Wilson_estimate                          ? 
_reflns.entry_id                                       8I75 
_reflns.data_reduction_details                         ? 
_reflns.data_reduction_method                          ? 
_reflns.d_resolution_high                              1.33 
_reflns.d_resolution_low                               23.21 
_reflns.details                                        ? 
_reflns.limit_h_max                                    ? 
_reflns.limit_h_min                                    ? 
_reflns.limit_k_max                                    ? 
_reflns.limit_k_min                                    ? 
_reflns.limit_l_max                                    ? 
_reflns.limit_l_min                                    ? 
_reflns.number_all                                     ? 
_reflns.number_obs                                     72423 
_reflns.observed_criterion                             ? 
_reflns.observed_criterion_F_max                       ? 
_reflns.observed_criterion_F_min                       ? 
_reflns.observed_criterion_I_max                       ? 
_reflns.observed_criterion_I_min                       ? 
_reflns.observed_criterion_sigma_F                     ? 
_reflns.observed_criterion_sigma_I                     ? 
_reflns.percent_possible_obs                           98.78 
_reflns.R_free_details                                 ? 
_reflns.Rmerge_F_all                                   ? 
_reflns.Rmerge_F_obs                                   ? 
_reflns.Friedel_coverage                               ? 
_reflns.number_gt                                      ? 
_reflns.threshold_expression                           ? 
_reflns.pdbx_redundancy                                4.85 
_reflns.pdbx_netI_over_av_sigmaI                       ? 
_reflns.pdbx_netI_over_sigmaI                          22.9 
_reflns.pdbx_res_netI_over_av_sigmaI_2                 ? 
_reflns.pdbx_res_netI_over_sigmaI_2                    ? 
_reflns.pdbx_chi_squared                               ? 
_reflns.pdbx_scaling_rejects                           ? 
_reflns.pdbx_d_res_high_opt                            ? 
_reflns.pdbx_d_res_low_opt                             ? 
_reflns.pdbx_d_res_opt_method                          ? 
_reflns.phase_calculation_details                      ? 
_reflns.pdbx_Rrim_I_all                                0.039 
_reflns.pdbx_Rpim_I_all                                ? 
_reflns.pdbx_d_opt                                     ? 
_reflns.pdbx_number_measured_all                       ? 
_reflns.pdbx_diffrn_id                                 1 
_reflns.pdbx_ordinal                                   1 
_reflns.pdbx_CC_half                                   0.999 
_reflns.pdbx_CC_star                                   ? 
_reflns.pdbx_R_split                                   ? 
_reflns.pdbx_Rmerge_I_obs                              ? 
_reflns.pdbx_Rmerge_I_all                              ? 
_reflns.pdbx_Rsym_value                                ? 
_reflns.pdbx_CC_split_method                           ? 
_reflns.pdbx_aniso_diffraction_limit_axis_1_ortho[1]   ? 
_reflns.pdbx_aniso_diffraction_limit_axis_1_ortho[2]   ? 
_reflns.pdbx_aniso_diffraction_limit_axis_1_ortho[3]   ? 
_reflns.pdbx_aniso_diffraction_limit_axis_2_ortho[1]   ? 
_reflns.pdbx_aniso_diffraction_limit_axis_2_ortho[2]   ? 
_reflns.pdbx_aniso_diffraction_limit_axis_2_ortho[3]   ? 
_reflns.pdbx_aniso_diffraction_limit_axis_3_ortho[1]   ? 
_reflns.pdbx_aniso_diffraction_limit_axis_3_ortho[2]   ? 
_reflns.pdbx_aniso_diffraction_limit_axis_3_ortho[3]   ? 
_reflns.pdbx_aniso_diffraction_limit_1                 ? 
_reflns.pdbx_aniso_diffraction_limit_2                 ? 
_reflns.pdbx_aniso_diffraction_limit_3                 ? 
_reflns.pdbx_aniso_B_tensor_eigenvector_1_ortho[1]     ? 
_reflns.pdbx_aniso_B_tensor_eigenvector_1_ortho[2]     ? 
_reflns.pdbx_aniso_B_tensor_eigenvector_1_ortho[3]     ? 
_reflns.pdbx_aniso_B_tensor_eigenvector_2_ortho[1]     ? 
_reflns.pdbx_aniso_B_tensor_eigenvector_2_ortho[2]     ? 
_reflns.pdbx_aniso_B_tensor_eigenvector_2_ortho[3]     ? 
_reflns.pdbx_aniso_B_tensor_eigenvector_3_ortho[1]     ? 
_reflns.pdbx_aniso_B_tensor_eigenvector_3_ortho[2]     ? 
_reflns.pdbx_aniso_B_tensor_eigenvector_3_ortho[3]     ? 
_reflns.pdbx_aniso_B_tensor_eigenvalue_1               ? 
_reflns.pdbx_aniso_B_tensor_eigenvalue_2               ? 
_reflns.pdbx_aniso_B_tensor_eigenvalue_3               ? 
_reflns.pdbx_orthogonalization_convention              ? 
_reflns.pdbx_percent_possible_ellipsoidal              ? 
_reflns.pdbx_percent_possible_spherical                ? 
_reflns.pdbx_percent_possible_ellipsoidal_anomalous    ? 
_reflns.pdbx_percent_possible_spherical_anomalous      ? 
_reflns.pdbx_redundancy_anomalous                      ? 
_reflns.pdbx_CC_half_anomalous                         ? 
_reflns.pdbx_absDiff_over_sigma_anomalous              ? 
_reflns.pdbx_percent_possible_anomalous                ? 
_reflns.pdbx_observed_signal_threshold                 ? 
_reflns.pdbx_signal_type                               ? 
_reflns.pdbx_signal_details                            ? 
_reflns.pdbx_signal_software_id                        ? 
# 
_reflns_shell.d_res_high                                    1.33 
_reflns_shell.d_res_low                                     1.38 
_reflns_shell.meanI_over_sigI_all                           ? 
_reflns_shell.meanI_over_sigI_obs                           2.9 
_reflns_shell.number_measured_all                           ? 
_reflns_shell.number_measured_obs                           ? 
_reflns_shell.number_possible                               ? 
_reflns_shell.number_unique_all                             ? 
_reflns_shell.number_unique_obs                             1437 
_reflns_shell.percent_possible_obs                          ? 
_reflns_shell.Rmerge_F_all                                  ? 
_reflns_shell.Rmerge_F_obs                                  ? 
_reflns_shell.meanI_over_sigI_gt                            ? 
_reflns_shell.meanI_over_uI_all                             ? 
_reflns_shell.meanI_over_uI_gt                              ? 
_reflns_shell.number_measured_gt                            ? 
_reflns_shell.number_unique_gt                              ? 
_reflns_shell.percent_possible_gt                           ? 
_reflns_shell.Rmerge_F_gt                                   ? 
_reflns_shell.Rmerge_I_gt                                   ? 
_reflns_shell.pdbx_redundancy                               ? 
_reflns_shell.pdbx_chi_squared                              ? 
_reflns_shell.pdbx_netI_over_sigmaI_all                     ? 
_reflns_shell.pdbx_netI_over_sigmaI_obs                     ? 
_reflns_shell.pdbx_Rrim_I_all                               0.572 
_reflns_shell.pdbx_Rpim_I_all                               ? 
_reflns_shell.pdbx_rejects                                  ? 
_reflns_shell.pdbx_ordinal                                  1 
_reflns_shell.pdbx_diffrn_id                                1 
_reflns_shell.pdbx_CC_half                                  0.89 
_reflns_shell.pdbx_CC_star                                  ? 
_reflns_shell.pdbx_R_split                                  ? 
_reflns_shell.percent_possible_all                          ? 
_reflns_shell.Rmerge_I_all                                  ? 
_reflns_shell.Rmerge_I_obs                                  ? 
_reflns_shell.pdbx_Rsym_value                               ? 
_reflns_shell.pdbx_percent_possible_ellipsoidal             ? 
_reflns_shell.pdbx_percent_possible_spherical               ? 
_reflns_shell.pdbx_percent_possible_ellipsoidal_anomalous   ? 
_reflns_shell.pdbx_percent_possible_spherical_anomalous     ? 
_reflns_shell.pdbx_redundancy_anomalous                     ? 
_reflns_shell.pdbx_CC_half_anomalous                        ? 
_reflns_shell.pdbx_absDiff_over_sigma_anomalous             ? 
_reflns_shell.pdbx_percent_possible_anomalous               ? 
# 
_refine.aniso_B[1][1]                            ? 
_refine.aniso_B[1][2]                            ? 
_refine.aniso_B[1][3]                            ? 
_refine.aniso_B[2][2]                            ? 
_refine.aniso_B[2][3]                            ? 
_refine.aniso_B[3][3]                            ? 
_refine.B_iso_max                                ? 
_refine.B_iso_mean                               ? 
_refine.B_iso_min                                ? 
_refine.correlation_coeff_Fo_to_Fc               ? 
_refine.correlation_coeff_Fo_to_Fc_free          ? 
_refine.details                                  ? 
_refine.diff_density_max                         ? 
_refine.diff_density_max_esd                     ? 
_refine.diff_density_min                         ? 
_refine.diff_density_min_esd                     ? 
_refine.diff_density_rms                         ? 
_refine.diff_density_rms_esd                     ? 
_refine.entry_id                                 8I75 
_refine.pdbx_refine_id                           'X-RAY DIFFRACTION' 
_refine.ls_abs_structure_details                 ? 
_refine.ls_abs_structure_Flack                   ? 
_refine.ls_abs_structure_Flack_esd               ? 
_refine.ls_abs_structure_Rogers                  ? 
_refine.ls_abs_structure_Rogers_esd              ? 
_refine.ls_d_res_high                            1.33 
_refine.ls_d_res_low                             23.208 
_refine.ls_extinction_coef                       ? 
_refine.ls_extinction_coef_esd                   ? 
_refine.ls_extinction_expression                 ? 
_refine.ls_extinction_method                     ? 
_refine.ls_goodness_of_fit_all                   ? 
_refine.ls_goodness_of_fit_all_esd               ? 
_refine.ls_goodness_of_fit_obs                   ? 
_refine.ls_goodness_of_fit_obs_esd               ? 
_refine.ls_hydrogen_treatment                    ? 
_refine.ls_matrix_type                           ? 
_refine.ls_number_constraints                    ? 
_refine.ls_number_parameters                     ? 
_refine.ls_number_reflns_all                     ? 
_refine.ls_number_reflns_obs                     14924 
_refine.ls_number_reflns_R_free                  747 
_refine.ls_number_reflns_R_work                  ? 
_refine.ls_number_restraints                     ? 
_refine.ls_percent_reflns_obs                    98.97 
_refine.ls_percent_reflns_R_free                 5.01 
_refine.ls_R_factor_all                          ? 
_refine.ls_R_factor_obs                          0.1870 
_refine.ls_R_factor_R_free                       0.2299 
_refine.ls_R_factor_R_free_error                 ? 
_refine.ls_R_factor_R_free_error_details         ? 
_refine.ls_R_factor_R_work                       0.1847 
_refine.ls_R_Fsqd_factor_obs                     ? 
_refine.ls_R_I_factor_obs                        ? 
_refine.ls_redundancy_reflns_all                 ? 
_refine.ls_redundancy_reflns_obs                 ? 
_refine.ls_restrained_S_all                      ? 
_refine.ls_restrained_S_obs                      ? 
_refine.ls_shift_over_esd_max                    ? 
_refine.ls_shift_over_esd_mean                   ? 
_refine.ls_structure_factor_coef                 ? 
_refine.ls_weighting_details                     ? 
_refine.ls_weighting_scheme                      ? 
_refine.ls_wR_factor_all                         ? 
_refine.ls_wR_factor_obs                         ? 
_refine.ls_wR_factor_R_free                      ? 
_refine.ls_wR_factor_R_work                      ? 
_refine.occupancy_max                            ? 
_refine.occupancy_min                            ? 
_refine.solvent_model_details                    'FLAT BULK SOLVENT MODEL' 
_refine.solvent_model_param_bsol                 ? 
_refine.solvent_model_param_ksol                 ? 
_refine.pdbx_R_complete                          ? 
_refine.ls_R_factor_gt                           ? 
_refine.ls_goodness_of_fit_gt                    ? 
_refine.ls_goodness_of_fit_ref                   ? 
_refine.ls_shift_over_su_max                     ? 
_refine.ls_shift_over_su_max_lt                  ? 
_refine.ls_shift_over_su_mean                    ? 
_refine.ls_shift_over_su_mean_lt                 ? 
_refine.pdbx_ls_sigma_I                          ? 
_refine.pdbx_ls_sigma_F                          1.38 
_refine.pdbx_ls_sigma_Fsqd                       ? 
_refine.pdbx_data_cutoff_high_absF               ? 
_refine.pdbx_data_cutoff_high_rms_absF           ? 
_refine.pdbx_data_cutoff_low_absF                ? 
_refine.pdbx_isotropic_thermal_model             ? 
_refine.pdbx_ls_cross_valid_method               'FREE R-VALUE' 
_refine.pdbx_method_to_determine_struct          'MOLECULAR REPLACEMENT' 
_refine.pdbx_starting_model                      ? 
_refine.pdbx_stereochemistry_target_values       ML 
_refine.pdbx_R_Free_selection_details            ? 
_refine.pdbx_stereochem_target_val_spec_case     ? 
_refine.pdbx_overall_ESU_R                       ? 
_refine.pdbx_overall_ESU_R_Free                  ? 
_refine.pdbx_solvent_vdw_probe_radii             1.11 
_refine.pdbx_solvent_ion_probe_radii             ? 
_refine.pdbx_solvent_shrinkage_radii             0.90 
_refine.pdbx_real_space_R                        ? 
_refine.pdbx_density_correlation                 ? 
_refine.pdbx_pd_number_of_powder_patterns        ? 
_refine.pdbx_pd_number_of_points                 ? 
_refine.pdbx_pd_meas_number_of_points            ? 
_refine.pdbx_pd_proc_ls_prof_R_factor            ? 
_refine.pdbx_pd_proc_ls_prof_wR_factor           ? 
_refine.pdbx_pd_Marquardt_correlation_coeff      ? 
_refine.pdbx_pd_Fsqrd_R_factor                   ? 
_refine.pdbx_pd_ls_matrix_band_width             ? 
_refine.pdbx_overall_phase_error                 24.68 
_refine.pdbx_overall_SU_R_free_Cruickshank_DPI   ? 
_refine.pdbx_overall_SU_R_free_Blow_DPI          ? 
_refine.pdbx_overall_SU_R_Blow_DPI               ? 
_refine.pdbx_TLS_residual_ADP_flag               ? 
_refine.pdbx_diffrn_id                           1 
_refine.overall_SU_B                             ? 
_refine.overall_SU_ML                            0.12 
_refine.overall_SU_R_Cruickshank_DPI             ? 
_refine.overall_SU_R_free                        ? 
_refine.overall_FOM_free_R_set                   ? 
_refine.overall_FOM_work_R_set                   ? 
_refine.pdbx_average_fsc_overall                 ? 
_refine.pdbx_average_fsc_work                    ? 
_refine.pdbx_average_fsc_free                    ? 
# 
_refine_hist.pdbx_refine_id                   'X-RAY DIFFRACTION' 
_refine_hist.cycle_id                         LAST 
_refine_hist.pdbx_number_atoms_protein        518 
_refine_hist.pdbx_number_atoms_nucleic_acid   0 
_refine_hist.pdbx_number_atoms_ligand         0 
_refine_hist.number_atoms_solvent             59 
_refine_hist.number_atoms_total               577 
_refine_hist.d_res_high                       1.33 
_refine_hist.d_res_low                        23.208 
# 
loop_
_refine_ls_restr.pdbx_refine_id 
_refine_ls_restr.criterion 
_refine_ls_restr.dev_ideal 
_refine_ls_restr.dev_ideal_target 
_refine_ls_restr.number 
_refine_ls_restr.rejects 
_refine_ls_restr.type 
_refine_ls_restr.weight 
_refine_ls_restr.pdbx_restraint_function 
'X-RAY DIFFRACTION' ? 0.007  ? 532 ? f_bond_d           ? ? 
'X-RAY DIFFRACTION' ? 0.777  ? 716 ? f_angle_d          ? ? 
'X-RAY DIFFRACTION' ? 28.308 ? 210 ? f_dihedral_angle_d ? ? 
'X-RAY DIFFRACTION' ? 0.068  ? 66  ? f_chiral_restr     ? ? 
'X-RAY DIFFRACTION' ? 0.004  ? 100 ? f_plane_restr      ? ? 
# 
loop_
_refine_ls_shell.pdbx_refine_id 
_refine_ls_shell.d_res_high 
_refine_ls_shell.d_res_low 
_refine_ls_shell.number_reflns_all 
_refine_ls_shell.number_reflns_obs 
_refine_ls_shell.number_reflns_R_free 
_refine_ls_shell.number_reflns_R_work 
_refine_ls_shell.percent_reflns_obs 
_refine_ls_shell.percent_reflns_R_free 
_refine_ls_shell.R_factor_all 
_refine_ls_shell.R_factor_obs 
_refine_ls_shell.R_factor_R_free_error 
_refine_ls_shell.R_factor_R_work 
_refine_ls_shell.redundancy_reflns_all 
_refine_ls_shell.redundancy_reflns_obs 
_refine_ls_shell.wR_factor_all 
_refine_ls_shell.wR_factor_obs 
_refine_ls_shell.wR_factor_R_free 
_refine_ls_shell.wR_factor_R_work 
_refine_ls_shell.pdbx_R_complete 
_refine_ls_shell.pdbx_total_number_of_bins_used 
_refine_ls_shell.pdbx_phase_error 
_refine_ls_shell.pdbx_fsc_work 
_refine_ls_shell.pdbx_fsc_free 
_refine_ls_shell.R_factor_R_free 
'X-RAY DIFFRACTION' 1.33   1.4308 . . 147 2781 98.00  . . . . 0.1799 . . . . . . . . . . . 0.2254 
'X-RAY DIFFRACTION' 1.4308 1.5748 . . 149 2846 100.00 . . . . 0.1565 . . . . . . . . . . . 0.2050 
'X-RAY DIFFRACTION' 1.5748 1.8026 . . 151 2855 100.00 . . . . 0.1548 . . . . . . . . . . . 0.1941 
'X-RAY DIFFRACTION' 1.8026 2.2707 . . 150 2848 100.00 . . . . 0.1939 . . . . . . . . . . . 0.2043 
'X-RAY DIFFRACTION' 2.2707 23.208 . . 150 2847 97.00  . . . . 0.1918 . . . . . . . . . . . 0.2533 
# 
_struct.entry_id                     8I75 
_struct.title                        'Crystal structure of decarboxylated osteocalcin at pH 2.0' 
_struct.pdbx_model_details           ? 
_struct.pdbx_formula_weight          ? 
_struct.pdbx_formula_weight_method   ? 
_struct.pdbx_model_type_details      ? 
_struct.pdbx_CASP_flag               N 
# 
_struct_keywords.entry_id        8I75 
_struct_keywords.text            'Ca-binding protein, STRUCTURAL PROTEIN' 
_struct_keywords.pdbx_keywords   'STRUCTURAL PROTEIN' 
# 
loop_
_struct_asym.id 
_struct_asym.pdbx_blank_PDB_chainid_flag 
_struct_asym.pdbx_modified 
_struct_asym.entity_id 
_struct_asym.details 
A N N 1 ? 
B N N 1 ? 
C N N 2 ? 
D N N 2 ? 
# 
_struct_ref.id                         1 
_struct_ref.db_name                    UNP 
_struct_ref.db_code                    OSTCN_BOVIN 
_struct_ref.pdbx_db_accession          P02820 
_struct_ref.pdbx_db_isoform            ? 
_struct_ref.entity_id                  1 
_struct_ref.pdbx_seq_one_letter_code   EPKREVCELNPDCDELADHIGFQEAYRRFYGPV 
_struct_ref.pdbx_align_begin           68 
# 
loop_
_struct_ref_seq.align_id 
_struct_ref_seq.ref_id 
_struct_ref_seq.pdbx_PDB_id_code 
_struct_ref_seq.pdbx_strand_id 
_struct_ref_seq.seq_align_beg 
_struct_ref_seq.pdbx_seq_align_beg_ins_code 
_struct_ref_seq.seq_align_end 
_struct_ref_seq.pdbx_seq_align_end_ins_code 
_struct_ref_seq.pdbx_db_accession 
_struct_ref_seq.db_align_beg 
_struct_ref_seq.pdbx_db_align_beg_ins_code 
_struct_ref_seq.db_align_end 
_struct_ref_seq.pdbx_db_align_end_ins_code 
_struct_ref_seq.pdbx_auth_seq_align_beg 
_struct_ref_seq.pdbx_auth_seq_align_end 
1 1 8I75 A 6 ? 38 ? P02820 68 ? 100 ? 17 49 
2 1 8I75 B 6 ? 38 ? P02820 68 ? 100 ? 17 49 
# 
loop_
_struct_ref_seq_dif.align_id 
_struct_ref_seq_dif.pdbx_pdb_id_code 
_struct_ref_seq_dif.mon_id 
_struct_ref_seq_dif.pdbx_pdb_strand_id 
_struct_ref_seq_dif.seq_num 
_struct_ref_seq_dif.pdbx_pdb_ins_code 
_struct_ref_seq_dif.pdbx_seq_db_name 
_struct_ref_seq_dif.pdbx_seq_db_accession_code 
_struct_ref_seq_dif.db_mon_id 
_struct_ref_seq_dif.pdbx_seq_db_seq_num 
_struct_ref_seq_dif.details 
_struct_ref_seq_dif.pdbx_auth_seq_num 
_struct_ref_seq_dif.pdbx_ordinal 
1 8I75 GLY A 1 ? UNP P02820 ? ? 'expression tag' 12 1  
1 8I75 SER A 2 ? UNP P02820 ? ? 'expression tag' 13 2  
1 8I75 GLY A 3 ? UNP P02820 ? ? 'expression tag' 14 3  
1 8I75 SER A 4 ? UNP P02820 ? ? 'expression tag' 15 4  
1 8I75 GLY A 5 ? UNP P02820 ? ? 'expression tag' 16 5  
2 8I75 GLY B 1 ? UNP P02820 ? ? 'expression tag' 12 6  
2 8I75 SER B 2 ? UNP P02820 ? ? 'expression tag' 13 7  
2 8I75 GLY B 3 ? UNP P02820 ? ? 'expression tag' 14 8  
2 8I75 SER B 4 ? UNP P02820 ? ? 'expression tag' 15 9  
2 8I75 GLY B 5 ? UNP P02820 ? ? 'expression tag' 16 10 
# 
loop_
_pdbx_struct_assembly.id 
_pdbx_struct_assembly.details 
_pdbx_struct_assembly.method_details 
_pdbx_struct_assembly.oligomeric_details 
_pdbx_struct_assembly.oligomeric_count 
1 author_defined_assembly ? monomeric 1 
2 author_defined_assembly ? monomeric 1 
# 
loop_
_pdbx_struct_assembly_gen.assembly_id 
_pdbx_struct_assembly_gen.oper_expression 
_pdbx_struct_assembly_gen.asym_id_list 
1 1 A,C 
2 1 B,D 
# 
_pdbx_struct_assembly_auth_evidence.id                     1 
_pdbx_struct_assembly_auth_evidence.assembly_id            1 
_pdbx_struct_assembly_auth_evidence.experimental_support   none 
_pdbx_struct_assembly_auth_evidence.details                ? 
# 
_pdbx_struct_oper_list.id                   1 
_pdbx_struct_oper_list.type                 'identity operation' 
_pdbx_struct_oper_list.name                 1_555 
_pdbx_struct_oper_list.symmetry_operation   x,y,z 
_pdbx_struct_oper_list.matrix[1][1]         1.0000000000 
_pdbx_struct_oper_list.matrix[1][2]         0.0000000000 
_pdbx_struct_oper_list.matrix[1][3]         0.0000000000 
_pdbx_struct_oper_list.vector[1]            0.0000000000 
_pdbx_struct_oper_list.matrix[2][1]         0.0000000000 
_pdbx_struct_oper_list.matrix[2][2]         1.0000000000 
_pdbx_struct_oper_list.matrix[2][3]         0.0000000000 
_pdbx_struct_oper_list.vector[2]            0.0000000000 
_pdbx_struct_oper_list.matrix[3][1]         0.0000000000 
_pdbx_struct_oper_list.matrix[3][2]         0.0000000000 
_pdbx_struct_oper_list.matrix[3][3]         1.0000000000 
_pdbx_struct_oper_list.vector[3]            0.0000000000 
# 
loop_
_struct_conf.conf_type_id 
_struct_conf.id 
_struct_conf.pdbx_PDB_helix_id 
_struct_conf.beg_label_comp_id 
_struct_conf.beg_label_asym_id 
_struct_conf.beg_label_seq_id 
_struct_conf.pdbx_beg_PDB_ins_code 
_struct_conf.end_label_comp_id 
_struct_conf.end_label_asym_id 
_struct_conf.end_label_seq_id 
_struct_conf.pdbx_end_PDB_ins_code 
_struct_conf.beg_auth_comp_id 
_struct_conf.beg_auth_asym_id 
_struct_conf.beg_auth_seq_id 
_struct_conf.end_auth_comp_id 
_struct_conf.end_auth_asym_id 
_struct_conf.end_auth_seq_id 
_struct_conf.pdbx_PDB_helix_class 
_struct_conf.details 
_struct_conf.pdbx_PDB_helix_length 
HELX_P HELX_P1 AA1 GLU A 6  ? LEU A 14 ? GLU A 17 LEU A 25 1 ? 9  
HELX_P HELX_P2 AA2 ASN A 15 ? GLY A 26 ? ASN A 26 GLY A 37 1 ? 12 
HELX_P HELX_P3 AA3 GLY A 26 ? GLY A 36 ? GLY A 37 GLY A 47 1 ? 11 
HELX_P HELX_P4 AA4 PRO B 7  ? ASN B 15 ? PRO B 18 ASN B 26 1 ? 9  
HELX_P HELX_P5 AA5 ASN B 15 ? GLY B 26 ? ASN B 26 GLY B 37 1 ? 12 
HELX_P HELX_P6 AA6 GLY B 26 ? TYR B 35 ? GLY B 37 TYR B 46 1 ? 10 
# 
_struct_conf_type.id          HELX_P 
_struct_conf_type.criteria    ? 
_struct_conf_type.reference   ? 
# 
loop_
_struct_conn.id 
_struct_conn.conn_type_id 
_struct_conn.pdbx_leaving_atom_flag 
_struct_conn.pdbx_PDB_id 
_struct_conn.ptnr1_label_asym_id 
_struct_conn.ptnr1_label_comp_id 
_struct_conn.ptnr1_label_seq_id 
_struct_conn.ptnr1_label_atom_id 
_struct_conn.pdbx_ptnr1_label_alt_id 
_struct_conn.pdbx_ptnr1_PDB_ins_code 
_struct_conn.pdbx_ptnr1_standard_comp_id 
_struct_conn.ptnr1_symmetry 
_struct_conn.ptnr2_label_asym_id 
_struct_conn.ptnr2_label_comp_id 
_struct_conn.ptnr2_label_seq_id 
_struct_conn.ptnr2_label_atom_id 
_struct_conn.pdbx_ptnr2_label_alt_id 
_struct_conn.pdbx_ptnr2_PDB_ins_code 
_struct_conn.ptnr1_auth_asym_id 
_struct_conn.ptnr1_auth_comp_id 
_struct_conn.ptnr1_auth_seq_id 
_struct_conn.ptnr2_auth_asym_id 
_struct_conn.ptnr2_auth_comp_id 
_struct_conn.ptnr2_auth_seq_id 
_struct_conn.ptnr2_symmetry 
_struct_conn.pdbx_ptnr3_label_atom_id 
_struct_conn.pdbx_ptnr3_label_seq_id 
_struct_conn.pdbx_ptnr3_label_comp_id 
_struct_conn.pdbx_ptnr3_label_asym_id 
_struct_conn.pdbx_ptnr3_label_alt_id 
_struct_conn.pdbx_ptnr3_PDB_ins_code 
_struct_conn.details 
_struct_conn.pdbx_dist_value 
_struct_conn.pdbx_value_order 
_struct_conn.pdbx_role 
disulf1 disulf ? ? A CYS 12 SG ? ? ? 1_555 A CYS 18 SG ? ? A CYS 23 A CYS 29 1_555 ? ? ? ? ? ? ? 2.020 ? ? 
disulf2 disulf ? ? B CYS 12 SG ? ? ? 1_555 B CYS 18 SG ? ? B CYS 23 B CYS 29 1_555 ? ? ? ? ? ? ? 2.015 ? ? 
# 
_struct_conn_type.id          disulf 
_struct_conn_type.criteria    ? 
_struct_conn_type.reference   ? 
# 
loop_
_pdbx_modification_feature.ordinal 
_pdbx_modification_feature.label_comp_id 
_pdbx_modification_feature.label_asym_id 
_pdbx_modification_feature.label_seq_id 
_pdbx_modification_feature.label_alt_id 
_pdbx_modification_feature.modified_residue_label_comp_id 
_pdbx_modification_feature.modified_residue_label_asym_id 
_pdbx_modification_feature.modified_residue_label_seq_id 
_pdbx_modification_feature.modified_residue_label_alt_id 
_pdbx_modification_feature.auth_comp_id 
_pdbx_modification_feature.auth_asym_id 
_pdbx_modification_feature.auth_seq_id 
_pdbx_modification_feature.PDB_ins_code 
_pdbx_modification_feature.symmetry 
_pdbx_modification_feature.modified_residue_auth_comp_id 
_pdbx_modification_feature.modified_residue_auth_asym_id 
_pdbx_modification_feature.modified_residue_auth_seq_id 
_pdbx_modification_feature.modified_residue_PDB_ins_code 
_pdbx_modification_feature.modified_residue_symmetry 
_pdbx_modification_feature.comp_id_linking_atom 
_pdbx_modification_feature.modified_residue_id_linking_atom 
_pdbx_modification_feature.modified_residue_id 
_pdbx_modification_feature.ref_pcm_id 
_pdbx_modification_feature.ref_comp_id 
_pdbx_modification_feature.type 
_pdbx_modification_feature.category 
1 CYS A 12 ? CYS A 18 ? CYS A 23 ? 1_555 CYS A 29 ? 1_555 SG SG . . . None 'Disulfide bridge' 
2 CYS B 12 ? CYS B 18 ? CYS B 23 ? 1_555 CYS B 29 ? 1_555 SG SG . . . None 'Disulfide bridge' 
# 
_pdbx_entry_details.entry_id                   8I75 
_pdbx_entry_details.compound_details           ? 
_pdbx_entry_details.source_details             ? 
_pdbx_entry_details.nonpolymer_details         ? 
_pdbx_entry_details.sequence_details           ? 
_pdbx_entry_details.has_ligand_of_interest     ? 
_pdbx_entry_details.has_protein_modification   Y 
# 
loop_
_pdbx_unobs_or_zero_occ_residues.id 
_pdbx_unobs_or_zero_occ_residues.PDB_model_num 
_pdbx_unobs_or_zero_occ_residues.polymer_flag 
_pdbx_unobs_or_zero_occ_residues.occupancy_flag 
_pdbx_unobs_or_zero_occ_residues.auth_asym_id 
_pdbx_unobs_or_zero_occ_residues.auth_comp_id 
_pdbx_unobs_or_zero_occ_residues.auth_seq_id 
_pdbx_unobs_or_zero_occ_residues.PDB_ins_code 
_pdbx_unobs_or_zero_occ_residues.label_asym_id 
_pdbx_unobs_or_zero_occ_residues.label_comp_id 
_pdbx_unobs_or_zero_occ_residues.label_seq_id 
1  1 Y 1 A GLY 12 ? A GLY 1  
2  1 Y 1 A SER 13 ? A SER 2  
3  1 Y 1 A GLY 14 ? A GLY 3  
4  1 Y 1 A SER 15 ? A SER 4  
5  1 Y 1 A GLY 16 ? A GLY 5  
6  1 Y 1 A PRO 48 ? A PRO 37 
7  1 Y 1 A VAL 49 ? A VAL 38 
8  1 Y 1 B GLY 12 ? B GLY 1  
9  1 Y 1 B SER 13 ? B SER 2  
10 1 Y 1 B GLY 14 ? B GLY 3  
11 1 Y 1 B SER 15 ? B SER 4  
12 1 Y 1 B GLY 16 ? B GLY 5  
13 1 Y 1 B PRO 48 ? B PRO 37 
14 1 Y 1 B VAL 49 ? B VAL 38 
# 
loop_
_chem_comp_atom.comp_id 
_chem_comp_atom.atom_id 
_chem_comp_atom.type_symbol 
_chem_comp_atom.pdbx_aromatic_flag 
_chem_comp_atom.pdbx_stereo_config 
_chem_comp_atom.pdbx_ordinal 
ALA N    N N N 1   
ALA CA   C N S 2   
ALA C    C N N 3   
ALA O    O N N 4   
ALA CB   C N N 5   
ALA OXT  O N N 6   
ALA H    H N N 7   
ALA H2   H N N 8   
ALA HA   H N N 9   
ALA HB1  H N N 10  
ALA HB2  H N N 11  
ALA HB3  H N N 12  
ALA HXT  H N N 13  
ARG N    N N N 14  
ARG CA   C N S 15  
ARG C    C N N 16  
ARG O    O N N 17  
ARG CB   C N N 18  
ARG CG   C N N 19  
ARG CD   C N N 20  
ARG NE   N N N 21  
ARG CZ   C N N 22  
ARG NH1  N N N 23  
ARG NH2  N N N 24  
ARG OXT  O N N 25  
ARG H    H N N 26  
ARG H2   H N N 27  
ARG HA   H N N 28  
ARG HB2  H N N 29  
ARG HB3  H N N 30  
ARG HG2  H N N 31  
ARG HG3  H N N 32  
ARG HD2  H N N 33  
ARG HD3  H N N 34  
ARG HE   H N N 35  
ARG HH11 H N N 36  
ARG HH12 H N N 37  
ARG HH21 H N N 38  
ARG HH22 H N N 39  
ARG HXT  H N N 40  
ASN N    N N N 41  
ASN CA   C N S 42  
ASN C    C N N 43  
ASN O    O N N 44  
ASN CB   C N N 45  
ASN CG   C N N 46  
ASN OD1  O N N 47  
ASN ND2  N N N 48  
ASN OXT  O N N 49  
ASN H    H N N 50  
ASN H2   H N N 51  
ASN HA   H N N 52  
ASN HB2  H N N 53  
ASN HB3  H N N 54  
ASN HD21 H N N 55  
ASN HD22 H N N 56  
ASN HXT  H N N 57  
ASP N    N N N 58  
ASP CA   C N S 59  
ASP C    C N N 60  
ASP O    O N N 61  
ASP CB   C N N 62  
ASP CG   C N N 63  
ASP OD1  O N N 64  
ASP OD2  O N N 65  
ASP OXT  O N N 66  
ASP H    H N N 67  
ASP H2   H N N 68  
ASP HA   H N N 69  
ASP HB2  H N N 70  
ASP HB3  H N N 71  
ASP HD2  H N N 72  
ASP HXT  H N N 73  
CYS N    N N N 74  
CYS CA   C N R 75  
CYS C    C N N 76  
CYS O    O N N 77  
CYS CB   C N N 78  
CYS SG   S N N 79  
CYS OXT  O N N 80  
CYS H    H N N 81  
CYS H2   H N N 82  
CYS HA   H N N 83  
CYS HB2  H N N 84  
CYS HB3  H N N 85  
CYS HG   H N N 86  
CYS HXT  H N N 87  
GLN N    N N N 88  
GLN CA   C N S 89  
GLN C    C N N 90  
GLN O    O N N 91  
GLN CB   C N N 92  
GLN CG   C N N 93  
GLN CD   C N N 94  
GLN OE1  O N N 95  
GLN NE2  N N N 96  
GLN OXT  O N N 97  
GLN H    H N N 98  
GLN H2   H N N 99  
GLN HA   H N N 100 
GLN HB2  H N N 101 
GLN HB3  H N N 102 
GLN HG2  H N N 103 
GLN HG3  H N N 104 
GLN HE21 H N N 105 
GLN HE22 H N N 106 
GLN HXT  H N N 107 
GLU N    N N N 108 
GLU CA   C N S 109 
GLU C    C N N 110 
GLU O    O N N 111 
GLU CB   C N N 112 
GLU CG   C N N 113 
GLU CD   C N N 114 
GLU OE1  O N N 115 
GLU OE2  O N N 116 
GLU OXT  O N N 117 
GLU H    H N N 118 
GLU H2   H N N 119 
GLU HA   H N N 120 
GLU HB2  H N N 121 
GLU HB3  H N N 122 
GLU HG2  H N N 123 
GLU HG3  H N N 124 
GLU HE2  H N N 125 
GLU HXT  H N N 126 
GLY N    N N N 127 
GLY CA   C N N 128 
GLY C    C N N 129 
GLY O    O N N 130 
GLY OXT  O N N 131 
GLY H    H N N 132 
GLY H2   H N N 133 
GLY HA2  H N N 134 
GLY HA3  H N N 135 
GLY HXT  H N N 136 
HIS N    N N N 137 
HIS CA   C N S 138 
HIS C    C N N 139 
HIS O    O N N 140 
HIS CB   C N N 141 
HIS CG   C Y N 142 
HIS ND1  N Y N 143 
HIS CD2  C Y N 144 
HIS CE1  C Y N 145 
HIS NE2  N Y N 146 
HIS OXT  O N N 147 
HIS H    H N N 148 
HIS H2   H N N 149 
HIS HA   H N N 150 
HIS HB2  H N N 151 
HIS HB3  H N N 152 
HIS HD1  H N N 153 
HIS HD2  H N N 154 
HIS HE1  H N N 155 
HIS HE2  H N N 156 
HIS HXT  H N N 157 
HOH O    O N N 158 
HOH H1   H N N 159 
HOH H2   H N N 160 
ILE N    N N N 161 
ILE CA   C N S 162 
ILE C    C N N 163 
ILE O    O N N 164 
ILE CB   C N S 165 
ILE CG1  C N N 166 
ILE CG2  C N N 167 
ILE CD1  C N N 168 
ILE OXT  O N N 169 
ILE H    H N N 170 
ILE H2   H N N 171 
ILE HA   H N N 172 
ILE HB   H N N 173 
ILE HG12 H N N 174 
ILE HG13 H N N 175 
ILE HG21 H N N 176 
ILE HG22 H N N 177 
ILE HG23 H N N 178 
ILE HD11 H N N 179 
ILE HD12 H N N 180 
ILE HD13 H N N 181 
ILE HXT  H N N 182 
LEU N    N N N 183 
LEU CA   C N S 184 
LEU C    C N N 185 
LEU O    O N N 186 
LEU CB   C N N 187 
LEU CG   C N N 188 
LEU CD1  C N N 189 
LEU CD2  C N N 190 
LEU OXT  O N N 191 
LEU H    H N N 192 
LEU H2   H N N 193 
LEU HA   H N N 194 
LEU HB2  H N N 195 
LEU HB3  H N N 196 
LEU HG   H N N 197 
LEU HD11 H N N 198 
LEU HD12 H N N 199 
LEU HD13 H N N 200 
LEU HD21 H N N 201 
LEU HD22 H N N 202 
LEU HD23 H N N 203 
LEU HXT  H N N 204 
LYS N    N N N 205 
LYS CA   C N S 206 
LYS C    C N N 207 
LYS O    O N N 208 
LYS CB   C N N 209 
LYS CG   C N N 210 
LYS CD   C N N 211 
LYS CE   C N N 212 
LYS NZ   N N N 213 
LYS OXT  O N N 214 
LYS H    H N N 215 
LYS H2   H N N 216 
LYS HA   H N N 217 
LYS HB2  H N N 218 
LYS HB3  H N N 219 
LYS HG2  H N N 220 
LYS HG3  H N N 221 
LYS HD2  H N N 222 
LYS HD3  H N N 223 
LYS HE2  H N N 224 
LYS HE3  H N N 225 
LYS HZ1  H N N 226 
LYS HZ2  H N N 227 
LYS HZ3  H N N 228 
LYS HXT  H N N 229 
PHE N    N N N 230 
PHE CA   C N S 231 
PHE C    C N N 232 
PHE O    O N N 233 
PHE CB   C N N 234 
PHE CG   C Y N 235 
PHE CD1  C Y N 236 
PHE CD2  C Y N 237 
PHE CE1  C Y N 238 
PHE CE2  C Y N 239 
PHE CZ   C Y N 240 
PHE OXT  O N N 241 
PHE H    H N N 242 
PHE H2   H N N 243 
PHE HA   H N N 244 
PHE HB2  H N N 245 
PHE HB3  H N N 246 
PHE HD1  H N N 247 
PHE HD2  H N N 248 
PHE HE1  H N N 249 
PHE HE2  H N N 250 
PHE HZ   H N N 251 
PHE HXT  H N N 252 
PRO N    N N N 253 
PRO CA   C N S 254 
PRO C    C N N 255 
PRO O    O N N 256 
PRO CB   C N N 257 
PRO CG   C N N 258 
PRO CD   C N N 259 
PRO OXT  O N N 260 
PRO H    H N N 261 
PRO HA   H N N 262 
PRO HB2  H N N 263 
PRO HB3  H N N 264 
PRO HG2  H N N 265 
PRO HG3  H N N 266 
PRO HD2  H N N 267 
PRO HD3  H N N 268 
PRO HXT  H N N 269 
SER N    N N N 270 
SER CA   C N S 271 
SER C    C N N 272 
SER O    O N N 273 
SER CB   C N N 274 
SER OG   O N N 275 
SER OXT  O N N 276 
SER H    H N N 277 
SER H2   H N N 278 
SER HA   H N N 279 
SER HB2  H N N 280 
SER HB3  H N N 281 
SER HG   H N N 282 
SER HXT  H N N 283 
TYR N    N N N 284 
TYR CA   C N S 285 
TYR C    C N N 286 
TYR O    O N N 287 
TYR CB   C N N 288 
TYR CG   C Y N 289 
TYR CD1  C Y N 290 
TYR CD2  C Y N 291 
TYR CE1  C Y N 292 
TYR CE2  C Y N 293 
TYR CZ   C Y N 294 
TYR OH   O N N 295 
TYR OXT  O N N 296 
TYR H    H N N 297 
TYR H2   H N N 298 
TYR HA   H N N 299 
TYR HB2  H N N 300 
TYR HB3  H N N 301 
TYR HD1  H N N 302 
TYR HD2  H N N 303 
TYR HE1  H N N 304 
TYR HE2  H N N 305 
TYR HH   H N N 306 
TYR HXT  H N N 307 
VAL N    N N N 308 
VAL CA   C N S 309 
VAL C    C N N 310 
VAL O    O N N 311 
VAL CB   C N N 312 
VAL CG1  C N N 313 
VAL CG2  C N N 314 
VAL OXT  O N N 315 
VAL H    H N N 316 
VAL H2   H N N 317 
VAL HA   H N N 318 
VAL HB   H N N 319 
VAL HG11 H N N 320 
VAL HG12 H N N 321 
VAL HG13 H N N 322 
VAL HG21 H N N 323 
VAL HG22 H N N 324 
VAL HG23 H N N 325 
VAL HXT  H N N 326 
# 
loop_
_chem_comp_bond.comp_id 
_chem_comp_bond.atom_id_1 
_chem_comp_bond.atom_id_2 
_chem_comp_bond.value_order 
_chem_comp_bond.pdbx_aromatic_flag 
_chem_comp_bond.pdbx_stereo_config 
_chem_comp_bond.pdbx_ordinal 
ALA N   CA   sing N N 1   
ALA N   H    sing N N 2   
ALA N   H2   sing N N 3   
ALA CA  C    sing N N 4   
ALA CA  CB   sing N N 5   
ALA CA  HA   sing N N 6   
ALA C   O    doub N N 7   
ALA C   OXT  sing N N 8   
ALA CB  HB1  sing N N 9   
ALA CB  HB2  sing N N 10  
ALA CB  HB3  sing N N 11  
ALA OXT HXT  sing N N 12  
ARG N   CA   sing N N 13  
ARG N   H    sing N N 14  
ARG N   H2   sing N N 15  
ARG CA  C    sing N N 16  
ARG CA  CB   sing N N 17  
ARG CA  HA   sing N N 18  
ARG C   O    doub N N 19  
ARG C   OXT  sing N N 20  
ARG CB  CG   sing N N 21  
ARG CB  HB2  sing N N 22  
ARG CB  HB3  sing N N 23  
ARG CG  CD   sing N N 24  
ARG CG  HG2  sing N N 25  
ARG CG  HG3  sing N N 26  
ARG CD  NE   sing N N 27  
ARG CD  HD2  sing N N 28  
ARG CD  HD3  sing N N 29  
ARG NE  CZ   sing N N 30  
ARG NE  HE   sing N N 31  
ARG CZ  NH1  sing N N 32  
ARG CZ  NH2  doub N N 33  
ARG NH1 HH11 sing N N 34  
ARG NH1 HH12 sing N N 35  
ARG NH2 HH21 sing N N 36  
ARG NH2 HH22 sing N N 37  
ARG OXT HXT  sing N N 38  
ASN N   CA   sing N N 39  
ASN N   H    sing N N 40  
ASN N   H2   sing N N 41  
ASN CA  C    sing N N 42  
ASN CA  CB   sing N N 43  
ASN CA  HA   sing N N 44  
ASN C   O    doub N N 45  
ASN C   OXT  sing N N 46  
ASN CB  CG   sing N N 47  
ASN CB  HB2  sing N N 48  
ASN CB  HB3  sing N N 49  
ASN CG  OD1  doub N N 50  
ASN CG  ND2  sing N N 51  
ASN ND2 HD21 sing N N 52  
ASN ND2 HD22 sing N N 53  
ASN OXT HXT  sing N N 54  
ASP N   CA   sing N N 55  
ASP N   H    sing N N 56  
ASP N   H2   sing N N 57  
ASP CA  C    sing N N 58  
ASP CA  CB   sing N N 59  
ASP CA  HA   sing N N 60  
ASP C   O    doub N N 61  
ASP C   OXT  sing N N 62  
ASP CB  CG   sing N N 63  
ASP CB  HB2  sing N N 64  
ASP CB  HB3  sing N N 65  
ASP CG  OD1  doub N N 66  
ASP CG  OD2  sing N N 67  
ASP OD2 HD2  sing N N 68  
ASP OXT HXT  sing N N 69  
CYS N   CA   sing N N 70  
CYS N   H    sing N N 71  
CYS N   H2   sing N N 72  
CYS CA  C    sing N N 73  
CYS CA  CB   sing N N 74  
CYS CA  HA   sing N N 75  
CYS C   O    doub N N 76  
CYS C   OXT  sing N N 77  
CYS CB  SG   sing N N 78  
CYS CB  HB2  sing N N 79  
CYS CB  HB3  sing N N 80  
CYS SG  HG   sing N N 81  
CYS OXT HXT  sing N N 82  
GLN N   CA   sing N N 83  
GLN N   H    sing N N 84  
GLN N   H2   sing N N 85  
GLN CA  C    sing N N 86  
GLN CA  CB   sing N N 87  
GLN CA  HA   sing N N 88  
GLN C   O    doub N N 89  
GLN C   OXT  sing N N 90  
GLN CB  CG   sing N N 91  
GLN CB  HB2  sing N N 92  
GLN CB  HB3  sing N N 93  
GLN CG  CD   sing N N 94  
GLN CG  HG2  sing N N 95  
GLN CG  HG3  sing N N 96  
GLN CD  OE1  doub N N 97  
GLN CD  NE2  sing N N 98  
GLN NE2 HE21 sing N N 99  
GLN NE2 HE22 sing N N 100 
GLN OXT HXT  sing N N 101 
GLU N   CA   sing N N 102 
GLU N   H    sing N N 103 
GLU N   H2   sing N N 104 
GLU CA  C    sing N N 105 
GLU CA  CB   sing N N 106 
GLU CA  HA   sing N N 107 
GLU C   O    doub N N 108 
GLU C   OXT  sing N N 109 
GLU CB  CG   sing N N 110 
GLU CB  HB2  sing N N 111 
GLU CB  HB3  sing N N 112 
GLU CG  CD   sing N N 113 
GLU CG  HG2  sing N N 114 
GLU CG  HG3  sing N N 115 
GLU CD  OE1  doub N N 116 
GLU CD  OE2  sing N N 117 
GLU OE2 HE2  sing N N 118 
GLU OXT HXT  sing N N 119 
GLY N   CA   sing N N 120 
GLY N   H    sing N N 121 
GLY N   H2   sing N N 122 
GLY CA  C    sing N N 123 
GLY CA  HA2  sing N N 124 
GLY CA  HA3  sing N N 125 
GLY C   O    doub N N 126 
GLY C   OXT  sing N N 127 
GLY OXT HXT  sing N N 128 
HIS N   CA   sing N N 129 
HIS N   H    sing N N 130 
HIS N   H2   sing N N 131 
HIS CA  C    sing N N 132 
HIS CA  CB   sing N N 133 
HIS CA  HA   sing N N 134 
HIS C   O    doub N N 135 
HIS C   OXT  sing N N 136 
HIS CB  CG   sing N N 137 
HIS CB  HB2  sing N N 138 
HIS CB  HB3  sing N N 139 
HIS CG  ND1  sing Y N 140 
HIS CG  CD2  doub Y N 141 
HIS ND1 CE1  doub Y N 142 
HIS ND1 HD1  sing N N 143 
HIS CD2 NE2  sing Y N 144 
HIS CD2 HD2  sing N N 145 
HIS CE1 NE2  sing Y N 146 
HIS CE1 HE1  sing N N 147 
HIS NE2 HE2  sing N N 148 
HIS OXT HXT  sing N N 149 
HOH O   H1   sing N N 150 
HOH O   H2   sing N N 151 
ILE N   CA   sing N N 152 
ILE N   H    sing N N 153 
ILE N   H2   sing N N 154 
ILE CA  C    sing N N 155 
ILE CA  CB   sing N N 156 
ILE CA  HA   sing N N 157 
ILE C   O    doub N N 158 
ILE C   OXT  sing N N 159 
ILE CB  CG1  sing N N 160 
ILE CB  CG2  sing N N 161 
ILE CB  HB   sing N N 162 
ILE CG1 CD1  sing N N 163 
ILE CG1 HG12 sing N N 164 
ILE CG1 HG13 sing N N 165 
ILE CG2 HG21 sing N N 166 
ILE CG2 HG22 sing N N 167 
ILE CG2 HG23 sing N N 168 
ILE CD1 HD11 sing N N 169 
ILE CD1 HD12 sing N N 170 
ILE CD1 HD13 sing N N 171 
ILE OXT HXT  sing N N 172 
LEU N   CA   sing N N 173 
LEU N   H    sing N N 174 
LEU N   H2   sing N N 175 
LEU CA  C    sing N N 176 
LEU CA  CB   sing N N 177 
LEU CA  HA   sing N N 178 
LEU C   O    doub N N 179 
LEU C   OXT  sing N N 180 
LEU CB  CG   sing N N 181 
LEU CB  HB2  sing N N 182 
LEU CB  HB3  sing N N 183 
LEU CG  CD1  sing N N 184 
LEU CG  CD2  sing N N 185 
LEU CG  HG   sing N N 186 
LEU CD1 HD11 sing N N 187 
LEU CD1 HD12 sing N N 188 
LEU CD1 HD13 sing N N 189 
LEU CD2 HD21 sing N N 190 
LEU CD2 HD22 sing N N 191 
LEU CD2 HD23 sing N N 192 
LEU OXT HXT  sing N N 193 
LYS N   CA   sing N N 194 
LYS N   H    sing N N 195 
LYS N   H2   sing N N 196 
LYS CA  C    sing N N 197 
LYS CA  CB   sing N N 198 
LYS CA  HA   sing N N 199 
LYS C   O    doub N N 200 
LYS C   OXT  sing N N 201 
LYS CB  CG   sing N N 202 
LYS CB  HB2  sing N N 203 
LYS CB  HB3  sing N N 204 
LYS CG  CD   sing N N 205 
LYS CG  HG2  sing N N 206 
LYS CG  HG3  sing N N 207 
LYS CD  CE   sing N N 208 
LYS CD  HD2  sing N N 209 
LYS CD  HD3  sing N N 210 
LYS CE  NZ   sing N N 211 
LYS CE  HE2  sing N N 212 
LYS CE  HE3  sing N N 213 
LYS NZ  HZ1  sing N N 214 
LYS NZ  HZ2  sing N N 215 
LYS NZ  HZ3  sing N N 216 
LYS OXT HXT  sing N N 217 
PHE N   CA   sing N N 218 
PHE N   H    sing N N 219 
PHE N   H2   sing N N 220 
PHE CA  C    sing N N 221 
PHE CA  CB   sing N N 222 
PHE CA  HA   sing N N 223 
PHE C   O    doub N N 224 
PHE C   OXT  sing N N 225 
PHE CB  CG   sing N N 226 
PHE CB  HB2  sing N N 227 
PHE CB  HB3  sing N N 228 
PHE CG  CD1  doub Y N 229 
PHE CG  CD2  sing Y N 230 
PHE CD1 CE1  sing Y N 231 
PHE CD1 HD1  sing N N 232 
PHE CD2 CE2  doub Y N 233 
PHE CD2 HD2  sing N N 234 
PHE CE1 CZ   doub Y N 235 
PHE CE1 HE1  sing N N 236 
PHE CE2 CZ   sing Y N 237 
PHE CE2 HE2  sing N N 238 
PHE CZ  HZ   sing N N 239 
PHE OXT HXT  sing N N 240 
PRO N   CA   sing N N 241 
PRO N   CD   sing N N 242 
PRO N   H    sing N N 243 
PRO CA  C    sing N N 244 
PRO CA  CB   sing N N 245 
PRO CA  HA   sing N N 246 
PRO C   O    doub N N 247 
PRO C   OXT  sing N N 248 
PRO CB  CG   sing N N 249 
PRO CB  HB2  sing N N 250 
PRO CB  HB3  sing N N 251 
PRO CG  CD   sing N N 252 
PRO CG  HG2  sing N N 253 
PRO CG  HG3  sing N N 254 
PRO CD  HD2  sing N N 255 
PRO CD  HD3  sing N N 256 
PRO OXT HXT  sing N N 257 
SER N   CA   sing N N 258 
SER N   H    sing N N 259 
SER N   H2   sing N N 260 
SER CA  C    sing N N 261 
SER CA  CB   sing N N 262 
SER CA  HA   sing N N 263 
SER C   O    doub N N 264 
SER C   OXT  sing N N 265 
SER CB  OG   sing N N 266 
SER CB  HB2  sing N N 267 
SER CB  HB3  sing N N 268 
SER OG  HG   sing N N 269 
SER OXT HXT  sing N N 270 
TYR N   CA   sing N N 271 
TYR N   H    sing N N 272 
TYR N   H2   sing N N 273 
TYR CA  C    sing N N 274 
TYR CA  CB   sing N N 275 
TYR CA  HA   sing N N 276 
TYR C   O    doub N N 277 
TYR C   OXT  sing N N 278 
TYR CB  CG   sing N N 279 
TYR CB  HB2  sing N N 280 
TYR CB  HB3  sing N N 281 
TYR CG  CD1  doub Y N 282 
TYR CG  CD2  sing Y N 283 
TYR CD1 CE1  sing Y N 284 
TYR CD1 HD1  sing N N 285 
TYR CD2 CE2  doub Y N 286 
TYR CD2 HD2  sing N N 287 
TYR CE1 CZ   doub Y N 288 
TYR CE1 HE1  sing N N 289 
TYR CE2 CZ   sing Y N 290 
TYR CE2 HE2  sing N N 291 
TYR CZ  OH   sing N N 292 
TYR OH  HH   sing N N 293 
TYR OXT HXT  sing N N 294 
VAL N   CA   sing N N 295 
VAL N   H    sing N N 296 
VAL N   H2   sing N N 297 
VAL CA  C    sing N N 298 
VAL CA  CB   sing N N 299 
VAL CA  HA   sing N N 300 
VAL C   O    doub N N 301 
VAL C   OXT  sing N N 302 
VAL CB  CG1  sing N N 303 
VAL CB  CG2  sing N N 304 
VAL CB  HB   sing N N 305 
VAL CG1 HG11 sing N N 306 
VAL CG1 HG12 sing N N 307 
VAL CG1 HG13 sing N N 308 
VAL CG2 HG21 sing N N 309 
VAL CG2 HG22 sing N N 310 
VAL CG2 HG23 sing N N 311 
VAL OXT HXT  sing N N 312 
# 
_pdbx_audit_support.funding_organization   'Not funded' 
_pdbx_audit_support.country                ? 
_pdbx_audit_support.grant_number           ? 
_pdbx_audit_support.ordinal                1 
# 
_pdbx_initial_refinement_model.id               1 
_pdbx_initial_refinement_model.entity_id_list   ? 
_pdbx_initial_refinement_model.type             'experimental model' 
_pdbx_initial_refinement_model.source_name      PDB 
_pdbx_initial_refinement_model.accession_code   4MZZ 
_pdbx_initial_refinement_model.details          ? 
# 
_atom_sites.entry_id                    8I75 
_atom_sites.Cartn_transf_matrix[1][1]   ? 
_atom_sites.Cartn_transf_matrix[1][2]   ? 
_atom_sites.Cartn_transf_matrix[1][3]   ? 
_atom_sites.Cartn_transf_matrix[2][1]   ? 
_atom_sites.Cartn_transf_matrix[2][2]   ? 
_atom_sites.Cartn_transf_matrix[2][3]   ? 
_atom_sites.Cartn_transf_matrix[3][1]   ? 
_atom_sites.Cartn_transf_matrix[3][2]   ? 
_atom_sites.Cartn_transf_matrix[3][3]   ? 
_atom_sites.Cartn_transf_vector[1]      ? 
_atom_sites.Cartn_transf_vector[2]      ? 
_atom_sites.Cartn_transf_vector[3]      ? 
_atom_sites.fract_transf_matrix[1][1]   0.01388916 
_atom_sites.fract_transf_matrix[1][2]   -0.00013980 
_atom_sites.fract_transf_matrix[1][3]   -0.01917354 
_atom_sites.fract_transf_matrix[2][1]   0.01596191 
_atom_sites.fract_transf_matrix[2][2]   0.01320196 
_atom_sites.fract_transf_matrix[2][3]   0.01146642 
_atom_sites.fract_transf_matrix[3][1]   0.01216944 
_atom_sites.fract_transf_matrix[3][2]   -0.02251267 
_atom_sites.fract_transf_matrix[3][3]   0.00897959 
_atom_sites.fract_transf_vector[1]      0.340325 
_atom_sites.fract_transf_vector[2]      -0.159870 
_atom_sites.fract_transf_vector[3]      0.112001 
_atom_sites.solution_primary            ? 
_atom_sites.solution_secondary          ? 
_atom_sites.solution_hydrogens          ? 
_atom_sites.special_details             ? 
# 
loop_
_atom_type.symbol 
C 
N 
O 
S 
# 
loop_
_atom_site.group_PDB 
_atom_site.id 
_atom_site.type_symbol 
_atom_site.label_atom_id 
_atom_site.label_alt_id 
_atom_site.label_comp_id 
_atom_site.label_asym_id 
_atom_site.label_entity_id 
_atom_site.label_seq_id 
_atom_site.pdbx_PDB_ins_code 
_atom_site.Cartn_x 
_atom_site.Cartn_y 
_atom_site.Cartn_z 
_atom_site.occupancy 
_atom_site.B_iso_or_equiv 
_atom_site.pdbx_formal_charge 
_atom_site.auth_seq_id 
_atom_site.auth_comp_id 
_atom_site.auth_asym_id 
_atom_site.auth_atom_id 
_atom_site.pdbx_PDB_model_num 
ATOM   1   N N   . GLU A 1 6  ? 4.888   -6.769  -11.056 1.00 43.74 ? 17  GLU A N   1 
ATOM   2   C CA  . GLU A 1 6  ? 3.604   -6.240  -10.609 1.00 43.15 ? 17  GLU A CA  1 
ATOM   3   C C   . GLU A 1 6  ? 3.235   -4.999  -11.415 1.00 39.34 ? 17  GLU A C   1 
ATOM   4   O O   . GLU A 1 6  ? 3.502   -3.874  -10.987 1.00 38.39 ? 17  GLU A O   1 
ATOM   5   C CB  . GLU A 1 6  ? 3.646   -5.902  -9.115  1.00 45.97 ? 17  GLU A CB  1 
ATOM   6   C CG  . GLU A 1 6  ? 4.127   -7.037  -8.220  1.00 48.29 ? 17  GLU A CG  1 
ATOM   7   C CD  . GLU A 1 6  ? 5.636   -7.058  -8.061  1.00 50.41 ? 17  GLU A CD  1 
ATOM   8   O OE1 . GLU A 1 6  ? 6.267   -5.992  -8.227  1.00 51.12 ? 17  GLU A OE1 1 
ATOM   9   O OE2 . GLU A 1 6  ? 6.194   -8.140  -7.775  1.00 51.14 ? 17  GLU A OE2 1 
ATOM   10  N N   . PRO A 1 7  ? 2.619   -5.200  -12.584 1.00 36.45 ? 18  PRO A N   1 
ATOM   11  C CA  . PRO A 1 7  ? 2.275   -4.045  -13.431 1.00 34.17 ? 18  PRO A CA  1 
ATOM   12  C C   . PRO A 1 7  ? 1.238   -3.123  -12.816 1.00 30.79 ? 18  PRO A C   1 
ATOM   13  O O   . PRO A 1 7  ? 1.255   -1.919  -13.102 1.00 29.91 ? 18  PRO A O   1 
ATOM   14  C CB  . PRO A 1 7  ? 1.771   -4.688  -14.729 1.00 35.33 ? 18  PRO A CB  1 
ATOM   15  C CG  . PRO A 1 7  ? 1.305   -6.048  -14.314 1.00 35.81 ? 18  PRO A CG  1 
ATOM   16  C CD  . PRO A 1 7  ? 2.207   -6.478  -13.188 1.00 35.98 ? 18  PRO A CD  1 
ATOM   17  N N   . LYS A 1 8  ? 0.327   -3.644  -11.994 1.00 30.31 ? 19  LYS A N   1 
ATOM   18  C CA  . LYS A 1 8  ? -0.634  -2.772  -11.329 1.00 28.74 ? 19  LYS A CA  1 
ATOM   19  C C   . LYS A 1 8  ? 0.075   -1.802  -10.403 1.00 25.50 ? 19  LYS A C   1 
ATOM   20  O O   . LYS A 1 8  ? -0.178  -0.597  -10.442 1.00 23.65 ? 19  LYS A O   1 
ATOM   21  C CB  . LYS A 1 8  ? -1.671  -3.596  -10.565 1.00 30.13 ? 19  LYS A CB  1 
ATOM   22  C CG  . LYS A 1 8  ? -2.754  -4.192  -11.457 1.00 32.89 ? 19  LYS A CG  1 
ATOM   23  C CD  . LYS A 1 8  ? -3.648  -5.161  -10.695 1.00 35.95 ? 19  LYS A CD  1 
ATOM   24  C CE  . LYS A 1 8  ? -3.145  -6.599  -10.811 1.00 38.71 ? 19  LYS A CE  1 
ATOM   25  N NZ  . LYS A 1 8  ? -4.007  -7.577  -10.081 1.00 40.50 ? 19  LYS A NZ  1 
ATOM   26  N N   . ARG A 1 9  ? 0.993   -2.315  -9.581  1.00 24.67 ? 20  ARG A N   1 
ATOM   27  C CA  . ARG A 1 9  ? 1.795   -1.447  -8.733  1.00 24.74 ? 20  ARG A CA  1 
ATOM   28  C C   . ARG A 1 9  ? 2.641   -0.496  -9.567  1.00 24.06 ? 20  ARG A C   1 
ATOM   29  O O   . ARG A 1 9  ? 2.742   0.687   -9.241  1.00 23.69 ? 20  ARG A O   1 
ATOM   30  C CB  . ARG A 1 9  ? 2.666   -2.280  -7.794  1.00 26.91 ? 20  ARG A CB  1 
ATOM   31  C CG  . ARG A 1 9  ? 3.503   -1.439  -6.855  1.00 29.72 ? 20  ARG A CG  1 
ATOM   32  C CD  . ARG A 1 9  ? 4.310   -2.298  -5.899  1.00 32.89 ? 20  ARG A CD  1 
ATOM   33  N NE  . ARG A 1 9  ? 5.354   -3.054  -6.583  1.00 36.47 ? 20  ARG A NE  1 
ATOM   34  C CZ  . ARG A 1 9  ? 6.182   -3.901  -5.976  1.00 38.74 ? 20  ARG A CZ  1 
ATOM   35  N NH1 . ARG A 1 9  ? 6.083   -4.100  -4.668  1.00 39.88 ? 20  ARG A NH1 1 
ATOM   36  N NH2 . ARG A 1 9  ? 7.107   -4.546  -6.675  1.00 39.50 ? 20  ARG A NH2 1 
ATOM   37  N N   . GLU A 1 10 ? 3.240   -0.993  -10.655 1.00 24.44 ? 21  GLU A N   1 
ATOM   38  C CA  . GLU A 1 10 ? 4.049   -0.134  -11.518 1.00 25.16 ? 21  GLU A CA  1 
ATOM   39  C C   . GLU A 1 10 ? 3.249   1.067   -12.001 1.00 22.30 ? 21  GLU A C   1 
ATOM   40  O O   . GLU A 1 10 ? 3.729   2.206   -11.968 1.00 24.31 ? 21  GLU A O   1 
ATOM   41  C CB  . GLU A 1 10 ? 4.559   -0.926  -12.723 1.00 29.68 ? 21  GLU A CB  1 
ATOM   42  C CG  . GLU A 1 10 ? 5.612   -1.967  -12.421 1.00 33.65 ? 21  GLU A CG  1 
ATOM   43  C CD  . GLU A 1 10 ? 6.068   -2.695  -13.673 1.00 36.28 ? 21  GLU A CD  1 
ATOM   44  O OE1 . GLU A 1 10 ? 7.268   -3.020  -13.774 1.00 37.71 ? 21  GLU A OE1 1 
ATOM   45  O OE2 . GLU A 1 10 ? 5.219   -2.937  -14.558 1.00 36.79 ? 21  GLU A OE2 1 
ATOM   46  N N   . VAL A 1 11 ? 2.027   0.826   -12.473 1.00 20.98 ? 22  VAL A N   1 
ATOM   47  C CA  . VAL A 1 11 ? 1.205   1.915   -12.977 1.00 20.47 ? 22  VAL A CA  1 
ATOM   48  C C   . VAL A 1 11 ? 0.762   2.804   -11.833 1.00 18.89 ? 22  VAL A C   1 
ATOM   49  O O   . VAL A 1 11 ? 0.904   4.028   -11.877 1.00 19.78 ? 22  VAL A O   1 
ATOM   50  C CB  . VAL A 1 11 ? 0.001   1.369   -13.759 1.00 21.98 ? 22  VAL A CB  1 
ATOM   51  C CG1 . VAL A 1 11 ? -0.910  2.509   -14.164 1.00 23.09 ? 22  VAL A CG1 1 
ATOM   52  C CG2 . VAL A 1 11 ? 0.468   0.598   -14.970 1.00 21.61 ? 22  VAL A CG2 1 
ATOM   53  N N   . CYS A 1 12 ? 0.246   2.189   -10.774 1.00 16.84 ? 23  CYS A N   1 
ATOM   54  C CA  . CYS A 1 12 ? -0.337  2.958   -9.694  1.00 16.64 ? 23  CYS A CA  1 
ATOM   55  C C   . CYS A 1 12 ? 0.714   3.782   -8.966  1.00 18.02 ? 23  CYS A C   1 
ATOM   56  O O   . CYS A 1 12 ? 0.448   4.923   -8.583  1.00 18.84 ? 23  CYS A O   1 
ATOM   57  C CB  . CYS A 1 12 ? -1.053  1.999   -8.760  1.00 13.89 ? 23  CYS A CB  1 
ATOM   58  S SG  . CYS A 1 12 ? -1.886  2.765   -7.397  1.00 14.21 ? 23  CYS A SG  1 
ATOM   59  N N   . GLU A 1 13 ? 1.915   3.228   -8.768  1.00 19.92 ? 24  GLU A N   1 
ATOM   60  C CA  . GLU A 1 13 ? 2.967   3.985   -8.094  1.00 25.02 ? 24  GLU A CA  1 
ATOM   61  C C   . GLU A 1 13 ? 3.291   5.266   -8.835  1.00 27.39 ? 24  GLU A C   1 
ATOM   62  O O   . GLU A 1 13 ? 3.651   6.266   -8.210  1.00 30.29 ? 24  GLU A O   1 
ATOM   63  C CB  . GLU A 1 13 ? 4.247   3.167   -7.982  1.00 29.41 ? 24  GLU A CB  1 
ATOM   64  C CG  . GLU A 1 13 ? 4.277   2.203   -6.832  1.00 32.53 ? 24  GLU A CG  1 
ATOM   65  C CD  . GLU A 1 13 ? 5.573   1.427   -6.779  1.00 35.84 ? 24  GLU A CD  1 
ATOM   66  O OE1 . GLU A 1 13 ? 5.886   0.856   -5.713  1.00 37.43 ? 24  GLU A OE1 1 
ATOM   67  O OE2 . GLU A 1 13 ? 6.278   1.396   -7.807  1.00 37.36 ? 24  GLU A OE2 1 
ATOM   68  N N   . LEU A 1 14 ? 3.165   5.256   -10.160 1.00 26.62 ? 25  LEU A N   1 
ATOM   69  C CA  . LEU A 1 14 ? 3.463   6.411   -10.994 1.00 27.48 ? 25  LEU A CA  1 
ATOM   70  C C   . LEU A 1 14 ? 2.260   7.315   -11.174 1.00 27.34 ? 25  LEU A C   1 
ATOM   71  O O   . LEU A 1 14 ? 2.117   7.978   -12.203 1.00 30.31 ? 25  LEU A O   1 
ATOM   72  C CB  . LEU A 1 14 ? 4.032   5.970   -12.337 1.00 27.27 ? 25  LEU A CB  1 
ATOM   73  C CG  . LEU A 1 14 ? 5.350   5.217   -12.227 1.00 26.56 ? 25  LEU A CG  1 
ATOM   74  C CD1 . LEU A 1 14 ? 5.704   4.719   -13.595 1.00 25.88 ? 25  LEU A CD1 1 
ATOM   75  C CD2 . LEU A 1 14 ? 6.444   6.121   -11.679 1.00 27.18 ? 25  LEU A CD2 1 
ATOM   76  N N   . ASN A 1 15 ? 1.374   7.324   -10.220 1.00 25.09 ? 26  ASN A N   1 
ATOM   77  C CA  . ASN A 1 15 ? 0.313   8.309   -10.169 1.00 25.72 ? 26  ASN A CA  1 
ATOM   78  C C   . ASN A 1 15 ? 0.179   8.659   -8.704  1.00 24.62 ? 26  ASN A C   1 
ATOM   79  O O   . ASN A 1 15 ? -0.186  7.794   -7.902  1.00 23.69 ? 26  ASN A O   1 
ATOM   80  C CB  . ASN A 1 15 ? -0.993  7.712   -10.674 1.00 26.99 ? 26  ASN A CB  1 
ATOM   81  C CG  . ASN A 1 15 ? -2.106  8.718   -10.710 1.00 28.84 ? 26  ASN A CG  1 
ATOM   82  O OD1 . ASN A 1 15 ? -2.724  9.022   -9.684  1.00 29.72 ? 26  ASN A OD1 1 
ATOM   83  N ND2 . ASN A 1 15 ? -2.365  9.261   -11.885 1.00 30.33 ? 26  ASN A ND2 1 
ATOM   84  N N   . PRO A 1 16 ? 0.487   9.891   -8.311  1.00 24.15 ? 27  PRO A N   1 
ATOM   85  C CA  . PRO A 1 16 ? 0.489   10.208  -6.876  1.00 23.99 ? 27  PRO A CA  1 
ATOM   86  C C   . PRO A 1 16 ? -0.835  9.925   -6.194  1.00 22.25 ? 27  PRO A C   1 
ATOM   87  O O   . PRO A 1 16 ? -0.849  9.493   -5.039  1.00 22.73 ? 27  PRO A O   1 
ATOM   88  C CB  . PRO A 1 16 ? 0.841   11.697  -6.844  1.00 25.57 ? 27  PRO A CB  1 
ATOM   89  C CG  . PRO A 1 16 ? 1.459   11.989  -8.141  1.00 26.23 ? 27  PRO A CG  1 
ATOM   90  C CD  . PRO A 1 16 ? 0.880   11.041  -9.141  1.00 24.84 ? 27  PRO A CD  1 
ATOM   91  N N   . ASP A 1 17 ? -1.954  10.143  -6.884  1.00 21.81 ? 28  ASP A N   1 
ATOM   92  C CA  . ASP A 1 17 ? -3.247  9.869   -6.272  1.00 22.29 ? 28  ASP A CA  1 
ATOM   93  C C   . ASP A 1 17 ? -3.474  8.376   -6.129  1.00 18.61 ? 28  ASP A C   1 
ATOM   94  O O   . ASP A 1 17 ? -4.013  7.914   -5.118  1.00 18.53 ? 28  ASP A O   1 
ATOM   95  C CB  . ASP A 1 17 ? -4.370  10.482  -7.099  1.00 25.73 ? 28  ASP A CB  1 
ATOM   96  C CG  . ASP A 1 17 ? -4.278  11.976  -7.176  1.00 29.37 ? 28  ASP A CG  1 
ATOM   97  O OD1 . ASP A 1 17 ? -3.864  12.588  -6.172  1.00 29.43 ? 28  ASP A OD1 1 
ATOM   98  O OD2 . ASP A 1 17 ? -4.615  12.532  -8.240  1.00 32.67 ? 28  ASP A OD2 1 
ATOM   99  N N   . CYS A 1 18 ? -3.095  7.601   -7.137  1.00 17.60 ? 29  CYS A N   1 
ATOM   100 C CA  . CYS A 1 18 ? -3.249  6.166   -6.998  1.00 15.97 ? 29  CYS A CA  1 
ATOM   101 C C   . CYS A 1 18 ? -2.344  5.642   -5.908  1.00 14.36 ? 29  CYS A C   1 
ATOM   102 O O   . CYS A 1 18 ? -2.763  4.825   -5.085  1.00 14.41 ? 29  CYS A O   1 
ATOM   103 C CB  . CYS A 1 18 ? -2.947  5.460   -8.313  1.00 15.56 ? 29  CYS A CB  1 
ATOM   104 S SG  . CYS A 1 18 ? -3.447  3.736   -8.236  1.00 15.21 ? 29  CYS A SG  1 
ATOM   105 N N   . ASP A 1 19 ? -1.102  6.120   -5.868  1.00 16.10 ? 30  ASP A N   1 
ATOM   106 C CA  . ASP A 1 19 ? -0.172  5.643   -4.861  1.00 16.11 ? 30  ASP A CA  1 
ATOM   107 C C   . ASP A 1 19 ? -0.657  5.996   -3.469  1.00 15.40 ? 30  ASP A C   1 
ATOM   108 O O   . ASP A 1 19 ? -0.557  5.184   -2.545  1.00 15.42 ? 30  ASP A O   1 
ATOM   109 C CB  . ASP A 1 19 ? 1.215   6.213   -5.115  1.00 17.41 ? 30  ASP A CB  1 
ATOM   110 C CG  . ASP A 1 19 ? 2.250   5.599   -4.215  1.00 21.06 ? 30  ASP A CG  1 
ATOM   111 O OD1 . ASP A 1 19 ? 2.411   4.371   -4.275  1.00 22.01 ? 30  ASP A OD1 1 
ATOM   112 O OD2 . ASP A 1 19 ? 2.884   6.337   -3.436  1.00 23.68 ? 30  ASP A OD2 1 
ATOM   113 N N   . GLU A 1 20 ? -1.188  7.206   -3.302  1.00 16.50 ? 31  GLU A N   1 
ATOM   114 C CA  . GLU A 1 20 ? -1.715  7.599   -2.005  1.00 18.55 ? 31  GLU A CA  1 
ATOM   115 C C   . GLU A 1 20 ? -2.874  6.700   -1.607  1.00 16.76 ? 31  GLU A C   1 
ATOM   116 O O   . GLU A 1 20 ? -2.958  6.247   -0.462  1.00 17.43 ? 31  GLU A O   1 
ATOM   117 C CB  . GLU A 1 20 ? -2.156  9.059   -2.039  1.00 23.21 ? 31  GLU A CB  1 
ATOM   118 C CG  . GLU A 1 20 ? -2.654  9.550   -0.697  1.00 28.66 ? 31  GLU A CG  1 
ATOM   119 C CD  . GLU A 1 20 ? -1.617  9.361   0.402   1.00 33.91 ? 31  GLU A CD  1 
ATOM   120 O OE1 . GLU A 1 20 ? -0.423  9.618   0.139   1.00 35.50 ? 31  GLU A OE1 1 
ATOM   121 O OE2 . GLU A 1 20 ? -1.989  8.941   1.517   1.00 35.76 ? 31  GLU A OE2 1 
ATOM   122 N N   . LEU A 1 21 ? -3.760  6.395   -2.550  1.00 15.88 ? 32  LEU A N   1 
ATOM   123 C CA  . LEU A 1 21 ? -4.839  5.464   -2.253  1.00 15.59 ? 32  LEU A CA  1 
ATOM   124 C C   . LEU A 1 21 ? -4.281  4.095   -1.895  1.00 13.05 ? 32  LEU A C   1 
ATOM   125 O O   . LEU A 1 21 ? -4.764  3.436   -0.968  1.00 13.70 ? 32  LEU A O   1 
ATOM   126 C CB  . LEU A 1 21 ? -5.762  5.379   -3.456  1.00 17.28 ? 32  LEU A CB  1 
ATOM   127 C CG  . LEU A 1 21 ? -6.983  4.492   -3.267  1.00 17.72 ? 32  LEU A CG  1 
ATOM   128 C CD1 . LEU A 1 21 ? -7.832  4.941   -2.083  1.00 19.48 ? 32  LEU A CD1 1 
ATOM   129 C CD2 . LEU A 1 21 ? -7.798  4.491   -4.540  1.00 18.97 ? 32  LEU A CD2 1 
ATOM   130 N N   . ALA A 1 22 ? -3.242  3.655   -2.610  1.00 13.49 ? 33  ALA A N   1 
ATOM   131 C CA  . ALA A 1 22 ? -2.631  2.364   -2.316  1.00 13.53 ? 33  ALA A CA  1 
ATOM   132 C C   . ALA A 1 22 ? -2.007  2.339   -0.933  1.00 13.43 ? 33  ALA A C   1 
ATOM   133 O O   . ALA A 1 22 ? -1.974  1.288   -0.293  1.00 13.77 ? 33  ALA A O   1 
ATOM   134 C CB  . ALA A 1 22 ? -1.606  2.011   -3.384  1.00 13.78 ? 33  ALA A CB  1 
ATOM   135 N N   . ASP A 1 23 ? -1.535  3.483   -0.443  1.00 13.62 ? 34  ASP A N   1 
ATOM   136 C CA  . ASP A 1 23 ? -1.037  3.537   0.921   1.00 14.59 ? 34  ASP A CA  1 
ATOM   137 C C   . ASP A 1 23 ? -2.111  3.106   1.893   1.00 14.43 ? 34  ASP A C   1 
ATOM   138 O O   . ASP A 1 23 ? -1.810  2.577   2.960   1.00 15.73 ? 34  ASP A O   1 
ATOM   139 C CB  . ASP A 1 23 ? -0.630  4.959   1.290   1.00 16.57 ? 34  ASP A CB  1 
ATOM   140 C CG  . ASP A 1 23 ? 0.646   5.410   0.625   1.00 19.83 ? 34  ASP A CG  1 
ATOM   141 O OD1 . ASP A 1 23 ? 1.440   4.574   0.151   1.00 19.44 ? 34  ASP A OD1 1 
ATOM   142 O OD2 . ASP A 1 23 ? 0.861   6.635   0.610   1.00 22.73 ? 34  ASP A OD2 1 
ATOM   143 N N   . HIS A 1 24 ? -3.369  3.338   1.547   1.00 14.47 ? 35  HIS A N   1 
ATOM   144 C CA  . HIS A 1 24 ? -4.461  3.021   2.449   1.00 14.95 ? 35  HIS A CA  1 
ATOM   145 C C   . HIS A 1 24 ? -5.094  1.674   2.186   1.00 13.95 ? 35  HIS A C   1 
ATOM   146 O O   . HIS A 1 24 ? -5.498  1.002   3.135   1.00 14.70 ? 35  HIS A O   1 
ATOM   147 C CB  . HIS A 1 24 ? -5.535  4.097   2.366   1.00 18.43 ? 35  HIS A CB  1 
ATOM   148 C CG  . HIS A 1 24 ? -5.026  5.454   2.705   1.00 21.99 ? 35  HIS A CG  1 
ATOM   149 N ND1 . HIS A 1 24 ? -4.529  5.771   3.950   1.00 25.53 ? 35  HIS A ND1 1 
ATOM   150 C CD2 . HIS A 1 24 ? -4.902  6.569   1.952   1.00 24.58 ? 35  HIS A CD2 1 
ATOM   151 C CE1 . HIS A 1 24 ? -4.137  7.031   3.952   1.00 25.49 ? 35  HIS A CE1 1 
ATOM   152 N NE2 . HIS A 1 24 ? -4.352  7.538   2.751   1.00 26.07 ? 35  HIS A NE2 1 
ATOM   153 N N   . ILE A 1 25 ? -5.213  1.265   0.926   1.00 13.82 ? 36  ILE A N   1 
ATOM   154 C CA  . ILE A 1 25 ? -5.999  0.076   0.630   1.00 13.91 ? 36  ILE A CA  1 
ATOM   155 C C   . ILE A 1 25 ? -5.234  -0.924  -0.224  1.00 13.59 ? 36  ILE A C   1 
ATOM   156 O O   . ILE A 1 25 ? -5.801  -1.927  -0.651  1.00 14.57 ? 36  ILE A O   1 
ATOM   157 C CB  . ILE A 1 25 ? -7.343  0.442   -0.021  1.00 14.94 ? 36  ILE A CB  1 
ATOM   158 C CG1 . ILE A 1 25 ? -7.149  1.097   -1.387  1.00 16.00 ? 36  ILE A CG1 1 
ATOM   159 C CG2 . ILE A 1 25 ? -8.159  1.333   0.894   1.00 16.79 ? 36  ILE A CG2 1 
ATOM   160 C CD1 . ILE A 1 25 ? -8.450  1.376   -2.111  1.00 17.60 ? 36  ILE A CD1 1 
ATOM   161 N N   . GLY A 1 26 ? -3.963  -0.666  -0.485  1.00 13.28 ? 37  GLY A N   1 
ATOM   162 C CA  . GLY A 1 26 ? -3.139  -1.559  -1.267  1.00 13.37 ? 37  GLY A CA  1 
ATOM   163 C C   . GLY A 1 26 ? -3.249  -1.291  -2.757  1.00 12.75 ? 37  GLY A C   1 
ATOM   164 O O   . GLY A 1 26 ? -4.167  -0.639  -3.241  1.00 12.64 ? 37  GLY A O   1 
ATOM   165 N N   . PHE A 1 27 ? -2.278  -1.819  -3.499  1.00 13.94 ? 38  PHE A N   1 
ATOM   166 C CA  . PHE A 1 27 ? -2.190  -1.494  -4.917  1.00 14.39 ? 38  PHE A CA  1 
ATOM   167 C C   . PHE A 1 27 ? -3.295  -2.133  -5.744  1.00 14.49 ? 38  PHE A C   1 
ATOM   168 O O   . PHE A 1 27 ? -3.736  -1.543  -6.728  1.00 15.84 ? 38  PHE A O   1 
ATOM   169 C CB  . PHE A 1 27 ? -0.817  -1.865  -5.457  1.00 15.21 ? 38  PHE A CB  1 
ATOM   170 C CG  . PHE A 1 27 ? 0.230   -0.886  -5.088  1.00 15.82 ? 38  PHE A CG  1 
ATOM   171 C CD1 . PHE A 1 27 ? 0.234   0.382   -5.648  1.00 15.51 ? 38  PHE A CD1 1 
ATOM   172 C CD2 . PHE A 1 27 ? 1.201   -1.214  -4.163  1.00 16.44 ? 38  PHE A CD2 1 
ATOM   173 C CE1 . PHE A 1 27 ? 1.211   1.307   -5.295  1.00 16.21 ? 38  PHE A CE1 1 
ATOM   174 C CE2 . PHE A 1 27 ? 2.168   -0.293  -3.811  1.00 17.68 ? 38  PHE A CE2 1 
ATOM   175 C CZ  . PHE A 1 27 ? 2.167   0.962   -4.379  1.00 17.32 ? 38  PHE A CZ  1 
ATOM   176 N N   . GLN A 1 28 ? -3.747  -3.329  -5.385  1.00 15.08 ? 39  GLN A N   1 
ATOM   177 C CA  . GLN A 1 28 ? -4.759  -3.979  -6.210  1.00 17.26 ? 39  GLN A CA  1 
ATOM   178 C C   . GLN A 1 28 ? -6.085  -3.236  -6.133  1.00 16.38 ? 39  GLN A C   1 
ATOM   179 O O   . GLN A 1 28 ? -6.730  -2.988  -7.155  1.00 17.55 ? 39  GLN A O   1 
ATOM   180 C CB  . GLN A 1 28 ? -4.916  -5.439  -5.798  1.00 19.89 ? 39  GLN A CB  1 
ATOM   181 C CG  . GLN A 1 28 ? -3.673  -6.281  -6.075  1.00 21.77 ? 39  GLN A CG  1 
ATOM   182 C CD  . GLN A 1 28 ? -2.505  -5.912  -5.169  1.00 25.19 ? 39  GLN A CD  1 
ATOM   183 O OE1 . GLN A 1 28 ? -2.694  -5.594  -3.997  1.00 24.68 ? 39  GLN A OE1 1 
ATOM   184 N NE2 . GLN A 1 28 ? -1.297  -5.918  -5.722  1.00 28.30 ? 39  GLN A NE2 1 
ATOM   185 N N   . GLU A 1 29 ? -6.502  -2.865  -4.920  1.00 16.76 ? 40  GLU A N   1 
ATOM   186 C CA  . GLU A 1 29 ? -7.718  -2.080  -4.750  1.00 17.16 ? 40  GLU A CA  1 
ATOM   187 C C   . GLU A 1 29 ? -7.557  -0.685  -5.325  1.00 16.56 ? 40  GLU A C   1 
ATOM   188 O O   . GLU A 1 29 ? -8.480  -0.158  -5.951  1.00 17.47 ? 40  GLU A O   1 
ATOM   189 C CB  . GLU A 1 29 ? -8.070  -1.994  -3.269  1.00 19.08 ? 40  GLU A CB  1 
ATOM   190 C CG  . GLU A 1 29 ? -8.592  -3.267  -2.673  1.00 22.21 ? 40  GLU A CG  1 
ATOM   191 C CD  . GLU A 1 29 ? -10.065 -3.459  -2.903  1.00 24.92 ? 40  GLU A CD  1 
ATOM   192 O OE1 . GLU A 1 29 ? -10.727 -2.557  -3.468  1.00 27.07 ? 40  GLU A OE1 1 
ATOM   193 O OE2 . GLU A 1 29 ? -10.563 -4.513  -2.485  1.00 25.70 ? 40  GLU A OE2 1 
ATOM   194 N N   . ALA A 1 30 ? -6.409  -0.052  -5.095  1.00 15.79 ? 41  ALA A N   1 
ATOM   195 C CA  . ALA A 1 30 ? -6.217  1.284   -5.635  1.00 15.77 ? 41  ALA A CA  1 
ATOM   196 C C   . ALA A 1 30 ? -6.242  1.258   -7.153  1.00 16.90 ? 41  ALA A C   1 
ATOM   197 O O   . ALA A 1 30 ? -6.923  2.069   -7.786  1.00 18.37 ? 41  ALA A O   1 
ATOM   198 C CB  . ALA A 1 30 ? -4.914  1.870   -5.117  1.00 15.73 ? 41  ALA A CB  1 
ATOM   199 N N   . TYR A 1 31 ? -5.536  0.298   -7.750  1.00 16.42 ? 42  TYR A N   1 
ATOM   200 C CA  . TYR A 1 31 ? -5.536  0.172   -9.201  1.00 18.15 ? 42  TYR A CA  1 
ATOM   201 C C   . TYR A 1 31 ? -6.949  -0.043  -9.718  1.00 20.10 ? 42  TYR A C   1 
ATOM   202 O O   . TYR A 1 31 ? -7.373  0.597   -10.683 1.00 21.75 ? 42  TYR A O   1 
ATOM   203 C CB  . TYR A 1 31 ? -4.626  -0.984  -9.612  1.00 19.50 ? 42  TYR A CB  1 
ATOM   204 C CG  . TYR A 1 31 ? -4.467  -1.162  -11.106 1.00 21.67 ? 42  TYR A CG  1 
ATOM   205 C CD1 . TYR A 1 31 ? -5.417  -1.847  -11.854 1.00 23.14 ? 42  TYR A CD1 1 
ATOM   206 C CD2 . TYR A 1 31 ? -3.356  -0.657  -11.768 1.00 22.58 ? 42  TYR A CD2 1 
ATOM   207 C CE1 . TYR A 1 31 ? -5.268  -2.013  -13.210 1.00 24.12 ? 42  TYR A CE1 1 
ATOM   208 C CE2 . TYR A 1 31 ? -3.202  -0.819  -13.119 1.00 24.61 ? 42  TYR A CE2 1 
ATOM   209 C CZ  . TYR A 1 31 ? -4.158  -1.498  -13.836 1.00 24.62 ? 42  TYR A CZ  1 
ATOM   210 O OH  . TYR A 1 31 ? -4.003  -1.662  -15.190 1.00 26.07 ? 42  TYR A OH  1 
ATOM   211 N N   . ARG A 1 32 ? -7.693  -0.944  -9.075  1.00 21.48 ? 43  ARG A N   1 
ATOM   212 C CA  . ARG A 1 32 ? -9.059  -1.215  -9.502  1.00 23.80 ? 43  ARG A CA  1 
ATOM   213 C C   . ARG A 1 32 ? -9.911  0.042   -9.438  1.00 25.62 ? 43  ARG A C   1 
ATOM   214 O O   . ARG A 1 32 ? -10.694 0.317   -10.352 1.00 28.01 ? 43  ARG A O   1 
ATOM   215 C CB  . ARG A 1 32 ? -9.667  -2.323  -8.644  1.00 24.33 ? 43  ARG A CB  1 
ATOM   216 C CG  . ARG A 1 32 ? -11.110 -2.639  -8.986  1.00 25.38 ? 43  ARG A CG  1 
ATOM   217 C CD  . ARG A 1 32 ? -11.682 -3.669  -8.035  1.00 26.84 ? 43  ARG A CD  1 
ATOM   218 N NE  . ARG A 1 32 ? -13.136 -3.601  -7.996  1.00 32.02 ? 43  ARG A NE  1 
ATOM   219 C CZ  . ARG A 1 32 ? -13.931 -4.163  -8.899  1.00 35.34 ? 43  ARG A CZ  1 
ATOM   220 N NH1 . ARG A 1 32 ? -13.407 -4.835  -9.915  1.00 36.80 ? 43  ARG A NH1 1 
ATOM   221 N NH2 . ARG A 1 32 ? -15.249 -4.053  -8.788  1.00 36.17 ? 43  ARG A NH2 1 
ATOM   222 N N   . ARG A 1 33 ? -9.756  0.832   -8.377  1.00 26.58 ? 44  ARG A N   1 
ATOM   223 C CA  . ARG A 1 33 ? -10.551 2.046   -8.265  1.00 29.23 ? 44  ARG A CA  1 
ATOM   224 C C   . ARG A 1 33 ? -10.117 3.105   -9.272  1.00 30.16 ? 44  ARG A C   1 
ATOM   225 O O   . ARG A 1 33 ? -10.950 3.894   -9.731  1.00 31.53 ? 44  ARG A O   1 
ATOM   226 C CB  . ARG A 1 33 ? -10.531 2.561   -6.827  1.00 32.36 ? 44  ARG A CB  1 
ATOM   227 C CG  . ARG A 1 33 ? -11.247 1.617   -5.867  1.00 35.85 ? 44  ARG A CG  1 
ATOM   228 C CD  . ARG A 1 33 ? -11.364 2.205   -4.476  1.00 39.32 ? 44  ARG A CD  1 
ATOM   229 N NE  . ARG A 1 33 ? -11.797 1.213   -3.499  1.00 41.48 ? 44  ARG A NE  1 
ATOM   230 C CZ  . ARG A 1 33 ? -12.102 1.497   -2.238  1.00 43.62 ? 44  ARG A CZ  1 
ATOM   231 N NH1 . ARG A 1 33 ? -12.029 2.749   -1.805  1.00 44.78 ? 44  ARG A NH1 1 
ATOM   232 N NH2 . ARG A 1 33 ? -12.477 0.533   -1.410  1.00 44.68 ? 44  ARG A NH2 1 
ATOM   233 N N   . PHE A 1 34 ? -8.837  3.114   -9.654  1.00 31.25 ? 45  PHE A N   1 
ATOM   234 C CA  . PHE A 1 34 ? -8.307  4.085   -10.609 1.00 33.47 ? 45  PHE A CA  1 
ATOM   235 C C   . PHE A 1 34 ? -8.392  3.615   -12.056 1.00 34.50 ? 45  PHE A C   1 
ATOM   236 O O   . PHE A 1 34 ? -8.755  4.398   -12.939 1.00 35.23 ? 45  PHE A O   1 
ATOM   237 C CB  . PHE A 1 34 ? -6.850  4.407   -10.275 1.00 35.35 ? 45  PHE A CB  1 
ATOM   238 C CG  . PHE A 1 34 ? -6.689  5.608   -9.409  1.00 36.61 ? 45  PHE A CG  1 
ATOM   239 C CD1 . PHE A 1 34 ? -6.957  5.538   -8.055  1.00 37.34 ? 45  PHE A CD1 1 
ATOM   240 C CD2 . PHE A 1 34 ? -6.278  6.814   -9.952  1.00 37.37 ? 45  PHE A CD2 1 
ATOM   241 C CE1 . PHE A 1 34 ? -6.818  6.650   -7.255  1.00 38.07 ? 45  PHE A CE1 1 
ATOM   242 C CE2 . PHE A 1 34 ? -6.136  7.933   -9.156  1.00 37.78 ? 45  PHE A CE2 1 
ATOM   243 C CZ  . PHE A 1 34 ? -6.406  7.850   -7.805  1.00 38.14 ? 45  PHE A CZ  1 
ATOM   244 N N   . TYR A 1 35 ? -8.035  2.362   -12.327 1.00 35.87 ? 46  TYR A N   1 
ATOM   245 C CA  . TYR A 1 35 ? -7.906  1.872   -13.694 1.00 37.55 ? 46  TYR A CA  1 
ATOM   246 C C   . TYR A 1 35 ? -8.787  0.653   -13.959 1.00 42.35 ? 46  TYR A C   1 
ATOM   247 O O   . TYR A 1 35 ? -8.498  -0.143  -14.855 1.00 44.11 ? 46  TYR A O   1 
ATOM   248 C CB  . TYR A 1 35 ? -6.450  1.554   -14.025 1.00 33.94 ? 46  TYR A CB  1 
ATOM   249 C CG  . TYR A 1 35 ? -5.445  2.592   -13.586 1.00 29.81 ? 46  TYR A CG  1 
ATOM   250 C CD1 . TYR A 1 35 ? -5.242  3.757   -14.316 1.00 28.40 ? 46  TYR A CD1 1 
ATOM   251 C CD2 . TYR A 1 35 ? -4.677  2.393   -12.451 1.00 28.72 ? 46  TYR A CD2 1 
ATOM   252 C CE1 . TYR A 1 35 ? -4.311  4.697   -13.911 1.00 27.23 ? 46  TYR A CE1 1 
ATOM   253 C CE2 . TYR A 1 35 ? -3.747  3.322   -12.048 1.00 27.83 ? 46  TYR A CE2 1 
ATOM   254 C CZ  . TYR A 1 35 ? -3.562  4.466   -12.785 1.00 27.20 ? 46  TYR A CZ  1 
ATOM   255 O OH  . TYR A 1 35 ? -2.630  5.378   -12.365 1.00 28.27 ? 46  TYR A OH  1 
ATOM   256 N N   . GLY A 1 36 ? -9.862  0.500   -13.195 1.00 45.06 ? 47  GLY A N   1 
ATOM   257 C CA  . GLY A 1 36 ? -10.745 -0.643  -13.347 1.00 47.12 ? 47  GLY A CA  1 
ATOM   258 C C   . GLY A 1 36 ? -11.599 -0.618  -14.600 1.00 48.53 ? 47  GLY A C   1 
ATOM   259 O O   . GLY A 1 36 ? -11.256 0.025   -15.594 1.00 49.63 ? 47  GLY A O   1 
ATOM   260 N N   . GLU B 1 6  ? 2.434   10.164  9.944   1.00 47.87 ? 17  GLU B N   1 
ATOM   261 C CA  . GLU B 1 6  ? 2.367   8.855   9.300   1.00 47.03 ? 17  GLU B CA  1 
ATOM   262 C C   . GLU B 1 6  ? 3.210   7.773   10.004  1.00 42.86 ? 17  GLU B C   1 
ATOM   263 O O   . GLU B 1 6  ? 3.966   7.046   9.347   1.00 41.83 ? 17  GLU B O   1 
ATOM   264 C CB  . GLU B 1 6  ? 2.756   8.976   7.815   1.00 49.88 ? 17  GLU B CB  1 
ATOM   265 C CG  . GLU B 1 6  ? 4.200   9.430   7.528   1.00 52.34 ? 17  GLU B CG  1 
ATOM   266 C CD  . GLU B 1 6  ? 4.506   10.844  7.998   1.00 54.30 ? 17  GLU B CD  1 
ATOM   267 O OE1 . GLU B 1 6  ? 3.555   11.626  8.215   1.00 55.29 ? 17  GLU B OE1 1 
ATOM   268 O OE2 . GLU B 1 6  ? 5.702   11.172  8.157   1.00 54.70 ? 17  GLU B OE2 1 
ATOM   269 N N   . PRO B 1 7  ? 3.060   7.636   11.329  1.00 39.75 ? 18  PRO B N   1 
ATOM   270 C CA  . PRO B 1 7  ? 3.926   6.694   12.056  1.00 36.50 ? 18  PRO B CA  1 
ATOM   271 C C   . PRO B 1 7  ? 3.737   5.252   11.635  1.00 31.95 ? 18  PRO B C   1 
ATOM   272 O O   . PRO B 1 7  ? 4.703   4.481   11.650  1.00 30.16 ? 18  PRO B O   1 
ATOM   273 C CB  . PRO B 1 7  ? 3.537   6.903   13.528  1.00 38.06 ? 18  PRO B CB  1 
ATOM   274 C CG  . PRO B 1 7  ? 2.723   8.154   13.557  1.00 38.83 ? 18  PRO B CG  1 
ATOM   275 C CD  . PRO B 1 7  ? 2.052   8.226   12.223  1.00 39.10 ? 18  PRO B CD  1 
ATOM   276 N N   . LYS B 1 8  ? 2.519   4.853   11.273  1.00 30.76 ? 19  LYS B N   1 
ATOM   277 C CA  . LYS B 1 8  ? 2.306   3.476   10.850  1.00 28.74 ? 19  LYS B CA  1 
ATOM   278 C C   . LYS B 1 8  ? 3.055   3.186   9.565   1.00 25.55 ? 19  LYS B C   1 
ATOM   279 O O   . LYS B 1 8  ? 3.783   2.194   9.471   1.00 23.87 ? 19  LYS B O   1 
ATOM   280 C CB  . LYS B 1 8  ? 0.818   3.197   10.671  1.00 29.10 ? 19  LYS B CB  1 
ATOM   281 C CG  . LYS B 1 8  ? 0.077   3.107   11.976  1.00 30.89 ? 19  LYS B CG  1 
ATOM   282 C CD  . LYS B 1 8  ? -1.379  2.790   11.749  1.00 32.53 ? 19  LYS B CD  1 
ATOM   283 C CE  . LYS B 1 8  ? -2.152  2.966   13.035  1.00 34.70 ? 19  LYS B CE  1 
ATOM   284 N NZ  . LYS B 1 8  ? -1.454  2.292   14.163  1.00 36.32 ? 19  LYS B NZ  1 
ATOM   285 N N   . ARG B 1 9  ? 2.892   4.047   8.562   1.00 24.99 ? 20  ARG B N   1 
ATOM   286 C CA  . ARG B 1 9  ? 3.613   3.854   7.314   1.00 24.98 ? 20  ARG B CA  1 
ATOM   287 C C   . ARG B 1 9  ? 5.116   3.887   7.547   1.00 24.00 ? 20  ARG B C   1 
ATOM   288 O O   . ARG B 1 9  ? 5.840   3.023   7.055   1.00 23.89 ? 20  ARG B O   1 
ATOM   289 C CB  . ARG B 1 9  ? 3.178   4.894   6.281   1.00 27.13 ? 20  ARG B CB  1 
ATOM   290 C CG  . ARG B 1 9  ? 3.879   4.763   4.945   1.00 30.45 ? 20  ARG B CG  1 
ATOM   291 C CD  . ARG B 1 9  ? 3.215   5.647   3.899   1.00 33.51 ? 20  ARG B CD  1 
ATOM   292 N NE  . ARG B 1 9  ? 3.347   7.070   4.193   1.00 36.39 ? 20  ARG B NE  1 
ATOM   293 C CZ  . ARG B 1 9  ? 3.945   7.944   3.389   1.00 37.88 ? 20  ARG B CZ  1 
ATOM   294 N NH1 . ARG B 1 9  ? 4.023   9.223   3.734   1.00 37.80 ? 20  ARG B NH1 1 
ATOM   295 N NH2 . ARG B 1 9  ? 4.458   7.539   2.235   1.00 39.20 ? 20  ARG B NH2 1 
ATOM   296 N N   . GLU B 1 10 ? 5.604   4.858   8.324   1.00 24.18 ? 21  GLU B N   1 
ATOM   297 C CA  . GLU B 1 10 ? 7.048   4.961   8.511   1.00 25.40 ? 21  GLU B CA  1 
ATOM   298 C C   . GLU B 1 10 ? 7.623   3.707   9.166   1.00 22.49 ? 21  GLU B C   1 
ATOM   299 O O   . GLU B 1 10 ? 8.700   3.242   8.787   1.00 24.27 ? 21  GLU B O   1 
ATOM   300 C CB  . GLU B 1 10 ? 7.421   6.242   9.264   1.00 29.42 ? 21  GLU B CB  1 
ATOM   301 C CG  . GLU B 1 10 ? 7.164   6.213   10.747  1.00 31.94 ? 21  GLU B CG  1 
ATOM   302 C CD  . GLU B 1 10 ? 7.234   7.588   11.386  1.00 33.59 ? 21  GLU B CD  1 
ATOM   303 O OE1 . GLU B 1 10 ? 7.044   7.670   12.618  1.00 34.40 ? 21  GLU B OE1 1 
ATOM   304 O OE2 . GLU B 1 10 ? 7.474   8.582   10.667  1.00 34.61 ? 21  GLU B OE2 1 
ATOM   305 N N   . VAL B 1 11 ? 6.904   3.125   10.128  1.00 20.70 ? 22  VAL B N   1 
ATOM   306 C CA  . VAL B 1 11 ? 7.368   1.887   10.742  1.00 20.20 ? 22  VAL B CA  1 
ATOM   307 C C   . VAL B 1 11 ? 7.251   0.741   9.757   1.00 18.62 ? 22  VAL B C   1 
ATOM   308 O O   . VAL B 1 11 ? 8.196   -0.021  9.536   1.00 20.29 ? 22  VAL B O   1 
ATOM   309 C CB  . VAL B 1 11 ? 6.590   1.588   12.034  1.00 21.31 ? 22  VAL B CB  1 
ATOM   310 C CG1 . VAL B 1 11 ? 7.013   0.239   12.582  1.00 22.60 ? 22  VAL B CG1 1 
ATOM   311 C CG2 . VAL B 1 11 ? 6.825   2.670   13.056  1.00 21.44 ? 22  VAL B CG2 1 
ATOM   312 N N   . CYS B 1 12 ? 6.090   0.618   9.132   1.00 16.63 ? 23  CYS B N   1 
ATOM   313 C CA  . CYS B 1 12 ? 5.832   -0.534  8.295   1.00 16.58 ? 23  CYS B CA  1 
ATOM   314 C C   . CYS B 1 12 ? 6.698   -0.514  7.049   1.00 18.24 ? 23  CYS B C   1 
ATOM   315 O O   . CYS B 1 12 ? 7.192   -1.560  6.624   1.00 19.03 ? 23  CYS B O   1 
ATOM   316 C CB  . CYS B 1 12 ? 4.358   -0.535  7.928   1.00 14.41 ? 23  CYS B CB  1 
ATOM   317 S SG  . CYS B 1 12 ? 3.839   -1.881  6.897   1.00 14.39 ? 23  CYS B SG  1 
ATOM   318 N N   . GLU B 1 13 ? 6.907   0.666   6.456   1.00 20.29 ? 24  GLU B N   1 
ATOM   319 C CA  . GLU B 1 13 ? 7.600   0.715   5.175   1.00 25.92 ? 24  GLU B CA  1 
ATOM   320 C C   . GLU B 1 13 ? 9.063   0.363   5.321   1.00 28.23 ? 24  GLU B C   1 
ATOM   321 O O   . GLU B 1 13 ? 9.698   -0.007  4.332   1.00 29.77 ? 24  GLU B O   1 
ATOM   322 C CB  . GLU B 1 13 ? 7.458   2.084   4.512   1.00 29.84 ? 24  GLU B CB  1 
ATOM   323 C CG  . GLU B 1 13 ? 8.307   3.164   5.147   1.00 34.49 ? 24  GLU B CG  1 
ATOM   324 C CD  . GLU B 1 13 ? 7.985   4.536   4.606   1.00 38.31 ? 24  GLU B CD  1 
ATOM   325 O OE1 . GLU B 1 13 ? 8.610   5.519   5.066   1.00 39.91 ? 24  GLU B OE1 1 
ATOM   326 O OE2 . GLU B 1 13 ? 7.105   4.631   3.721   1.00 39.55 ? 24  GLU B OE2 1 
ATOM   327 N N   . LEU B 1 14 ? 9.603   0.461   6.531   1.00 28.22 ? 25  LEU B N   1 
ATOM   328 C CA  . LEU B 1 14 ? 10.980  0.075   6.764   1.00 29.71 ? 25  LEU B CA  1 
ATOM   329 C C   . LEU B 1 14 ? 11.144  -1.431  6.895   1.00 30.22 ? 25  LEU B C   1 
ATOM   330 O O   . LEU B 1 14 ? 12.237  -1.941  6.640   1.00 32.17 ? 25  LEU B O   1 
ATOM   331 C CB  . LEU B 1 14 ? 11.516  0.802   7.994   1.00 28.95 ? 25  LEU B CB  1 
ATOM   332 C CG  . LEU B 1 14 ? 11.704  2.301   7.773   1.00 27.52 ? 25  LEU B CG  1 
ATOM   333 C CD1 . LEU B 1 14 ? 12.250  2.954   9.034   1.00 26.62 ? 25  LEU B CD1 1 
ATOM   334 C CD2 . LEU B 1 14 ? 12.600  2.574   6.555   1.00 28.33 ? 25  LEU B CD2 1 
ATOM   335 N N   . ASN B 1 15 ? 10.083  -2.151  7.251   1.00 27.07 ? 26  ASN B N   1 
ATOM   336 C CA  . ASN B 1 15 ? 10.149  -3.593  7.408   1.00 26.50 ? 26  ASN B CA  1 
ATOM   337 C C   . ASN B 1 15 ? 9.705   -4.242  6.108   1.00 23.85 ? 26  ASN B C   1 
ATOM   338 O O   . ASN B 1 15 ? 8.535   -4.095  5.727   1.00 23.12 ? 26  ASN B O   1 
ATOM   339 C CB  . ASN B 1 15 ? 9.223   -4.038  8.520   1.00 26.71 ? 26  ASN B CB  1 
ATOM   340 C CG  . ASN B 1 15 ? 9.299   -5.520  8.788   1.00 28.52 ? 26  ASN B CG  1 
ATOM   341 O OD1 . ASN B 1 15 ? 8.800   -6.337  8.008   1.00 28.97 ? 26  ASN B OD1 1 
ATOM   342 N ND2 . ASN B 1 15 ? 9.911   -5.880  9.900   1.00 29.79 ? 26  ASN B ND2 1 
ATOM   343 N N   . PRO B 1 16 ? 10.572  -4.985  5.424   1.00 24.18 ? 27  PRO B N   1 
ATOM   344 C CA  . PRO B 1 16 ? 10.201  -5.493  4.095   1.00 23.49 ? 27  PRO B CA  1 
ATOM   345 C C   . PRO B 1 16 ? 8.946   -6.344  4.099   1.00 21.75 ? 27  PRO B C   1 
ATOM   346 O O   . PRO B 1 16 ? 8.155   -6.260  3.158   1.00 22.09 ? 27  PRO B O   1 
ATOM   347 C CB  . PRO B 1 16 ? 11.435  -6.297  3.664   1.00 25.69 ? 27  PRO B CB  1 
ATOM   348 C CG  . PRO B 1 16 ? 12.519  -5.877  4.551   1.00 26.79 ? 27  PRO B CG  1 
ATOM   349 C CD  . PRO B 1 16 ? 11.914  -5.417  5.835   1.00 24.94 ? 27  PRO B CD  1 
ATOM   350 N N   . ASP B 1 17 ? 8.727   -7.147  5.141   1.00 21.69 ? 28  ASP B N   1 
ATOM   351 C CA  . ASP B 1 17 ? 7.526   -7.972  5.184   1.00 22.40 ? 28  ASP B CA  1 
ATOM   352 C C   . ASP B 1 17 ? 6.288   -7.122  5.415   1.00 18.73 ? 28  ASP B C   1 
ATOM   353 O O   . ASP B 1 17 ? 5.235   -7.368  4.819   1.00 18.75 ? 28  ASP B O   1 
ATOM   354 C CB  . ASP B 1 17 ? 7.642   -9.018  6.285   1.00 25.92 ? 28  ASP B CB  1 
ATOM   355 C CG  . ASP B 1 17 ? 8.720   -10.029 6.008   1.00 29.14 ? 28  ASP B CG  1 
ATOM   356 O OD1 . ASP B 1 17 ? 8.973   -10.312 4.820   1.00 28.70 ? 28  ASP B OD1 1 
ATOM   357 O OD2 . ASP B 1 17 ? 9.313   -10.536 6.980   1.00 32.28 ? 28  ASP B OD2 1 
ATOM   358 N N   . CYS B 1 18 ? 6.383   -6.132  6.295   1.00 17.72 ? 29  CYS B N   1 
ATOM   359 C CA  . CYS B 1 18 ? 5.228   -5.278  6.495   1.00 16.20 ? 29  CYS B CA  1 
ATOM   360 C C   . CYS B 1 18 ? 4.953   -4.478  5.243   1.00 14.04 ? 29  CYS B C   1 
ATOM   361 O O   . CYS B 1 18 ? 3.802   -4.340  4.824   1.00 14.33 ? 29  CYS B O   1 
ATOM   362 C CB  . CYS B 1 18 ? 5.455   -4.337  7.673   1.00 15.97 ? 29  CYS B CB  1 
ATOM   363 S SG  . CYS B 1 18 ? 3.942   -3.484  8.113   1.00 15.47 ? 29  CYS B SG  1 
ATOM   364 N N   . ASP B 1 19 ? 6.004   -3.971  4.610   1.00 15.24 ? 30  ASP B N   1 
ATOM   365 C CA  . ASP B 1 19 ? 5.803   -3.161  3.422   1.00 16.19 ? 30  ASP B CA  1 
ATOM   366 C C   . ASP B 1 19 ? 5.203   -3.985  2.293   1.00 15.53 ? 30  ASP B C   1 
ATOM   367 O O   . ASP B 1 19 ? 4.337   -3.503  1.563   1.00 15.45 ? 30  ASP B O   1 
ATOM   368 C CB  . ASP B 1 19 ? 7.112   -2.519  2.987   1.00 18.16 ? 30  ASP B CB  1 
ATOM   369 C CG  . ASP B 1 19 ? 6.912   -1.553  1.863   1.00 21.08 ? 30  ASP B CG  1 
ATOM   370 O OD1 . ASP B 1 19 ? 6.170   -0.581  2.052   1.00 21.99 ? 30  ASP B OD1 1 
ATOM   371 O OD2 . ASP B 1 19 ? 7.468   -1.777  0.776   1.00 22.84 ? 30  ASP B OD2 1 
ATOM   372 N N   . GLU B 1 20 ? 5.663   -5.229  2.133   1.00 16.60 ? 31  GLU B N   1 
ATOM   373 C CA  . GLU B 1 20 ? 5.078   -6.116  1.139   1.00 18.75 ? 31  GLU B CA  1 
ATOM   374 C C   . GLU B 1 20 ? 3.601   -6.351  1.422   1.00 17.11 ? 31  GLU B C   1 
ATOM   375 O O   . GLU B 1 20 ? 2.767   -6.312  0.515   1.00 17.09 ? 31  GLU B O   1 
ATOM   376 C CB  . GLU B 1 20 ? 5.826   -7.447  1.137   1.00 22.88 ? 31  GLU B CB  1 
ATOM   377 C CG  . GLU B 1 20 ? 5.194   -8.511  0.251   1.00 28.80 ? 31  GLU B CG  1 
ATOM   378 C CD  . GLU B 1 20 ? 5.517   -8.315  -1.218  1.00 35.78 ? 31  GLU B CD  1 
ATOM   379 O OE1 . GLU B 1 20 ? 6.273   -7.373  -1.545  1.00 37.75 ? 31  GLU B OE1 1 
ATOM   380 O OE2 . GLU B 1 20 ? 5.022   -9.108  -2.043  1.00 38.34 ? 31  GLU B OE2 1 
ATOM   381 N N   . LEU B 1 21 ? 3.256   -6.595  2.682   1.00 15.92 ? 32  LEU B N   1 
ATOM   382 C CA  . LEU B 1 21 ? 1.850   -6.727  3.036   1.00 15.68 ? 32  LEU B CA  1 
ATOM   383 C C   . LEU B 1 21 ? 1.086   -5.450  2.719   1.00 12.94 ? 32  LEU B C   1 
ATOM   384 O O   . LEU B 1 21 ? -0.021  -5.495  2.173   1.00 13.73 ? 32  LEU B O   1 
ATOM   385 C CB  . LEU B 1 21 ? 1.740   -7.088  4.510   1.00 16.96 ? 32  LEU B CB  1 
ATOM   386 C CG  . LEU B 1 21 ? 0.319   -7.362  4.977   1.00 17.56 ? 32  LEU B CG  1 
ATOM   387 C CD1 . LEU B 1 21 ? -0.325  -8.497  4.184   1.00 18.99 ? 32  LEU B CD1 1 
ATOM   388 C CD2 . LEU B 1 21 ? 0.345   -7.686  6.456   1.00 19.72 ? 32  LEU B CD2 1 
ATOM   389 N N   . ALA B 1 22 ? 1.682   -4.294  3.016   1.00 13.30 ? 33  ALA B N   1 
ATOM   390 C CA  . ALA B 1 22 ? 1.028   -3.022  2.732   1.00 13.76 ? 33  ALA B CA  1 
ATOM   391 C C   . ALA B 1 22 ? 0.812   -2.818  1.246   1.00 13.60 ? 33  ALA B C   1 
ATOM   392 O O   . ALA B 1 22 ? -0.175  -2.200  0.850   1.00 13.98 ? 33  ALA B O   1 
ATOM   393 C CB  . ALA B 1 22 ? 1.843   -1.871  3.315   1.00 13.82 ? 33  ALA B CB  1 
ATOM   394 N N   . ASP B 1 23 ? 1.700   -3.358  0.412   1.00 14.23 ? 34  ASP B N   1 
ATOM   395 C CA  . ASP B 1 23 ? 1.474   -3.324  -1.027  1.00 14.75 ? 34  ASP B CA  1 
ATOM   396 C C   . ASP B 1 23 ? 0.137   -3.940  -1.376  1.00 14.19 ? 34  ASP B C   1 
ATOM   397 O O   . ASP B 1 23 ? -0.487  -3.557  -2.365  1.00 15.76 ? 34  ASP B O   1 
ATOM   398 C CB  . ASP B 1 23 ? 2.552   -4.124  -1.752  1.00 16.53 ? 34  ASP B CB  1 
ATOM   399 C CG  . ASP B 1 23 ? 3.874   -3.416  -1.824  1.00 20.19 ? 34  ASP B CG  1 
ATOM   400 O OD1 . ASP B 1 23 ? 3.954   -2.205  -1.546  1.00 19.44 ? 34  ASP B OD1 1 
ATOM   401 O OD2 . ASP B 1 23 ? 4.844   -4.102  -2.191  1.00 22.82 ? 34  ASP B OD2 1 
ATOM   402 N N   . HIS B 1 24 ? -0.308  -4.908  -0.587  1.00 14.49 ? 35  HIS B N   1 
ATOM   403 C CA  . HIS B 1 24 ? -1.536  -5.617  -0.906  1.00 14.93 ? 35  HIS B CA  1 
ATOM   404 C C   . HIS B 1 24 ? -2.749  -5.088  -0.183  1.00 13.99 ? 35  HIS B C   1 
ATOM   405 O O   . HIS B 1 24 ? -3.838  -5.075  -0.748  1.00 14.73 ? 35  HIS B O   1 
ATOM   406 C CB  . HIS B 1 24 ? -1.385  -7.099  -0.595  1.00 18.58 ? 35  HIS B CB  1 
ATOM   407 C CG  . HIS B 1 24 ? -0.299  -7.740  -1.379  1.00 21.85 ? 35  HIS B CG  1 
ATOM   408 N ND1 . HIS B 1 24 ? -0.377  -7.921  -2.741  1.00 25.16 ? 35  HIS B ND1 1 
ATOM   409 C CD2 . HIS B 1 24 ? 0.908   -8.212  -1.000  1.00 24.67 ? 35  HIS B CD2 1 
ATOM   410 C CE1 . HIS B 1 24 ? 0.734   -8.493  -3.166  1.00 25.07 ? 35  HIS B CE1 1 
ATOM   411 N NE2 . HIS B 1 24 ? 1.530   -8.680  -2.129  1.00 26.59 ? 35  HIS B NE2 1 
ATOM   412 N N   . ILE B 1 25 ? -2.598  -4.665  1.069   1.00 13.90 ? 36  ILE B N   1 
ATOM   413 C CA  . ILE B 1 25 ? -3.747  -4.317  1.887   1.00 13.84 ? 36  ILE B CA  1 
ATOM   414 C C   . ILE B 1 25 ? -3.635  -2.940  2.514   1.00 13.39 ? 36  ILE B C   1 
ATOM   415 O O   . ILE B 1 25 ? -4.513  -2.552  3.279   1.00 13.82 ? 36  ILE B O   1 
ATOM   416 C CB  . ILE B 1 25 ? -4.039  -5.394  2.955   1.00 15.27 ? 36  ILE B CB  1 
ATOM   417 C CG1 . ILE B 1 25 ? -2.912  -5.472  3.989   1.00 15.81 ? 36  ILE B CG1 1 
ATOM   418 C CG2 . ILE B 1 25 ? -4.237  -6.744  2.294   1.00 16.94 ? 36  ILE B CG2 1 
ATOM   419 C CD1 . ILE B 1 25 ? -3.168  -6.470  5.107   1.00 18.12 ? 36  ILE B CD1 1 
ATOM   420 N N   . GLY B 1 26 ? -2.602  -2.176  2.198   1.00 13.22 ? 37  GLY B N   1 
ATOM   421 C CA  . GLY B 1 26 ? -2.431  -0.843  2.726   1.00 13.18 ? 37  GLY B CA  1 
ATOM   422 C C   . GLY B 1 26 ? -1.696  -0.839  4.053   1.00 12.67 ? 37  GLY B C   1 
ATOM   423 O O   . GLY B 1 26 ? -1.599  -1.843  4.756   1.00 12.51 ? 37  GLY B O   1 
ATOM   424 N N   . PHE B 1 27 ? -1.194  0.339   4.412   1.00 13.28 ? 38  PHE B N   1 
ATOM   425 C CA  . PHE B 1 27 ? -0.329  0.427   5.576   1.00 14.44 ? 38  PHE B CA  1 
ATOM   426 C C   . PHE B 1 27 ? -1.086  0.243   6.876   1.00 14.72 ? 38  PHE B C   1 
ATOM   427 O O   . PHE B 1 27 ? -0.532  -0.296  7.832   1.00 15.54 ? 38  PHE B O   1 
ATOM   428 C CB  . PHE B 1 27 ? 0.438   1.742   5.570   1.00 15.48 ? 38  PHE B CB  1 
ATOM   429 C CG  . PHE B 1 27 ? 1.587   1.734   4.630   1.00 15.74 ? 38  PHE B CG  1 
ATOM   430 C CD1 . PHE B 1 27 ? 2.709   0.965   4.899   1.00 15.35 ? 38  PHE B CD1 1 
ATOM   431 C CD2 . PHE B 1 27 ? 1.545   2.469   3.461   1.00 16.68 ? 38  PHE B CD2 1 
ATOM   432 C CE1 . PHE B 1 27 ? 3.784   0.936   4.016   1.00 16.22 ? 38  PHE B CE1 1 
ATOM   433 C CE2 . PHE B 1 27 ? 2.614   2.443   2.583   1.00 17.98 ? 38  PHE B CE2 1 
ATOM   434 C CZ  . PHE B 1 27 ? 3.730   1.674   2.862   1.00 17.02 ? 38  PHE B CZ  1 
ATOM   435 N N   . GLN B 1 28 ? -2.334  0.687   6.947   1.00 15.86 ? 39  GLN B N   1 
ATOM   436 C CA  . GLN B 1 28 ? -3.047  0.585   8.215   1.00 17.43 ? 39  GLN B CA  1 
ATOM   437 C C   . GLN B 1 28 ? -3.340  -0.869  8.556   1.00 16.51 ? 39  GLN B C   1 
ATOM   438 O O   . GLN B 1 28 ? -3.129  -1.307  9.693   1.00 18.19 ? 39  GLN B O   1 
ATOM   439 C CB  . GLN B 1 28 ? -4.329  1.413   8.166   1.00 20.09 ? 39  GLN B CB  1 
ATOM   440 C CG  . GLN B 1 28 ? -4.075  2.916   8.132   1.00 22.15 ? 39  GLN B CG  1 
ATOM   441 C CD  . GLN B 1 28 ? -3.537  3.403   6.790   1.00 25.55 ? 39  GLN B CD  1 
ATOM   442 O OE1 . GLN B 1 28 ? -3.879  2.863   5.736   1.00 24.71 ? 39  GLN B OE1 1 
ATOM   443 N NE2 . GLN B 1 28 ? -2.679  4.420   6.830   1.00 28.55 ? 39  GLN B NE2 1 
ATOM   444 N N   . GLU B 1 29 ? -3.824  -1.634  7.575   1.00 17.24 ? 40  GLU B N   1 
ATOM   445 C CA  . GLU B 1 29 ? -4.070  -3.054  7.790   1.00 17.14 ? 40  GLU B CA  1 
ATOM   446 C C   . GLU B 1 29 ? -2.768  -3.809  7.993   1.00 15.78 ? 40  GLU B C   1 
ATOM   447 O O   . GLU B 1 29 ? -2.690  -4.703  8.840   1.00 17.38 ? 40  GLU B O   1 
ATOM   448 C CB  . GLU B 1 29 ? -4.822  -3.634  6.594   1.00 19.02 ? 40  GLU B CB  1 
ATOM   449 C CG  . GLU B 1 29 ? -6.263  -3.211  6.485   1.00 21.95 ? 40  GLU B CG  1 
ATOM   450 C CD  . GLU B 1 29 ? -7.178  -4.004  7.390   1.00 24.78 ? 40  GLU B CD  1 
ATOM   451 O OE1 . GLU B 1 29 ? -6.720  -4.947  8.073   1.00 26.64 ? 40  GLU B OE1 1 
ATOM   452 O OE2 . GLU B 1 29 ? -8.374  -3.686  7.387   1.00 26.24 ? 40  GLU B OE2 1 
ATOM   453 N N   . ALA B 1 30 ? -1.740  -3.487  7.205   1.00 15.51 ? 41  ALA B N   1 
ATOM   454 C CA  . ALA B 1 30 ? -0.477  -4.188  7.368   1.00 15.25 ? 41  ALA B CA  1 
ATOM   455 C C   . ALA B 1 30 ? 0.106   -3.916  8.739   1.00 16.97 ? 41  ALA B C   1 
ATOM   456 O O   . ALA B 1 30 ? 0.521   -4.838  9.446   1.00 18.47 ? 41  ALA B O   1 
ATOM   457 C CB  . ALA B 1 30 ? 0.500   -3.757  6.282   1.00 15.48 ? 41  ALA B CB  1 
ATOM   458 N N   . TYR B 1 31 ? 0.109   -2.647  9.143   1.00 16.97 ? 42  TYR B N   1 
ATOM   459 C CA  . TYR B 1 31 ? 0.608   -2.288  10.463  1.00 18.37 ? 42  TYR B CA  1 
ATOM   460 C C   . TYR B 1 31 ? -0.163  -3.023  11.549  1.00 20.25 ? 42  TYR B C   1 
ATOM   461 O O   . TYR B 1 31 ? 0.431   -3.574  12.478  1.00 22.19 ? 42  TYR B O   1 
ATOM   462 C CB  . TYR B 1 31 ? 0.500   -0.780  10.652  1.00 20.03 ? 42  TYR B CB  1 
ATOM   463 C CG  . TYR B 1 31 ? 1.087   -0.287  11.953  1.00 22.09 ? 42  TYR B CG  1 
ATOM   464 C CD1 . TYR B 1 31 ? 0.353   -0.328  13.134  1.00 23.24 ? 42  TYR B CD1 1 
ATOM   465 C CD2 . TYR B 1 31 ? 2.376   0.220   12.005  1.00 22.77 ? 42  TYR B CD2 1 
ATOM   466 C CE1 . TYR B 1 31 ? 0.888   0.120   14.321  1.00 24.27 ? 42  TYR B CE1 1 
ATOM   467 C CE2 . TYR B 1 31 ? 2.913   0.667   13.179  1.00 24.56 ? 42  TYR B CE2 1 
ATOM   468 C CZ  . TYR B 1 31 ? 2.167   0.619   14.332  1.00 24.86 ? 42  TYR B CZ  1 
ATOM   469 O OH  . TYR B 1 31 ? 2.715   1.069   15.507  1.00 26.81 ? 42  TYR B OH  1 
ATOM   470 N N   . ARG B 1 32 ? -1.493  -3.046  11.441  1.00 21.22 ? 43  ARG B N   1 
ATOM   471 C CA  . ARG B 1 32 ? -2.304  -3.732  12.438  1.00 23.30 ? 43  ARG B CA  1 
ATOM   472 C C   . ARG B 1 32 ? -1.929  -5.203  12.531  1.00 25.04 ? 43  ARG B C   1 
ATOM   473 O O   . ARG B 1 32 ? -1.803  -5.753  13.630  1.00 27.48 ? 43  ARG B O   1 
ATOM   474 C CB  . ARG B 1 32 ? -3.788  -3.565  12.109  1.00 23.23 ? 43  ARG B CB  1 
ATOM   475 C CG  . ARG B 1 32 ? -4.724  -4.304  13.054  1.00 24.41 ? 43  ARG B CG  1 
ATOM   476 C CD  . ARG B 1 32 ? -6.175  -4.077  12.673  1.00 26.19 ? 43  ARG B CD  1 
ATOM   477 N NE  . ARG B 1 32 ? -7.062  -4.994  13.379  1.00 30.80 ? 43  ARG B NE  1 
ATOM   478 C CZ  . ARG B 1 32 ? -7.421  -4.850  14.649  1.00 34.07 ? 43  ARG B CZ  1 
ATOM   479 N NH1 . ARG B 1 32 ? -6.961  -3.823  15.357  1.00 34.65 ? 43  ARG B NH1 1 
ATOM   480 N NH2 . ARG B 1 32 ? -8.233  -5.735  15.216  1.00 35.33 ? 43  ARG B NH2 1 
ATOM   481 N N   . ARG B 1 33 ? -1.717  -5.852  11.390  1.00 25.68 ? 44  ARG B N   1 
ATOM   482 C CA  . ARG B 1 33 ? -1.377  -7.267  11.419  1.00 28.41 ? 44  ARG B CA  1 
ATOM   483 C C   . ARG B 1 33 ? 0.045   -7.510  11.911  1.00 30.21 ? 44  ARG B C   1 
ATOM   484 O O   . ARG B 1 33 ? 0.320   -8.562  12.497  1.00 32.14 ? 44  ARG B O   1 
ATOM   485 C CB  . ARG B 1 33 ? -1.636  -7.899  10.056  1.00 30.71 ? 44  ARG B CB  1 
ATOM   486 C CG  . ARG B 1 33 ? -3.106  -7.909  9.710   1.00 33.73 ? 44  ARG B CG  1 
ATOM   487 C CD  . ARG B 1 33 ? -3.368  -8.582  8.388   1.00 37.00 ? 44  ARG B CD  1 
ATOM   488 N NE  . ARG B 1 33 ? -4.704  -8.265  7.909   1.00 38.52 ? 44  ARG B NE  1 
ATOM   489 C CZ  . ARG B 1 33 ? -5.279  -8.850  6.868   1.00 40.55 ? 44  ARG B CZ  1 
ATOM   490 N NH1 . ARG B 1 33 ? -4.632  -9.792  6.195   1.00 41.39 ? 44  ARG B NH1 1 
ATOM   491 N NH2 . ARG B 1 33 ? -6.500  -8.491  6.501   1.00 41.28 ? 44  ARG B NH2 1 
ATOM   492 N N   . PHE B 1 34 ? 0.951   -6.552  11.705  1.00 30.61 ? 45  PHE B N   1 
ATOM   493 C CA  . PHE B 1 34 ? 2.336   -6.712  12.137  1.00 32.20 ? 45  PHE B CA  1 
ATOM   494 C C   . PHE B 1 34 ? 2.586   -6.189  13.543  1.00 33.42 ? 45  PHE B C   1 
ATOM   495 O O   . PHE B 1 34 ? 3.317   -6.815  14.320  1.00 34.10 ? 45  PHE B O   1 
ATOM   496 C CB  . PHE B 1 34 ? 3.274   -5.997  11.167  1.00 33.74 ? 45  PHE B CB  1 
ATOM   497 C CG  . PHE B 1 34 ? 3.798   -6.883  10.094  1.00 34.64 ? 45  PHE B CG  1 
ATOM   498 C CD1 . PHE B 1 34 ? 2.993   -7.246  9.034   1.00 35.23 ? 45  PHE B CD1 1 
ATOM   499 C CD2 . PHE B 1 34 ? 5.090   -7.371  10.155  1.00 35.34 ? 45  PHE B CD2 1 
ATOM   500 C CE1 . PHE B 1 34 ? 3.470   -8.072  8.045   1.00 36.06 ? 45  PHE B CE1 1 
ATOM   501 C CE2 . PHE B 1 34 ? 5.576   -8.199  9.171   1.00 35.99 ? 45  PHE B CE2 1 
ATOM   502 C CZ  . PHE B 1 34 ? 4.763   -8.551  8.112   1.00 36.24 ? 45  PHE B CZ  1 
ATOM   503 N N   . TYR B 1 35 ? 2.014   -5.044  13.883  1.00 35.68 ? 46  TYR B N   1 
ATOM   504 C CA  . TYR B 1 35 ? 2.296   -4.379  15.144  1.00 37.98 ? 46  TYR B CA  1 
ATOM   505 C C   . TYR B 1 35 ? 1.035   -4.245  15.991  1.00 43.40 ? 46  TYR B C   1 
ATOM   506 O O   . TYR B 1 35 ? 0.791   -3.215  16.623  1.00 45.07 ? 46  TYR B O   1 
ATOM   507 C CB  . TYR B 1 35 ? 2.978   -3.035  14.900  1.00 34.26 ? 46  TYR B CB  1 
ATOM   508 C CG  . TYR B 1 35 ? 4.131   -3.112  13.918  1.00 29.89 ? 46  TYR B CG  1 
ATOM   509 C CD1 . TYR B 1 35 ? 5.375   -3.611  14.299  1.00 28.43 ? 46  TYR B CD1 1 
ATOM   510 C CD2 . TYR B 1 35 ? 3.977   -2.685  12.607  1.00 28.78 ? 46  TYR B CD2 1 
ATOM   511 C CE1 . TYR B 1 35 ? 6.421   -3.680  13.395  1.00 27.23 ? 46  TYR B CE1 1 
ATOM   512 C CE2 . TYR B 1 35 ? 5.024   -2.745  11.704  1.00 27.36 ? 46  TYR B CE2 1 
ATOM   513 C CZ  . TYR B 1 35 ? 6.242   -3.241  12.106  1.00 27.49 ? 46  TYR B CZ  1 
ATOM   514 O OH  . TYR B 1 35 ? 7.272   -3.293  11.197  1.00 28.49 ? 46  TYR B OH  1 
ATOM   515 N N   . GLY B 1 36 ? 0.221   -5.296  16.014  1.00 46.37 ? 47  GLY B N   1 
ATOM   516 C CA  . GLY B 1 36 ? -1.012  -5.290  16.778  1.00 48.83 ? 47  GLY B CA  1 
ATOM   517 C C   . GLY B 1 36 ? -0.793  -5.371  18.276  1.00 50.78 ? 47  GLY B C   1 
ATOM   518 O O   . GLY B 1 36 ? -0.222  -6.339  18.779  1.00 52.21 ? 47  GLY B O   1 
HETATM 519 O O   . HOH C 2 .  ? 4.785   3.708   -3.599  1.00 33.18 ? 101 HOH A O   1 
HETATM 520 O O   . HOH C 2 .  ? 1.616   2.735   -1.704  1.00 23.68 ? 102 HOH A O   1 
HETATM 521 O O   . HOH C 2 .  ? 2.098   7.823   -1.403  1.00 39.47 ? 103 HOH A O   1 
HETATM 522 O O   . HOH C 2 .  ? -11.951 2.091   -13.471 1.00 47.04 ? 104 HOH A O   1 
HETATM 523 O O   . HOH C 2 .  ? -9.211  -5.333  -0.348  1.00 28.27 ? 105 HOH A O   1 
HETATM 524 O O   . HOH C 2 .  ? -4.677  -0.542  5.158   1.00 16.60 ? 106 HOH A O   1 
HETATM 525 O O   . HOH C 2 .  ? -6.619  -4.324  -9.484  1.00 27.02 ? 107 HOH A O   1 
HETATM 526 O O   . HOH C 2 .  ? 4.066   5.154   -0.017  1.00 43.71 ? 108 HOH A O   1 
HETATM 527 O O   . HOH C 2 .  ? -1.927  -3.173  -16.034 1.00 52.63 ? 109 HOH A O   1 
HETATM 528 O O   . HOH C 2 .  ? -5.801  9.275   -3.598  1.00 32.08 ? 110 HOH A O   1 
HETATM 529 O O   . HOH C 2 .  ? 1.462   9.727   -3.572  1.00 40.40 ? 111 HOH A O   1 
HETATM 530 O O   . HOH C 2 .  ? -7.152  -3.903  0.728   1.00 21.15 ? 112 HOH A O   1 
HETATM 531 O O   . HOH C 2 .  ? -13.678 3.351   -9.696  1.00 49.75 ? 113 HOH A O   1 
HETATM 532 O O   . HOH C 2 .  ? -17.795 -5.235  -8.884  1.00 56.06 ? 114 HOH A O   1 
HETATM 533 O O   . HOH C 2 .  ? 6.237   -2.838  -9.254  1.00 53.27 ? 115 HOH A O   1 
HETATM 534 O O   . HOH C 2 .  ? 3.308   9.247   -7.838  1.00 36.56 ? 116 HOH A O   1 
HETATM 535 O O   . HOH C 2 .  ? 1.540   -5.179  -6.016  1.00 42.23 ? 117 HOH A O   1 
HETATM 536 O O   . HOH C 2 .  ? -11.495 5.088   -3.540  1.00 54.99 ? 118 HOH A O   1 
HETATM 537 O O   . HOH C 2 .  ? -4.655  11.814  -3.360  1.00 60.02 ? 119 HOH A O   1 
HETATM 538 O O   . HOH C 2 .  ? 0.995   0.457   -0.246  1.00 22.09 ? 120 HOH A O   1 
HETATM 539 O O   . HOH C 2 .  ? -2.316  12.207  -10.853 1.00 51.65 ? 121 HOH A O   1 
HETATM 540 O O   . HOH C 2 .  ? -4.743  15.581  -9.025  1.00 51.88 ? 122 HOH A O   1 
HETATM 541 O O   . HOH C 2 .  ? 3.465   9.157   -4.737  1.00 40.17 ? 123 HOH A O   1 
HETATM 542 O O   . HOH C 2 .  ? -8.753  -3.093  -13.424 1.00 54.62 ? 124 HOH A O   1 
HETATM 543 O O   . HOH C 2 .  ? 5.960   5.574   -5.725  1.00 45.99 ? 125 HOH A O   1 
HETATM 544 O O   . HOH C 2 .  ? -5.576  10.248  0.932   1.00 49.64 ? 126 HOH A O   1 
HETATM 545 O O   . HOH C 2 .  ? -6.386  8.405   -1.045  1.00 38.15 ? 127 HOH A O   1 
HETATM 546 O O   . HOH C 2 .  ? -8.274  -4.274  -11.480 1.00 41.78 ? 128 HOH A O   1 
HETATM 547 O O   . HOH D 2 .  ? -6.791  -9.922  4.527   1.00 43.72 ? 101 HOH B O   1 
HETATM 548 O O   . HOH D 2 .  ? -1.168  -10.125 13.759  1.00 56.63 ? 102 HOH B O   1 
HETATM 549 O O   . HOH D 2 .  ? 3.500   -0.489  0.302   1.00 24.71 ? 103 HOH B O   1 
HETATM 550 O O   . HOH D 2 .  ? 1.571   0.223   17.703  1.00 48.74 ? 104 HOH B O   1 
HETATM 551 O O   . HOH D 2 .  ? 4.562   -6.498  -3.343  1.00 46.70 ? 105 HOH B O   1 
HETATM 552 O O   . HOH D 2 .  ? 7.248   -3.777  -1.158  1.00 36.85 ? 106 HOH B O   1 
HETATM 553 O O   . HOH D 2 .  ? 8.998   -5.153  0.899   1.00 41.11 ? 107 HOH B O   1 
HETATM 554 O O   . HOH D 2 .  ? -5.257  -3.769  -2.601  1.00 16.27 ? 108 HOH B O   1 
HETATM 555 O O   . HOH D 2 .  ? 5.961   -0.570  -2.283  1.00 42.36 ? 109 HOH B O   1 
HETATM 556 O O   . HOH D 2 .  ? 4.519   -9.764  3.816   1.00 29.54 ? 110 HOH B O   1 
HETATM 557 O O   . HOH D 2 .  ? -3.105  0.075   12.018  1.00 25.86 ? 111 HOH B O   1 
HETATM 558 O O   . HOH D 2 .  ? 7.011   1.423   0.433   1.00 34.73 ? 112 HOH B O   1 
HETATM 559 O O   . HOH D 2 .  ? -9.091  -2.590  4.965   1.00 27.08 ? 113 HOH B O   1 
HETATM 560 O O   . HOH D 2 .  ? -7.268  -2.394  2.974   1.00 21.46 ? 114 HOH B O   1 
HETATM 561 O O   . HOH D 2 .  ? -6.310  -7.082  11.550  1.00 43.84 ? 115 HOH B O   1 
HETATM 562 O O   . HOH D 2 .  ? 6.954   -10.814 2.826   1.00 61.33 ? 116 HOH B O   1 
HETATM 563 O O   . HOH D 2 .  ? 6.223   3.497   1.207   1.00 42.04 ? 117 HOH B O   1 
HETATM 564 O O   . HOH D 2 .  ? 9.685   1.167   1.661   1.00 53.27 ? 118 HOH B O   1 
HETATM 565 O O   . HOH D 2 .  ? 0.636   5.908   8.322   1.00 36.86 ? 119 HOH B O   1 
HETATM 566 O O   . HOH D 2 .  ? 0.209   6.591   10.535  1.00 43.01 ? 120 HOH B O   1 
HETATM 567 O O   . HOH D 2 .  ? 3.195   -10.955 -0.547  1.00 48.64 ? 121 HOH B O   1 
HETATM 568 O O   . HOH D 2 .  ? 11.336  -2.438  3.633   1.00 45.10 ? 122 HOH B O   1 
HETATM 569 O O   . HOH D 2 .  ? -1.839  5.428   9.545   1.00 44.69 ? 123 HOH B O   1 
HETATM 570 O O   . HOH D 2 .  ? -8.856  -3.477  17.683  1.00 58.29 ? 124 HOH B O   1 
HETATM 571 O O   . HOH D 2 .  ? 10.442  -2.998  1.048   1.00 47.72 ? 125 HOH B O   1 
HETATM 572 O O   . HOH D 2 .  ? 2.493   -9.948  1.969   1.00 41.32 ? 126 HOH B O   1 
HETATM 573 O O   . HOH D 2 .  ? -3.275  -0.939  14.395  1.00 37.47 ? 127 HOH B O   1 
HETATM 574 O O   . HOH D 2 .  ? 4.208   1.791   -1.097  1.00 27.16 ? 128 HOH B O   1 
HETATM 575 O O   . HOH D 2 .  ? 11.636  -2.209  -0.932  1.00 58.76 ? 129 HOH B O   1 
HETATM 576 O O   . HOH D 2 .  ? -7.552  -9.744  13.171  1.00 51.83 ? 130 HOH B O   1 
HETATM 577 O O   . HOH D 2 .  ? 10.981  0.803   -0.971  1.00 44.32 ? 131 HOH B O   1 
# 
loop_
_atom_site_anisotrop.id 
_atom_site_anisotrop.type_symbol 
_atom_site_anisotrop.pdbx_label_atom_id 
_atom_site_anisotrop.pdbx_label_alt_id 
_atom_site_anisotrop.pdbx_label_comp_id 
_atom_site_anisotrop.pdbx_label_asym_id 
_atom_site_anisotrop.pdbx_label_seq_id 
_atom_site_anisotrop.pdbx_PDB_ins_code 
_atom_site_anisotrop.U[1][1] 
_atom_site_anisotrop.U[2][2] 
_atom_site_anisotrop.U[3][3] 
_atom_site_anisotrop.U[1][2] 
_atom_site_anisotrop.U[1][3] 
_atom_site_anisotrop.U[2][3] 
_atom_site_anisotrop.pdbx_auth_seq_id 
_atom_site_anisotrop.pdbx_auth_comp_id 
_atom_site_anisotrop.pdbx_auth_asym_id 
_atom_site_anisotrop.pdbx_auth_atom_id 
1   N N   . GLU A 6  ? 0.6138 0.3538 0.6945 -0.0117 0.0440  -0.0497 17  GLU A N   
2   C CA  . GLU A 6  ? 0.6135 0.3409 0.6850 -0.0099 0.0455  -0.0516 17  GLU A CA  
3   C C   . GLU A 6  ? 0.5789 0.2943 0.6216 -0.0126 0.0632  -0.0681 17  GLU A C   
4   O O   . GLU A 6  ? 0.5811 0.2673 0.6101 -0.0039 0.0633  -0.0767 17  GLU A O   
5   C CB  . GLU A 6  ? 0.6395 0.3758 0.7314 -0.0093 0.0306  -0.0302 17  GLU A CB  
6   C CG  . GLU A 6  ? 0.6609 0.4004 0.7736 -0.0067 0.0219  -0.0168 17  GLU A CG  
7   C CD  . GLU A 6  ? 0.6832 0.4268 0.8052 -0.0061 0.0133  -0.0032 17  GLU A CD  
8   O OE1 . GLU A 6  ? 0.6853 0.4432 0.8139 -0.0016 0.0115  -0.0014 17  GLU A OE1 
9   O OE2 . GLU A 6  ? 0.6933 0.4336 0.8162 -0.0037 0.0097  0.0021  17  GLU A OE2 
10  N N   . PRO A 7  ? 0.5549 0.2709 0.5592 -0.0249 0.0821  -0.0799 18  PRO A N   
11  C CA  . PRO A 7  ? 0.5446 0.2525 0.5012 -0.0386 0.0947  -0.0861 18  PRO A CA  
12  C C   . PRO A 7  ? 0.5226 0.2347 0.4124 -0.0573 0.1101  -0.0882 18  PRO A C   
13  O O   . PRO A 7  ? 0.5209 0.2582 0.3575 -0.0633 0.1118  -0.0970 18  PRO A O   
14  C CB  . PRO A 7  ? 0.5414 0.2815 0.5196 -0.0291 0.0901  -0.0920 18  PRO A CB  
15  C CG  . PRO A 7  ? 0.5434 0.2768 0.5405 -0.0192 0.0877  -0.0943 18  PRO A CG  
16  C CD  . PRO A 7  ? 0.5490 0.2696 0.5486 -0.0153 0.0851  -0.0972 18  PRO A CD  
17  N N   . LYS A 8  ? 0.5121 0.2412 0.3984 -0.0642 0.1069  -0.0767 19  LYS A N   
18  C CA  . LYS A 8  ? 0.4849 0.2238 0.3832 -0.0600 0.1151  -0.0644 19  LYS A CA  
19  C C   . LYS A 8  ? 0.4277 0.2270 0.3139 -0.0303 0.1204  -0.0448 19  LYS A C   
20  O O   . LYS A 8  ? 0.4063 0.2063 0.2858 -0.0439 0.1220  -0.0231 19  LYS A O   
21  C CB  . LYS A 8  ? 0.4976 0.2231 0.4240 -0.0807 0.1291  -0.0773 19  LYS A CB  
22  C CG  . LYS A 8  ? 0.5375 0.2669 0.4451 -0.0953 0.1253  -0.0882 19  LYS A CG  
23  C CD  . LYS A 8  ? 0.5703 0.3191 0.4767 -0.0994 0.1280  -0.0883 19  LYS A CD  
24  C CE  . LYS A 8  ? 0.6013 0.3658 0.5037 -0.1095 0.1238  -0.0959 19  LYS A CE  
25  N NZ  . LYS A 8  ? 0.6169 0.4068 0.5150 -0.1114 0.1210  -0.0982 19  LYS A NZ  
26  N N   . ARG A 9  ? 0.3974 0.2452 0.2949 0.0067  0.1142  -0.0519 20  ARG A N   
27  C CA  . ARG A 9  ? 0.3681 0.2669 0.3050 0.0262  0.1075  -0.0184 20  ARG A CA  
28  C C   . ARG A 9  ? 0.3646 0.2870 0.2627 0.0159  0.0938  -0.0260 20  ARG A C   
29  O O   . ARG A 9  ? 0.3725 0.2799 0.2475 0.0205  0.0742  -0.0301 20  ARG A O   
30  C CB  . ARG A 9  ? 0.3748 0.3179 0.3295 0.0707  0.0908  -0.0046 20  ARG A CB  
31  C CG  . ARG A 9  ? 0.4069 0.3788 0.3435 0.1080  0.0712  0.0044  20  ARG A CG  
32  C CD  . ARG A 9  ? 0.4371 0.4479 0.3646 0.1306  0.0519  0.0190  20  ARG A CD  
33  N NE  . ARG A 9  ? 0.4710 0.5124 0.4023 0.1502  0.0346  0.0210  20  ARG A NE  
34  C CZ  . ARG A 9  ? 0.4832 0.5709 0.4180 0.1680  0.0223  0.0287  20  ARG A CZ  
35  N NH1 . ARG A 9  ? 0.4946 0.5935 0.4271 0.1619  0.0176  0.0445  20  ARG A NH1 
36  N NH2 . ARG A 9  ? 0.4932 0.5830 0.4248 0.1765  0.0237  0.0166  20  ARG A NH2 
37  N N   . GLU A 10 ? 0.3573 0.3164 0.2550 0.0020  0.0941  -0.0371 21  GLU A N   
38  C CA  . GLU A 10 ? 0.3542 0.3310 0.2708 -0.0208 0.1000  -0.0412 21  GLU A CA  
39  C C   . GLU A 10 ? 0.3508 0.2795 0.2169 -0.0462 0.1103  -0.0668 21  GLU A C   
40  O O   . GLU A 10 ? 0.3608 0.2995 0.2635 -0.0921 0.0859  -0.0418 21  GLU A O   
41  C CB  . GLU A 10 ? 0.3909 0.3938 0.3430 -0.0245 0.0988  -0.0395 21  GLU A CB  
42  C CG  . GLU A 10 ? 0.4295 0.4570 0.3918 -0.0416 0.1039  -0.0282 21  GLU A CG  
43  C CD  . GLU A 10 ? 0.4512 0.5058 0.4214 -0.0635 0.1179  -0.0079 21  GLU A CD  
44  O OE1 . GLU A 10 ? 0.4503 0.5353 0.4472 -0.0834 0.1182  0.0170  21  GLU A OE1 
45  O OE2 . GLU A 10 ? 0.4791 0.5053 0.4134 -0.0697 0.1309  -0.0154 21  GLU A OE2 
46  N N   . VAL A 11 ? 0.3208 0.2791 0.1971 -0.0407 0.1240  -0.0578 22  VAL A N   
47  C CA  . VAL A 11 ? 0.2970 0.2609 0.2199 -0.0438 0.1245  -0.0485 22  VAL A CA  
48  C C   . VAL A 11 ? 0.2958 0.2200 0.2019 -0.0370 0.1172  -0.0237 22  VAL A C   
49  O O   . VAL A 11 ? 0.3522 0.2103 0.1893 -0.0508 0.1086  -0.0213 22  VAL A O   
50  C CB  . VAL A 11 ? 0.3331 0.2988 0.2034 -0.0327 0.1063  -0.0581 22  VAL A CB  
51  C CG1 . VAL A 11 ? 0.3446 0.3230 0.2098 -0.0254 0.1003  -0.0349 22  VAL A CG1 
52  C CG2 . VAL A 11 ? 0.3379 0.3053 0.1777 -0.0409 0.1123  -0.0676 22  VAL A CG2 
53  N N   . CYS A 12 ? 0.2604 0.2004 0.1790 -0.0193 0.0941  -0.0283 23  CYS A N   
54  C CA  . CYS A 12 ? 0.2334 0.2047 0.1942 -0.0402 0.0840  -0.0452 23  CYS A CA  
55  C C   . CYS A 12 ? 0.2474 0.2030 0.2344 -0.0462 0.0944  -0.0357 23  CYS A C   
56  O O   . CYS A 12 ? 0.2804 0.1837 0.2515 -0.0486 0.1111  -0.0265 23  CYS A O   
57  C CB  . CYS A 12 ? 0.1671 0.1969 0.1638 -0.0564 0.0648  -0.0174 23  CYS A CB  
58  S SG  . CYS A 12 ? 0.1939 0.2095 0.1364 -0.0485 0.0444  -0.0225 23  CYS A SG  
59  N N   . GLU A 13 ? 0.2530 0.2223 0.2814 -0.0563 0.1030  -0.0755 24  GLU A N   
60  C CA  . GLU A 13 ? 0.3151 0.2758 0.3599 -0.0726 0.0934  -0.1114 24  GLU A CA  
61  C C   . GLU A 13 ? 0.3343 0.2963 0.4101 -0.1075 0.1178  -0.1137 24  GLU A C   
62  O O   . GLU A 13 ? 0.3713 0.3343 0.4452 -0.1188 0.1011  -0.1363 24  GLU A O   
63  C CB  . GLU A 13 ? 0.3480 0.3492 0.4205 -0.0597 0.0662  -0.0998 24  GLU A CB  
64  C CG  . GLU A 13 ? 0.3701 0.4107 0.4552 -0.0602 0.0574  -0.0783 24  GLU A CG  
65  C CD  . GLU A 13 ? 0.3896 0.4611 0.5110 -0.0602 0.0435  -0.0614 24  GLU A CD  
66  O OE1 . GLU A 13 ? 0.3888 0.4868 0.5465 -0.0662 0.0396  -0.0527 24  GLU A OE1 
67  O OE2 . GLU A 13 ? 0.4137 0.4811 0.5248 -0.0569 0.0378  -0.0548 24  GLU A OE2 
68  N N   . LEU A 14 ? 0.3487 0.2612 0.4016 -0.1373 0.1545  -0.0905 25  LEU A N   
69  C CA  . LEU A 14 ? 0.3961 0.2721 0.3760 -0.1272 0.1529  -0.0686 25  LEU A CA  
70  C C   . LEU A 14 ? 0.4219 0.2627 0.3541 -0.1223 0.1804  -0.0325 25  LEU A C   
71  O O   . LEU A 14 ? 0.4426 0.3596 0.3495 -0.1138 0.1557  -0.0244 25  LEU A O   
72  C CB  . LEU A 14 ? 0.3789 0.2999 0.3574 -0.1231 0.1333  -0.0948 25  LEU A CB  
73  C CG  . LEU A 14 ? 0.3605 0.3263 0.3223 -0.1298 0.1091  -0.1171 25  LEU A CG  
74  C CD1 . LEU A 14 ? 0.3765 0.3387 0.2682 -0.1418 0.1118  -0.1073 25  LEU A CD1 
75  C CD2 . LEU A 14 ? 0.3558 0.3397 0.3373 -0.1232 0.0941  -0.1468 25  LEU A CD2 
76  N N   . ASN A 15 ? 0.4487 0.2010 0.3036 -0.0759 0.2092  -0.0556 26  ASN A N   
77  C CA  . ASN A 15 ? 0.5188 0.2108 0.2478 -0.0477 0.1772  -0.0403 26  ASN A CA  
78  C C   . ASN A 15 ? 0.4799 0.2014 0.2541 -0.0639 0.1821  -0.0234 26  ASN A C   
79  O O   . ASN A 15 ? 0.4784 0.1875 0.2341 -0.0673 0.1668  -0.0188 26  ASN A O   
80  C CB  . ASN A 15 ? 0.5714 0.2504 0.2037 -0.0315 0.1408  -0.0067 26  ASN A CB  
81  C CG  . ASN A 15 ? 0.6135 0.2892 0.1932 0.0005  0.1147  -0.0208 26  ASN A CG  
82  O OD1 . ASN A 15 ? 0.6205 0.3263 0.1825 0.0228  0.0950  -0.0159 26  ASN A OD1 
83  N ND2 . ASN A 15 ? 0.6192 0.3221 0.2111 0.0086  0.0977  -0.0347 26  ASN A ND2 
84  N N   . PRO A 16 ? 0.4416 0.1909 0.2849 -0.0775 0.1784  -0.0152 27  PRO A N   
85  C CA  . PRO A 16 ? 0.4133 0.2021 0.2960 -0.0789 0.1760  -0.0297 27  PRO A CA  
86  C C   . PRO A 16 ? 0.4111 0.1691 0.2653 -0.0605 0.1435  -0.0163 27  PRO A C   
87  O O   . PRO A 16 ? 0.4344 0.1842 0.2449 -0.0585 0.1172  -0.0236 27  PRO A O   
88  C CB  . PRO A 16 ? 0.4612 0.1900 0.3202 -0.0770 0.1733  -0.0544 27  PRO A CB  
89  C CG  . PRO A 16 ? 0.4786 0.1988 0.3193 -0.0899 0.1663  -0.0349 27  PRO A CG  
90  C CD  . PRO A 16 ? 0.4635 0.1816 0.2987 -0.0818 0.1769  -0.0206 27  PRO A CD  
91  N N   . ASP A 17 ? 0.4078 0.1856 0.2352 -0.0220 0.0961  -0.0207 28  ASP A N   
92  C CA  . ASP A 17 ? 0.4110 0.2081 0.2276 -0.0129 0.0794  -0.0078 28  ASP A CA  
93  C C   . ASP A 17 ? 0.3574 0.1824 0.1672 -0.0192 0.0755  -0.0128 28  ASP A C   
94  O O   . ASP A 17 ? 0.3233 0.2085 0.1723 -0.0208 0.0745  -0.0060 28  ASP A O   
95  C CB  . ASP A 17 ? 0.4812 0.2378 0.2587 0.0109  0.0620  -0.0041 28  ASP A CB  
96  C CG  . ASP A 17 ? 0.5355 0.2688 0.3115 0.0082  0.0599  -0.0141 28  ASP A CG  
97  O OD1 . ASP A 17 ? 0.5539 0.2328 0.3315 0.0177  0.0852  -0.0491 28  ASP A OD1 
98  O OD2 . ASP A 17 ? 0.5531 0.3332 0.3550 0.0013  0.0462  -0.0054 28  ASP A OD2 
99  N N   . CYS A 18 ? 0.3147 0.1832 0.1711 -0.0268 0.0696  -0.0226 29  CYS A N   
100 C CA  . CYS A 18 ? 0.2714 0.1874 0.1480 -0.0240 0.0552  -0.0210 29  CYS A CA  
101 C C   . CYS A 18 ? 0.2453 0.1783 0.1220 -0.0443 0.0529  -0.0264 29  CYS A C   
102 O O   . CYS A 18 ? 0.2290 0.1956 0.1231 -0.0559 0.0467  -0.0034 29  CYS A O   
103 C CB  . CYS A 18 ? 0.2628 0.1851 0.1434 -0.0142 0.0433  -0.0351 29  CYS A CB  
104 S SG  . CYS A 18 ? 0.2081 0.2237 0.1460 -0.0432 0.0373  -0.0265 29  CYS A SG  
105 N N   . ASP A 19 ? 0.2489 0.1897 0.1730 -0.0625 0.0607  -0.0119 30  ASP A N   
106 C CA  . ASP A 19 ? 0.2551 0.1823 0.1745 -0.0813 0.0712  -0.0281 30  ASP A CA  
107 C C   . ASP A 19 ? 0.2583 0.1814 0.1453 -0.0785 0.0435  -0.0257 30  ASP A C   
108 O O   . ASP A 19 ? 0.2224 0.2107 0.1528 -0.0788 0.0379  -0.0228 30  ASP A O   
109 C CB  . ASP A 19 ? 0.2267 0.2214 0.2135 -0.0898 0.0732  -0.0534 30  ASP A CB  
110 C CG  . ASP A 19 ? 0.2511 0.2859 0.2632 -0.0840 0.0450  -0.0669 30  ASP A CG  
111 O OD1 . ASP A 19 ? 0.2428 0.3104 0.2832 -0.0692 0.0416  -0.0786 30  ASP A OD1 
112 O OD2 . ASP A 19 ? 0.3159 0.3111 0.2727 -0.1045 0.0146  -0.0747 30  ASP A OD2 
113 N N   . GLU A 20 ? 0.2907 0.1835 0.1525 -0.0735 0.0415  -0.0400 31  GLU A N   
114 C CA  . GLU A 20 ? 0.3184 0.2058 0.1806 -0.0770 0.0685  -0.0322 31  GLU A CA  
115 C C   . GLU A 20 ? 0.2708 0.1974 0.1685 -0.0521 0.0443  -0.0367 31  GLU A C   
116 O O   . GLU A 20 ? 0.3007 0.2132 0.1482 -0.0422 0.0456  -0.0354 31  GLU A O   
117 C CB  . GLU A 20 ? 0.3869 0.2742 0.2208 -0.0928 0.0869  -0.0387 31  GLU A CB  
118 C CG  . GLU A 20 ? 0.4675 0.3487 0.2727 -0.1075 0.0858  -0.0427 31  GLU A CG  
119 C CD  . GLU A 20 ? 0.5215 0.4139 0.3528 -0.1383 0.0801  -0.0406 31  GLU A CD  
120 O OE1 . GLU A 20 ? 0.5426 0.4150 0.3911 -0.1630 0.0805  -0.0493 31  GLU A OE1 
121 O OE2 . GLU A 20 ? 0.5431 0.4568 0.3588 -0.1428 0.0757  -0.0363 31  GLU A OE2 
122 N N   . LEU A 21 ? 0.2320 0.2055 0.1658 -0.0351 0.0425  -0.0300 32  LEU A N   
123 C CA  . LEU A 21 ? 0.2128 0.2199 0.1596 -0.0151 0.0269  -0.0178 32  LEU A CA  
124 C C   . LEU A 21 ? 0.1816 0.1865 0.1279 -0.0319 0.0228  -0.0123 32  LEU A C   
125 O O   . LEU A 21 ? 0.1979 0.2037 0.1191 -0.0340 0.0279  -0.0086 32  LEU A O   
126 C CB  . LEU A 21 ? 0.2200 0.2306 0.2061 -0.0250 0.0144  -0.0112 32  LEU A CB  
127 C CG  . LEU A 21 ? 0.1899 0.2509 0.2323 -0.0027 0.0172  -0.0044 32  LEU A CG  
128 C CD1 . LEU A 21 ? 0.2061 0.2853 0.2488 0.0264  0.0180  -0.0131 32  LEU A CD1 
129 C CD2 . LEU A 21 ? 0.2414 0.2638 0.2156 0.0023  -0.0161 -0.0028 32  LEU A CD2 
130 N N   . ALA A 22 ? 0.1541 0.2103 0.1482 -0.0352 0.0290  -0.0073 33  ALA A N   
131 C CA  . ALA A 22 ? 0.1619 0.2108 0.1416 -0.0378 0.0248  -0.0180 33  ALA A CA  
132 C C   . ALA A 22 ? 0.1532 0.2113 0.1459 -0.0556 0.0206  -0.0063 33  ALA A C   
133 O O   . ALA A 22 ? 0.1653 0.2116 0.1464 -0.0488 0.0310  -0.0096 33  ALA A O   
134 C CB  . ALA A 22 ? 0.1668 0.2053 0.1513 -0.0382 0.0323  -0.0408 33  ALA A CB  
135 N N   . ASP A 23 ? 0.1772 0.2131 0.1272 -0.0654 0.0100  -0.0197 34  ASP A N   
136 C CA  . ASP A 23 ? 0.2247 0.1887 0.1407 -0.0482 0.0179  -0.0299 34  ASP A CA  
137 C C   . ASP A 23 ? 0.2229 0.1722 0.1531 -0.0373 0.0186  -0.0321 34  ASP A C   
138 O O   . ASP A 23 ? 0.2154 0.2048 0.1774 -0.0271 0.0067  -0.0094 34  ASP A O   
139 C CB  . ASP A 23 ? 0.2310 0.1970 0.2014 -0.0631 0.0119  -0.0407 34  ASP A CB  
140 C CG  . ASP A 23 ? 0.2570 0.2426 0.2539 -0.0695 0.0154  -0.0379 34  ASP A CG  
141 O OD1 . ASP A 23 ? 0.2218 0.2897 0.2273 -0.0639 0.0192  -0.0184 34  ASP A OD1 
142 O OD2 . ASP A 23 ? 0.2894 0.2385 0.3356 -0.0862 0.0283  -0.0612 34  ASP A OD2 
143 N N   . HIS A 24 ? 0.2173 0.1784 0.1540 -0.0463 0.0314  -0.0186 35  HIS A N   
144 C CA  . HIS A 24 ? 0.2235 0.1793 0.1652 -0.0468 0.0542  -0.0174 35  HIS A CA  
145 C C   . HIS A 24 ? 0.1817 0.1872 0.1612 -0.0216 0.0450  -0.0217 35  HIS A C   
146 O O   . HIS A 24 ? 0.1993 0.1917 0.1674 -0.0256 0.0591  -0.0200 35  HIS A O   
147 C CB  . HIS A 24 ? 0.2823 0.2107 0.2070 -0.0366 0.0787  -0.0477 35  HIS A CB  
148 C CG  . HIS A 24 ? 0.3596 0.2365 0.2393 -0.0357 0.1037  -0.0703 35  HIS A CG  
149 N ND1 . HIS A 24 ? 0.4336 0.2602 0.2763 -0.0546 0.0905  -0.0583 35  HIS A ND1 
150 C CD2 . HIS A 24 ? 0.4171 0.2530 0.2637 -0.0537 0.1111  -0.0544 35  HIS A CD2 
151 C CE1 . HIS A 24 ? 0.4770 0.2355 0.2560 -0.0658 0.0932  -0.0748 35  HIS A CE1 
152 N NE2 . HIS A 24 ? 0.4691 0.2637 0.2576 -0.0609 0.1066  -0.0750 35  HIS A NE2 
153 N N   . ILE A 25 ? 0.1701 0.2016 0.1535 -0.0329 0.0264  -0.0141 36  ILE A N   
154 C CA  . ILE A 25 ? 0.1665 0.1896 0.1724 -0.0382 0.0282  -0.0282 36  ILE A CA  
155 C C   . ILE A 25 ? 0.1583 0.2179 0.1400 -0.0269 0.0295  -0.0170 36  ILE A C   
156 O O   . ILE A 25 ? 0.1825 0.1988 0.1723 -0.0480 0.0383  -0.0213 36  ILE A O   
157 C CB  . ILE A 25 ? 0.1747 0.2108 0.1823 -0.0295 0.0217  -0.0227 36  ILE A CB  
158 C CG1 . ILE A 25 ? 0.1911 0.2256 0.1912 -0.0334 -0.0148 0.0025  36  ILE A CG1 
159 C CG2 . ILE A 25 ? 0.1513 0.2495 0.2372 0.0048  0.0384  -0.0481 36  ILE A CG2 
160 C CD1 . ILE A 25 ? 0.1791 0.2435 0.2461 -0.0238 -0.0263 -0.0091 36  ILE A CD1 
161 N N   . GLY A 26 ? 0.1616 0.2128 0.1301 -0.0355 0.0249  -0.0134 37  GLY A N   
162 C CA  . GLY A 26 ? 0.1906 0.1945 0.1229 -0.0393 0.0337  -0.0163 37  GLY A CA  
163 C C   . GLY A 26 ? 0.1732 0.1772 0.1339 -0.0442 0.0230  -0.0204 37  GLY A C   
164 O O   . GLY A 26 ? 0.1648 0.1860 0.1295 -0.0422 0.0120  -0.0064 37  GLY A O   
165 N N   . PHE A 27 ? 0.1727 0.2170 0.1398 -0.0488 0.0313  -0.0344 38  PHE A N   
166 C CA  . PHE A 27 ? 0.1991 0.2275 0.1204 -0.0251 0.0213  -0.0372 38  PHE A CA  
167 C C   . PHE A 27 ? 0.2095 0.1986 0.1423 -0.0302 0.0250  -0.0338 38  PHE A C   
168 O O   . PHE A 27 ? 0.2278 0.2327 0.1411 -0.0406 0.0058  -0.0153 38  PHE A O   
169 C CB  . PHE A 27 ? 0.1818 0.2488 0.1472 -0.0275 0.0355  -0.0238 38  PHE A CB  
170 C CG  . PHE A 27 ? 0.1680 0.2619 0.1712 -0.0426 0.0508  -0.0159 38  PHE A CG  
171 C CD1 . PHE A 27 ? 0.1730 0.2602 0.1560 -0.0451 0.0524  -0.0045 38  PHE A CD1 
172 C CD2 . PHE A 27 ? 0.1521 0.2775 0.1951 -0.0325 0.0359  -0.0184 38  PHE A CD2 
173 C CE1 . PHE A 27 ? 0.1851 0.2511 0.1796 -0.0379 0.0679  -0.0297 38  PHE A CE1 
174 C CE2 . PHE A 27 ? 0.1824 0.2625 0.2270 -0.0592 0.0515  -0.0053 38  PHE A CE2 
175 C CZ  . PHE A 27 ? 0.2141 0.2662 0.1779 -0.0510 0.0497  -0.0024 38  PHE A CZ  
176 N N   . GLN A 28 ? 0.2073 0.1981 0.1676 -0.0374 0.0162  -0.0350 39  GLN A N   
177 C CA  . GLN A 28 ? 0.2436 0.2016 0.2107 -0.0484 -0.0002 -0.0377 39  GLN A CA  
178 C C   . GLN A 28 ? 0.2217 0.1919 0.2086 -0.0627 -0.0197 -0.0285 39  GLN A C   
179 O O   . GLN A 28 ? 0.2395 0.2301 0.1970 -0.0821 -0.0381 -0.0096 39  GLN A O   
180 C CB  . GLN A 28 ? 0.2941 0.2028 0.2587 -0.0387 0.0025  -0.0416 39  GLN A CB  
181 C CG  . GLN A 28 ? 0.3137 0.2259 0.2875 -0.0347 0.0008  -0.0424 39  GLN A CG  
182 C CD  . GLN A 28 ? 0.3481 0.3011 0.3081 -0.0252 -0.0181 -0.0415 39  GLN A CD  
183 O OE1 . GLN A 28 ? 0.3371 0.3259 0.2746 -0.0393 -0.0458 -0.0200 39  GLN A OE1 
184 N NE2 . GLN A 28 ? 0.3807 0.3382 0.3564 -0.0306 -0.0132 -0.0413 39  GLN A NE2 
185 N N   . GLU A 29 ? 0.1999 0.2124 0.2245 -0.0547 -0.0046 -0.0158 40  GLU A N   
186 C CA  . GLU A 29 ? 0.1890 0.2538 0.2091 -0.0576 -0.0287 0.0263  40  GLU A CA  
187 C C   . GLU A 29 ? 0.1748 0.2511 0.2031 -0.0492 -0.0252 0.0222  40  GLU A C   
188 O O   . GLU A 29 ? 0.1971 0.2562 0.2105 -0.0478 -0.0294 0.0299  40  GLU A O   
189 C CB  . GLU A 29 ? 0.2300 0.2846 0.2104 -0.0802 -0.0084 0.0557  40  GLU A CB  
190 C CG  . GLU A 29 ? 0.2959 0.3026 0.2454 -0.0835 -0.0007 0.0388  40  GLU A CG  
191 C CD  . GLU A 29 ? 0.3318 0.3259 0.2891 -0.0867 0.0106  0.0426  40  GLU A CD  
192 O OE1 . GLU A 29 ? 0.3480 0.3322 0.3484 -0.0994 0.0000  0.0472  40  GLU A OE1 
193 O OE2 . GLU A 29 ? 0.3300 0.3480 0.2985 -0.0842 0.0227  0.0160  40  GLU A OE2 
194 N N   . ALA A 30 ? 0.1822 0.2263 0.1915 -0.0357 -0.0063 0.0079  41  ALA A N   
195 C CA  . ALA A 30 ? 0.1788 0.2206 0.1998 -0.0437 0.0051  0.0114  41  ALA A CA  
196 C C   . ALA A 30 ? 0.1892 0.2304 0.2227 -0.0437 -0.0136 0.0107  41  ALA A C   
197 O O   . ALA A 30 ? 0.2021 0.2543 0.2417 -0.0360 -0.0293 0.0190  41  ALA A O   
198 C CB  . ALA A 30 ? 0.1610 0.2375 0.1994 -0.0485 0.0083  -0.0152 41  ALA A CB  
199 N N   . TYR A 31 ? 0.2133 0.2325 0.1779 -0.0677 -0.0157 0.0076  42  TYR A N   
200 C CA  . TYR A 31 ? 0.2820 0.2464 0.1616 -0.0849 -0.0396 0.0202  42  TYR A CA  
201 C C   . TYR A 31 ? 0.2925 0.2918 0.1793 -0.0947 -0.0606 0.0596  42  TYR A C   
202 O O   . TYR A 31 ? 0.3352 0.3228 0.1683 -0.0977 -0.0604 0.0498  42  TYR A O   
203 C CB  . TYR A 31 ? 0.3261 0.2563 0.1586 -0.1022 -0.0296 0.0067  42  TYR A CB  
204 C CG  . TYR A 31 ? 0.3598 0.3005 0.1629 -0.1391 -0.0202 0.0180  42  TYR A CG  
205 C CD1 . TYR A 31 ? 0.3887 0.3291 0.1613 -0.1534 -0.0239 0.0145  42  TYR A CD1 
206 C CD2 . TYR A 31 ? 0.3681 0.3152 0.1745 -0.1561 0.0037  0.0101  42  TYR A CD2 
207 C CE1 . TYR A 31 ? 0.4069 0.3476 0.1618 -0.1686 -0.0018 0.0121  42  TYR A CE1 
208 C CE2 . TYR A 31 ? 0.3995 0.3432 0.1923 -0.1664 0.0160  0.0018  42  TYR A CE2 
209 C CZ  . TYR A 31 ? 0.4234 0.3398 0.1722 -0.1775 0.0198  0.0039  42  TYR A CZ  
210 O OH  . TYR A 31 ? 0.4588 0.3548 0.1769 -0.1676 0.0350  -0.0005 42  TYR A OH  
211 N N   . ARG A 32 ? 0.2873 0.3155 0.2132 -0.1139 -0.0739 0.0766  43  ARG A N   
212 C CA  . ARG A 32 ? 0.2744 0.3618 0.2679 -0.1173 -0.0826 0.1012  43  ARG A CA  
213 C C   . ARG A 32 ? 0.2686 0.3880 0.3166 -0.1305 -0.0923 0.1257  43  ARG A C   
214 O O   . ARG A 32 ? 0.3094 0.4189 0.3361 -0.1327 -0.1123 0.1160  43  ARG A O   
215 C CB  . ARG A 32 ? 0.2799 0.3588 0.2857 -0.1090 -0.0804 0.0970  43  ARG A CB  
216 C CG  . ARG A 32 ? 0.2966 0.3622 0.3056 -0.1077 -0.0708 0.0958  43  ARG A CG  
217 C CD  . ARG A 32 ? 0.3264 0.3668 0.3267 -0.1153 -0.0547 0.0885  43  ARG A CD  
218 N NE  . ARG A 32 ? 0.4036 0.4253 0.3875 -0.0896 -0.0276 0.0659  43  ARG A NE  
219 C CZ  . ARG A 32 ? 0.4496 0.4672 0.4260 -0.0785 -0.0093 0.0552  43  ARG A CZ  
220 N NH1 . ARG A 32 ? 0.4718 0.4847 0.4417 -0.0799 0.0029  0.0548  43  ARG A NH1 
221 N NH2 . ARG A 32 ? 0.4557 0.4760 0.4424 -0.0676 -0.0016 0.0496  43  ARG A NH2 
222 N N   . ARG A 33 ? 0.2351 0.4015 0.3734 -0.1280 -0.0874 0.1535  44  ARG A N   
223 C CA  . ARG A 33 ? 0.2364 0.4535 0.4207 -0.0913 -0.1014 0.1667  44  ARG A CA  
224 C C   . ARG A 33 ? 0.2632 0.4568 0.4261 -0.0595 -0.1041 0.1644  44  ARG A C   
225 O O   . ARG A 33 ? 0.2816 0.4579 0.4584 -0.0444 -0.0916 0.1543  44  ARG A O   
226 C CB  . ARG A 33 ? 0.2504 0.4946 0.4847 -0.1027 -0.0883 0.1752  44  ARG A CB  
227 C CG  . ARG A 33 ? 0.2701 0.5705 0.5214 -0.0960 -0.0984 0.1827  44  ARG A CG  
228 C CD  . ARG A 33 ? 0.2954 0.6358 0.5630 -0.0972 -0.1066 0.1842  44  ARG A CD  
229 N NE  . ARG A 33 ? 0.2964 0.6784 0.6013 -0.1089 -0.1078 0.1964  44  ARG A NE  
230 C CZ  . ARG A 33 ? 0.3135 0.7015 0.6424 -0.1130 -0.0929 0.1999  44  ARG A CZ  
231 N NH1 . ARG A 33 ? 0.3339 0.7098 0.6576 -0.1053 -0.0890 0.1912  44  ARG A NH1 
232 N NH2 . ARG A 33 ? 0.3342 0.7086 0.6547 -0.1194 -0.0899 0.2045  44  ARG A NH2 
233 N N   . PHE A 34 ? 0.3010 0.4605 0.4257 -0.0546 -0.0930 0.1619  45  PHE A N   
234 C CA  . PHE A 34 ? 0.3278 0.4930 0.4509 -0.0475 -0.0700 0.1407  45  PHE A CA  
235 C C   . PHE A 34 ? 0.3784 0.5246 0.4079 -0.0575 -0.0536 0.1577  45  PHE A C   
236 O O   . PHE A 34 ? 0.4011 0.5400 0.3974 -0.0536 -0.0572 0.1629  45  PHE A O   
237 C CB  . PHE A 34 ? 0.3464 0.5154 0.4812 -0.0281 -0.0834 0.1042  45  PHE A CB  
238 C CG  . PHE A 34 ? 0.3565 0.5468 0.4880 -0.0008 -0.1091 0.0773  45  PHE A CG  
239 C CD1 . PHE A 34 ? 0.3584 0.5582 0.5021 0.0042  -0.1071 0.0763  45  PHE A CD1 
240 C CD2 . PHE A 34 ? 0.3587 0.5618 0.4993 0.0040  -0.1205 0.0673  45  PHE A CD2 
241 C CE1 . PHE A 34 ? 0.3755 0.5630 0.5080 0.0091  -0.1086 0.0640  45  PHE A CE1 
242 C CE2 . PHE A 34 ? 0.3682 0.5675 0.4998 0.0170  -0.1219 0.0564  45  PHE A CE2 
243 C CZ  . PHE A 34 ? 0.3748 0.5677 0.5064 0.0158  -0.1151 0.0627  45  PHE A CZ  
244 N N   . TYR A 35 ? 0.4275 0.5634 0.3721 -0.0646 -0.0307 0.1367  46  TYR A N   
245 C CA  . TYR A 35 ? 0.4977 0.5846 0.3445 -0.0746 0.0006  0.1147  46  TYR A CA  
246 C C   . TYR A 35 ? 0.5589 0.6560 0.3943 -0.1081 0.0038  0.0977  46  TYR A C   
247 O O   . TYR A 35 ? 0.5861 0.6668 0.4230 -0.1179 0.0130  0.0836  46  TYR A O   
248 C CB  . TYR A 35 ? 0.4899 0.5221 0.2778 -0.0550 0.0361  0.1011  46  TYR A CB  
249 C CG  . TYR A 35 ? 0.4677 0.4401 0.2248 -0.0246 0.0750  0.0657  46  TYR A CG  
250 C CD1 . TYR A 35 ? 0.4572 0.4030 0.2192 0.0013  0.1056  0.0392  46  TYR A CD1 
251 C CD2 . TYR A 35 ? 0.4525 0.4118 0.2270 -0.0142 0.0816  0.0355  46  TYR A CD2 
252 C CE1 . TYR A 35 ? 0.4572 0.3720 0.2054 0.0154  0.1262  0.0072  46  TYR A CE1 
253 C CE2 . TYR A 35 ? 0.4663 0.3568 0.2343 -0.0108 0.1115  0.0140  46  TYR A CE2 
254 C CZ  . TYR A 35 ? 0.4600 0.3568 0.2169 0.0068  0.1347  -0.0239 46  TYR A CZ  
255 O OH  . TYR A 35 ? 0.4819 0.3633 0.2289 -0.0006 0.1320  -0.0494 46  TYR A OH  
256 N N   . GLY A 36 ? 0.5834 0.7017 0.4271 -0.1265 0.0030  0.0922  47  GLY A N   
257 C CA  . GLY A 36 ? 0.6069 0.7324 0.4509 -0.1407 0.0066  0.0895  47  GLY A CA  
258 C C   . GLY A 36 ? 0.6238 0.7575 0.4628 -0.1423 0.0082  0.0849  47  GLY A C   
259 O O   . GLY A 36 ? 0.6331 0.7729 0.4796 -0.1378 0.0092  0.0768  47  GLY A O   
260 N N   . GLU B 6  ? 0.6096 0.5800 0.6294 0.0439  0.0472  -0.1265 17  GLU B N   
261 C CA  . GLU B 6  ? 0.6004 0.5578 0.6287 0.0489  0.0521  -0.1372 17  GLU B CA  
262 C C   . GLU B 6  ? 0.5537 0.4757 0.5990 0.0566  0.0633  -0.1734 17  GLU B C   
263 O O   . GLU B 6  ? 0.5526 0.4414 0.5953 0.0675  0.0713  -0.1986 17  GLU B O   
264 C CB  . GLU B 6  ? 0.6302 0.6077 0.6573 0.0438  0.0457  -0.1143 17  GLU B CB  
265 C CG  . GLU B 6  ? 0.6540 0.6542 0.6805 0.0415  0.0398  -0.0978 17  GLU B CG  
266 C CD  . GLU B 6  ? 0.6709 0.6982 0.6941 0.0412  0.0331  -0.0861 17  GLU B CD  
267 O OE1 . GLU B 6  ? 0.6766 0.7146 0.7097 0.0437  0.0360  -0.0843 17  GLU B OE1 
268 O OE2 . GLU B 6  ? 0.6748 0.7168 0.6868 0.0386  0.0237  -0.0774 17  GLU B OE2 
269 N N   . PRO B 7  ? 0.5040 0.4339 0.5724 0.0496  0.0598  -0.1792 18  PRO B N   
270 C CA  . PRO B 7  ? 0.4415 0.4093 0.5362 0.0491  0.0514  -0.1832 18  PRO B CA  
271 C C   . PRO B 7  ? 0.3614 0.3772 0.4752 0.0454  0.0422  -0.1914 18  PRO B C   
272 O O   . PRO B 7  ? 0.3279 0.3779 0.4402 0.0306  0.0411  -0.1923 18  PRO B O   
273 C CB  . PRO B 7  ? 0.4788 0.4142 0.5531 0.0408  0.0529  -0.1745 18  PRO B CB  
274 C CG  . PRO B 7  ? 0.4998 0.4117 0.5639 0.0476  0.0601  -0.1808 18  PRO B CG  
275 C CD  . PRO B 7  ? 0.5040 0.4134 0.5682 0.0541  0.0652  -0.1912 18  PRO B CD  
276 N N   . LYS B 8  ? 0.3381 0.3741 0.4567 0.0412  0.0323  -0.1649 19  LYS B N   
277 C CA  . LYS B 8  ? 0.3153 0.3495 0.4272 0.0368  0.0139  -0.1369 19  LYS B CA  
278 C C   . LYS B 8  ? 0.2676 0.3065 0.3968 0.0181  -0.0267 -0.1168 19  LYS B C   
279 O O   . LYS B 8  ? 0.2209 0.3030 0.3830 0.0238  -0.0440 -0.1112 19  LYS B O   
280 C CB  . LYS B 8  ? 0.3245 0.3642 0.4169 0.0492  0.0281  -0.1384 19  LYS B CB  
281 C CG  . LYS B 8  ? 0.3581 0.4182 0.3974 0.0483  0.0307  -0.1308 19  LYS B CG  
282 C CD  . LYS B 8  ? 0.3828 0.4522 0.4010 0.0442  0.0256  -0.1232 19  LYS B CD  
283 C CE  . LYS B 8  ? 0.4202 0.4767 0.4214 0.0395  0.0215  -0.1133 19  LYS B CE  
284 N NZ  . LYS B 8  ? 0.4302 0.4953 0.4547 0.0357  0.0194  -0.0984 19  LYS B NZ  
285 N N   . ARG B 9  ? 0.2792 0.2738 0.3966 0.0143  -0.0382 -0.1068 20  ARG B N   
286 C CA  . ARG B 9  ? 0.2869 0.2633 0.3988 0.0009  -0.0510 -0.0817 20  ARG B CA  
287 C C   . ARG B 9  ? 0.2833 0.2694 0.3593 -0.0105 -0.0470 -0.0821 20  ARG B C   
288 O O   . ARG B 9  ? 0.2841 0.2802 0.3433 0.0080  -0.0416 -0.0797 20  ARG B O   
289 C CB  . ARG B 9  ? 0.3319 0.2814 0.4174 -0.0160 -0.0681 -0.0517 20  ARG B CB  
290 C CG  . ARG B 9  ? 0.3972 0.3100 0.4499 -0.0265 -0.0739 -0.0448 20  ARG B CG  
291 C CD  . ARG B 9  ? 0.4518 0.3397 0.4816 -0.0432 -0.0736 -0.0293 20  ARG B CD  
292 N NE  . ARG B 9  ? 0.5104 0.3645 0.5077 -0.0573 -0.0651 -0.0198 20  ARG B NE  
293 C CZ  . ARG B 9  ? 0.5406 0.3771 0.5215 -0.0767 -0.0600 -0.0177 20  ARG B CZ  
294 N NH1 . ARG B 9  ? 0.5457 0.3703 0.5203 -0.0759 -0.0641 -0.0242 20  ARG B NH1 
295 N NH2 . ARG B 9  ? 0.5559 0.4049 0.5285 -0.0842 -0.0581 -0.0116 20  ARG B NH2 
296 N N   . GLU B 10 ? 0.2845 0.2818 0.3522 -0.0198 -0.0390 -0.0824 21  GLU B N   
297 C CA  . GLU B 10 ? 0.2969 0.3226 0.3458 -0.0146 -0.0390 -0.0899 21  GLU B CA  
298 C C   . GLU B 10 ? 0.2415 0.3078 0.3050 -0.0067 -0.0304 -0.1220 21  GLU B C   
299 O O   . GLU B 10 ? 0.2309 0.3762 0.3150 0.0050  -0.0075 -0.1078 21  GLU B O   
300 C CB  . GLU B 10 ? 0.3646 0.3716 0.3817 -0.0324 -0.0526 -0.0678 21  GLU B CB  
301 C CG  . GLU B 10 ? 0.3989 0.4058 0.4088 -0.0429 -0.0674 -0.0607 21  GLU B CG  
302 C CD  . GLU B 10 ? 0.4315 0.4260 0.4187 -0.0595 -0.0807 -0.0532 21  GLU B CD  
303 O OE1 . GLU B 10 ? 0.4402 0.4392 0.4276 -0.0633 -0.0868 -0.0607 21  GLU B OE1 
304 O OE2 . GLU B 10 ? 0.4530 0.4531 0.4090 -0.0552 -0.0952 -0.0401 21  GLU B OE2 
305 N N   . VAL B 11 ? 0.2129 0.2893 0.2844 -0.0233 -0.0433 -0.1421 22  VAL B N   
306 C CA  . VAL B 11 ? 0.2009 0.2817 0.2848 -0.0255 -0.0301 -0.1307 22  VAL B CA  
307 C C   . VAL B 11 ? 0.1643 0.2743 0.2689 -0.0037 -0.0396 -0.1169 22  VAL B C   
308 O O   . VAL B 11 ? 0.1698 0.3261 0.2752 0.0129  -0.0507 -0.1300 22  VAL B O   
309 C CB  . VAL B 11 ? 0.2441 0.2936 0.2719 -0.0205 -0.0410 -0.1215 22  VAL B CB  
310 C CG1 . VAL B 11 ? 0.2411 0.3177 0.2998 -0.0116 -0.0568 -0.0993 22  VAL B CG1 
311 C CG2 . VAL B 11 ? 0.2521 0.3132 0.2493 -0.0267 -0.0434 -0.1232 22  VAL B CG2 
312 N N   . CYS B 12 ? 0.1741 0.2272 0.2304 -0.0089 -0.0425 -0.0938 23  CYS B N   
313 C CA  . CYS B 12 ? 0.1728 0.2256 0.2317 -0.0257 -0.0155 -0.0960 23  CYS B CA  
314 C C   . CYS B 12 ? 0.1695 0.2423 0.2813 -0.0195 0.0018  -0.0945 23  CYS B C   
315 O O   . CYS B 12 ? 0.1412 0.2535 0.3284 -0.0176 -0.0105 -0.1020 23  CYS B O   
316 C CB  . CYS B 12 ? 0.1308 0.2214 0.1953 -0.0470 -0.0148 -0.0568 23  CYS B CB  
317 S SG  . CYS B 12 ? 0.1438 0.2357 0.1672 -0.0394 -0.0062 -0.0535 23  CYS B SG  
318 N N   . GLU B 13 ? 0.2072 0.2495 0.3142 -0.0336 0.0580  -0.1234 24  GLU B N   
319 C CA  . GLU B 13 ? 0.2798 0.2903 0.4146 -0.0361 0.0826  -0.1232 24  GLU B CA  
320 C C   . GLU B 13 ? 0.2718 0.3364 0.4643 -0.0400 0.0749  -0.1285 24  GLU B C   
321 O O   . GLU B 13 ? 0.3120 0.3691 0.4501 -0.0334 0.0915  -0.1266 24  GLU B O   
322 C CB  . GLU B 13 ? 0.3708 0.2981 0.4649 -0.0438 0.0860  -0.1122 24  GLU B CB  
323 C CG  . GLU B 13 ? 0.4432 0.3394 0.5278 -0.0533 0.0739  -0.0843 24  GLU B CG  
324 C CD  . GLU B 13 ? 0.5166 0.3538 0.5854 -0.0701 0.0702  -0.0570 24  GLU B CD  
325 O OE1 . GLU B 13 ? 0.5582 0.3590 0.5993 -0.0715 0.0702  -0.0553 24  GLU B OE1 
326 O OE2 . GLU B 13 ? 0.5310 0.3672 0.6044 -0.0789 0.0693  -0.0369 24  GLU B OE2 
327 N N   . LEU B 14 ? 0.2118 0.3626 0.4979 -0.0268 0.0622  -0.1497 25  LEU B N   
328 C CA  . LEU B 14 ? 0.2201 0.3858 0.5231 0.0003  0.0407  -0.1718 25  LEU B CA  
329 C C   . LEU B 14 ? 0.2021 0.3792 0.5668 0.0076  -0.0048 -0.1838 25  LEU B C   
330 O O   . LEU B 14 ? 0.1826 0.4204 0.6193 0.0008  0.0010  -0.1729 25  LEU B O   
331 C CB  . LEU B 14 ? 0.2266 0.4064 0.4669 -0.0128 0.0554  -0.1749 25  LEU B CB  
332 C CG  . LEU B 14 ? 0.2411 0.4127 0.3917 -0.0239 0.0654  -0.1932 25  LEU B CG  
333 C CD1 . LEU B 14 ? 0.2330 0.4245 0.3540 -0.0340 0.0314  -0.2073 25  LEU B CD1 
334 C CD2 . LEU B 14 ? 0.2792 0.4120 0.3853 -0.0397 0.0858  -0.1815 25  LEU B CD2 
335 N N   . ASN B 15 ? 0.1794 0.3422 0.5069 0.0218  -0.0422 -0.2205 26  ASN B N   
336 C CA  . ASN B 15 ? 0.2095 0.3692 0.4283 0.0514  -0.0849 -0.1980 26  ASN B CA  
337 C C   . ASN B 15 ? 0.1660 0.3312 0.4090 0.0411  -0.0743 -0.1829 26  ASN B C   
338 O O   . ASN B 15 ? 0.1655 0.3140 0.3991 0.0414  -0.0770 -0.1790 26  ASN B O   
339 C CB  . ASN B 15 ? 0.2498 0.3932 0.3719 0.0744  -0.1288 -0.1852 26  ASN B CB  
340 C CG  . ASN B 15 ? 0.3343 0.4033 0.3462 0.0803  -0.1426 -0.1785 26  ASN B CG  
341 O OD1 . ASN B 15 ? 0.3789 0.3944 0.3276 0.0684  -0.1519 -0.1673 26  ASN B OD1 
342 N ND2 . ASN B 15 ? 0.3780 0.4124 0.3415 0.0789  -0.1319 -0.1606 26  ASN B ND2 
343 N N   . PRO B 16 ? 0.1542 0.3507 0.4138 0.0400  -0.0621 -0.1612 27  PRO B N   
344 C CA  . PRO B 16 ? 0.1526 0.3375 0.4024 0.0213  -0.0370 -0.1547 27  PRO B CA  
345 C C   . PRO B 16 ? 0.1669 0.2912 0.3684 0.0425  -0.0310 -0.1452 27  PRO B C   
346 O O   . PRO B 16 ? 0.2044 0.3090 0.3258 0.0480  -0.0359 -0.1357 27  PRO B O   
347 C CB  . PRO B 16 ? 0.1954 0.3563 0.4245 0.0420  -0.0221 -0.1724 27  PRO B CB  
348 C CG  . PRO B 16 ? 0.1882 0.3932 0.4363 0.0501  -0.0286 -0.1587 27  PRO B CG  
349 C CD  . PRO B 16 ? 0.1572 0.3592 0.4312 0.0528  -0.0462 -0.1661 27  PRO B CD  
350 N N   . ASP B 17 ? 0.2251 0.2682 0.3309 0.0444  -0.0395 -0.1280 28  ASP B N   
351 C CA  . ASP B 17 ? 0.2411 0.2937 0.3165 0.0515  -0.0529 -0.1104 28  ASP B CA  
352 C C   . ASP B 17 ? 0.1959 0.2560 0.2596 0.0269  -0.0468 -0.1094 28  ASP B C   
353 O O   . ASP B 17 ? 0.1992 0.2577 0.2556 -0.0079 -0.0464 -0.0847 28  ASP B O   
354 C CB  . ASP B 17 ? 0.2985 0.3435 0.3428 0.0763  -0.0779 -0.0991 28  ASP B CB  
355 C CG  . ASP B 17 ? 0.3312 0.3817 0.3943 0.0923  -0.0747 -0.1077 28  ASP B CG  
356 O OD1 . ASP B 17 ? 0.3343 0.3373 0.4190 0.1133  -0.0650 -0.1560 28  ASP B OD1 
357 O OD2 . ASP B 17 ? 0.3738 0.4349 0.4177 0.0815  -0.0719 -0.0813 28  ASP B OD2 
358 N N   . CYS B 18 ? 0.1828 0.2525 0.2380 0.0107  -0.0365 -0.0965 29  CYS B N   
359 C CA  . CYS B 18 ? 0.1912 0.2330 0.1911 0.0032  -0.0272 -0.0783 29  CYS B CA  
360 C C   . CYS B 18 ? 0.1553 0.2172 0.1610 0.0110  -0.0167 -0.0903 29  CYS B C   
361 O O   . CYS B 18 ? 0.1376 0.2309 0.1759 -0.0082 -0.0143 -0.0692 29  CYS B O   
362 C CB  . CYS B 18 ? 0.2065 0.2239 0.1763 -0.0035 -0.0205 -0.0675 29  CYS B CB  
363 S SG  . CYS B 18 ? 0.1686 0.2426 0.1767 -0.0295 -0.0033 -0.0537 29  CYS B SG  
364 N N   . ASP B 19 ? 0.1300 0.2570 0.1919 0.0070  -0.0100 -0.0852 30  ASP B N   
365 C CA  . ASP B 19 ? 0.1278 0.2828 0.2044 -0.0079 -0.0047 -0.0768 30  ASP B CA  
366 C C   . ASP B 19 ? 0.1452 0.2668 0.1781 -0.0055 0.0009  -0.0667 30  ASP B C   
367 O O   . ASP B 19 ? 0.1276 0.2688 0.1904 -0.0192 0.0082  -0.0632 30  ASP B O   
368 C CB  . ASP B 19 ? 0.1510 0.3105 0.2284 -0.0317 0.0227  -0.0807 30  ASP B CB  
369 C CG  . ASP B 19 ? 0.2126 0.3387 0.2497 -0.0505 0.0421  -0.0608 30  ASP B CG  
370 O OD1 . ASP B 19 ? 0.2450 0.3271 0.2636 -0.0563 0.0517  -0.0548 30  ASP B OD1 
371 O OD2 . ASP B 19 ? 0.2390 0.3834 0.2456 -0.0335 0.0632  -0.0716 30  ASP B OD2 
372 N N   . GLU B 20 ? 0.1558 0.2825 0.1924 0.0083  -0.0045 -0.0704 31  GLU B N   
373 C CA  . GLU B 20 ? 0.1933 0.2920 0.2270 -0.0061 -0.0234 -0.0929 31  GLU B CA  
374 C C   . GLU B 20 ? 0.1960 0.2538 0.2004 -0.0091 -0.0126 -0.0862 31  GLU B C   
375 O O   . GLU B 20 ? 0.1913 0.2696 0.1882 -0.0100 -0.0216 -0.0831 31  GLU B O   
376 C CB  . GLU B 20 ? 0.2559 0.3467 0.2669 -0.0116 -0.0365 -0.1316 31  GLU B CB  
377 C CG  . GLU B 20 ? 0.3517 0.4028 0.3397 -0.0247 -0.0262 -0.1490 31  GLU B CG  
378 C CD  . GLU B 20 ? 0.4482 0.4774 0.4337 -0.0576 -0.0145 -0.1393 31  GLU B CD  
379 O OE1 . GLU B 20 ? 0.4675 0.4983 0.4685 -0.0692 -0.0086 -0.1316 31  GLU B OE1 
380 O OE2 . GLU B 20 ? 0.4964 0.5050 0.4554 -0.0728 -0.0138 -0.1430 31  GLU B OE2 
381 N N   . LEU B 21 ? 0.1844 0.2177 0.2029 -0.0142 -0.0153 -0.0767 32  LEU B N   
382 C CA  . LEU B 21 ? 0.1911 0.2149 0.1898 -0.0136 -0.0260 -0.0483 32  LEU B CA  
383 C C   . LEU B 21 ? 0.1516 0.2035 0.1367 -0.0225 -0.0204 -0.0315 32  LEU B C   
384 O O   . LEU B 21 ? 0.1610 0.2221 0.1387 -0.0371 -0.0326 -0.0238 32  LEU B O   
385 C CB  . LEU B 21 ? 0.1972 0.2400 0.2074 -0.0009 -0.0196 -0.0339 32  LEU B CB  
386 C CG  . LEU B 21 ? 0.2187 0.2149 0.2335 -0.0004 0.0027  -0.0291 32  LEU B CG  
387 C CD1 . LEU B 21 ? 0.2608 0.2028 0.2581 -0.0149 0.0091  -0.0371 32  LEU B CD1 
388 C CD2 . LEU B 21 ? 0.2654 0.2662 0.2177 0.0073  -0.0073 -0.0018 32  LEU B CD2 
389 N N   . ALA B 22 ? 0.1608 0.1881 0.1565 -0.0395 -0.0053 -0.0374 33  ALA B N   
390 C CA  . ALA B 22 ? 0.1558 0.2081 0.1588 -0.0357 -0.0086 -0.0318 33  ALA B CA  
391 C C   . ALA B 22 ? 0.1462 0.2089 0.1618 -0.0321 0.0030  -0.0257 33  ALA B C   
392 O O   . ALA B 22 ? 0.1464 0.2104 0.1742 -0.0267 0.0066  -0.0230 33  ALA B O   
393 C CB  . ALA B 22 ? 0.1608 0.1957 0.1685 -0.0450 -0.0053 -0.0466 33  ALA B CB  
394 N N   . ASP B 23 ? 0.1506 0.2487 0.1414 -0.0180 0.0122  -0.0333 34  ASP B N   
395 C CA  . ASP B 23 ? 0.1580 0.2415 0.1610 -0.0152 0.0162  -0.0413 34  ASP B CA  
396 C C   . ASP B 23 ? 0.1551 0.2134 0.1705 -0.0138 0.0123  -0.0373 34  ASP B C   
397 O O   . ASP B 23 ? 0.1851 0.2221 0.1917 -0.0247 0.0031  -0.0297 34  ASP B O   
398 C CB  . ASP B 23 ? 0.1748 0.2668 0.1867 -0.0183 0.0411  -0.0395 34  ASP B CB  
399 C CG  . ASP B 23 ? 0.2078 0.3247 0.2346 -0.0280 0.0419  -0.0362 34  ASP B CG  
400 O OD1 . ASP B 23 ? 0.2060 0.3193 0.2134 -0.0568 0.0301  -0.0045 34  ASP B OD1 
401 O OD2 . ASP B 23 ? 0.2067 0.3452 0.3152 -0.0155 0.0746  -0.0596 34  ASP B OD2 
402 N N   . HIS B 24 ? 0.1631 0.2266 0.1609 -0.0230 0.0053  -0.0375 35  HIS B N   
403 C CA  . HIS B 24 ? 0.1524 0.2134 0.2014 -0.0240 -0.0100 -0.0609 35  HIS B CA  
404 C C   . HIS B 24 ? 0.1558 0.1817 0.1943 -0.0298 -0.0039 -0.0447 35  HIS B C   
405 O O   . HIS B 24 ? 0.1489 0.1967 0.2142 -0.0301 -0.0043 -0.0532 35  HIS B O   
406 C CB  . HIS B 24 ? 0.1929 0.2430 0.2701 -0.0282 -0.0110 -0.0926 35  HIS B CB  
407 C CG  . HIS B 24 ? 0.2223 0.2918 0.3161 -0.0004 -0.0176 -0.1381 35  HIS B CG  
408 N ND1 . HIS B 24 ? 0.2449 0.3722 0.3389 0.0324  -0.0252 -0.1337 35  HIS B ND1 
409 C CD2 . HIS B 24 ? 0.2356 0.3439 0.3578 0.0196  -0.0195 -0.1410 35  HIS B CD2 
410 C CE1 . HIS B 24 ? 0.2287 0.3827 0.3412 0.0559  -0.0227 -0.1561 35  HIS B CE1 
411 N NE2 . HIS B 24 ? 0.2684 0.3784 0.3632 0.0314  -0.0145 -0.1606 35  HIS B NE2 
412 N N   . ILE B 25 ? 0.1395 0.2078 0.1811 -0.0289 -0.0009 -0.0331 36  ILE B N   
413 C CA  . ILE B 25 ? 0.1554 0.1805 0.1902 -0.0304 0.0123  -0.0409 36  ILE B CA  
414 C C   . ILE B 25 ? 0.1486 0.2025 0.1577 -0.0416 -0.0096 -0.0357 36  ILE B C   
415 O O   . ILE B 25 ? 0.1356 0.2092 0.1802 -0.0230 0.0194  -0.0413 36  ILE B O   
416 C CB  . ILE B 25 ? 0.1842 0.2018 0.1941 -0.0364 0.0103  -0.0301 36  ILE B CB  
417 C CG1 . ILE B 25 ? 0.1807 0.2351 0.1850 -0.0152 0.0039  -0.0059 36  ILE B CG1 
418 C CG2 . ILE B 25 ? 0.2359 0.1718 0.2361 -0.0639 0.0185  -0.0320 36  ILE B CG2 
419 C CD1 . ILE B 25 ? 0.2189 0.2508 0.2190 -0.0254 0.0149  0.0186  36  ILE B CD1 
420 N N   . GLY B 26 ? 0.1425 0.2045 0.1555 -0.0403 -0.0085 -0.0242 37  GLY B N   
421 C CA  . GLY B 26 ? 0.1419 0.2055 0.1534 -0.0491 -0.0053 -0.0392 37  GLY B CA  
422 C C   . GLY B 26 ? 0.1370 0.1935 0.1510 -0.0394 0.0123  -0.0249 37  GLY B C   
423 O O   . GLY B 26 ? 0.1399 0.1975 0.1378 -0.0342 0.0152  -0.0154 37  GLY B O   
424 N N   . PHE B 27 ? 0.1342 0.2096 0.1609 -0.0440 0.0114  -0.0317 38  PHE B N   
425 C CA  . PHE B 27 ? 0.1732 0.2228 0.1524 -0.0293 0.0011  -0.0353 38  PHE B CA  
426 C C   . PHE B 27 ? 0.1812 0.2152 0.1629 -0.0154 0.0101  -0.0527 38  PHE B C   
427 O O   . PHE B 27 ? 0.1818 0.2568 0.1517 -0.0055 -0.0085 -0.0283 38  PHE B O   
428 C CB  . PHE B 27 ? 0.1928 0.2148 0.1805 -0.0432 0.0048  -0.0435 38  PHE B CB  
429 C CG  . PHE B 27 ? 0.1574 0.2269 0.2138 -0.0491 -0.0038 -0.0441 38  PHE B CG  
430 C CD1 . PHE B 27 ? 0.1401 0.2372 0.2059 -0.0293 -0.0257 -0.0558 38  PHE B CD1 
431 C CD2 . PHE B 27 ? 0.1872 0.2330 0.2137 -0.0477 0.0034  -0.0257 38  PHE B CD2 
432 C CE1 . PHE B 27 ? 0.1644 0.2336 0.2180 -0.0329 -0.0159 -0.0592 38  PHE B CE1 
433 C CE2 . PHE B 27 ? 0.1801 0.2666 0.2366 -0.0437 0.0021  -0.0203 38  PHE B CE2 
434 C CZ  . PHE B 27 ? 0.1692 0.2588 0.2187 -0.0397 -0.0188 -0.0356 38  PHE B CZ  
435 N N   . GLN B 28 ? 0.1903 0.2373 0.1750 -0.0166 0.0091  -0.0508 39  GLN B N   
436 C CA  . GLN B 28 ? 0.2131 0.2723 0.1771 0.0086  0.0186  -0.0518 39  GLN B CA  
437 C C   . GLN B 28 ? 0.1802 0.2951 0.1521 0.0263  0.0336  -0.0212 39  GLN B C   
438 O O   . GLN B 28 ? 0.1876 0.3459 0.1574 0.0338  0.0289  -0.0150 39  GLN B O   
439 C CB  . GLN B 28 ? 0.2433 0.2732 0.2469 0.0162  0.0262  -0.0553 39  GLN B CB  
440 C CG  . GLN B 28 ? 0.2812 0.2801 0.2802 0.0213  0.0221  -0.0519 39  GLN B CG  
441 C CD  . GLN B 28 ? 0.3434 0.3301 0.2973 0.0044  0.0080  -0.0322 39  GLN B CD  
442 O OE1 . GLN B 28 ? 0.3056 0.3760 0.2573 0.0095  -0.0185 0.0036  39  GLN B OE1 
443 N NE2 . GLN B 28 ? 0.3798 0.3634 0.3416 -0.0025 0.0145  -0.0283 39  GLN B NE2 
444 N N   . GLU B 29 ? 0.1703 0.2912 0.1936 0.0014  0.0384  0.0080  40  GLU B N   
445 C CA  . GLU B 29 ? 0.1718 0.3146 0.1647 0.0019  0.0141  0.0454  40  GLU B CA  
446 C C   . GLU B 29 ? 0.1610 0.2801 0.1586 -0.0192 0.0214  0.0382  40  GLU B C   
447 O O   . GLU B 29 ? 0.1912 0.2817 0.1875 -0.0220 0.0100  0.0443  40  GLU B O   
448 C CB  . GLU B 29 ? 0.1653 0.3789 0.1786 0.0031  -0.0148 0.0560  40  GLU B CB  
449 C CG  . GLU B 29 ? 0.2161 0.3953 0.2226 0.0035  0.0097  0.0459  40  GLU B CG  
450 C CD  . GLU B 29 ? 0.2539 0.4336 0.2542 0.0023  0.0091  0.0612  40  GLU B CD  
451 O OE1 . GLU B 29 ? 0.2504 0.4592 0.3025 -0.0053 0.0376  0.0643  40  GLU B OE1 
452 O OE2 . GLU B 29 ? 0.2749 0.4495 0.2728 -0.0023 0.0202  0.0550  40  GLU B OE2 
453 N N   . ALA B 30 ? 0.1651 0.2532 0.1711 -0.0289 0.0193  0.0173  41  ALA B N   
454 C CA  . ALA B 30 ? 0.1542 0.2530 0.1722 -0.0155 0.0170  -0.0040 41  ALA B CA  
455 C C   . ALA B 30 ? 0.1746 0.2787 0.1915 -0.0063 0.0277  0.0060  41  ALA B C   
456 O O   . ALA B 30 ? 0.1969 0.2741 0.2309 -0.0078 0.0351  0.0465  41  ALA B O   
457 C CB  . ALA B 30 ? 0.1805 0.2430 0.1647 -0.0368 0.0361  -0.0091 41  ALA B CB  
458 N N   . TYR B 31 ? 0.1658 0.3182 0.1608 -0.0189 0.0036  -0.0093 42  TYR B N   
459 C CA  . TYR B 31 ? 0.1924 0.3718 0.1336 -0.0081 -0.0160 -0.0041 42  TYR B CA  
460 C C   . TYR B 31 ? 0.1868 0.4259 0.1567 0.0062  -0.0099 0.0172  42  TYR B C   
461 O O   . TYR B 31 ? 0.2144 0.4665 0.1623 0.0055  -0.0194 0.0223  42  TYR B O   
462 C CB  . TYR B 31 ? 0.1951 0.4069 0.1593 0.0017  -0.0181 -0.0408 42  TYR B CB  
463 C CG  . TYR B 31 ? 0.1862 0.4696 0.1836 -0.0076 -0.0158 -0.0487 42  TYR B CG  
464 C CD1 . TYR B 31 ? 0.1998 0.5059 0.1772 -0.0126 -0.0153 -0.0493 42  TYR B CD1 
465 C CD2 . TYR B 31 ? 0.1529 0.5044 0.2077 -0.0011 -0.0131 -0.0665 42  TYR B CD2 
466 C CE1 . TYR B 31 ? 0.2027 0.5235 0.1958 -0.0125 -0.0130 -0.0748 42  TYR B CE1 
467 C CE2 . TYR B 31 ? 0.1553 0.5505 0.2273 0.0013  -0.0134 -0.0749 42  TYR B CE2 
468 C CZ  . TYR B 31 ? 0.1747 0.5649 0.2050 0.0055  -0.0211 -0.0772 42  TYR B CZ  
469 O OH  . TYR B 31 ? 0.1963 0.6021 0.2202 0.0077  -0.0311 -0.0739 42  TYR B OH  
470 N N   . ARG B 32 ? 0.1843 0.4551 0.1667 0.0181  0.0085  0.0289  43  ARG B N   
471 C CA  . ARG B 32 ? 0.2068 0.4637 0.2150 -0.0010 0.0154  0.0809  43  ARG B CA  
472 C C   . ARG B 32 ? 0.1952 0.4901 0.2660 0.0079  0.0315  0.1141  43  ARG B C   
473 O O   . ARG B 32 ? 0.2441 0.5279 0.2722 0.0222  0.0350  0.1066  43  ARG B O   
474 C CB  . ARG B 32 ? 0.2054 0.4455 0.2316 -0.0169 0.0319  0.0927  43  ARG B CB  
475 C CG  . ARG B 32 ? 0.1952 0.4559 0.2764 -0.0232 0.0262  0.0960  43  ARG B CG  
476 C CD  . ARG B 32 ? 0.1984 0.4776 0.3192 -0.0095 0.0051  0.0799  43  ARG B CD  
477 N NE  . ARG B 32 ? 0.2660 0.5003 0.4039 -0.0140 -0.0267 0.0709  43  ARG B NE  
478 C CZ  . ARG B 32 ? 0.3056 0.5181 0.4707 -0.0295 -0.0457 0.0772  43  ARG B CZ  
479 N NH1 . ARG B 32 ? 0.2946 0.5239 0.4980 -0.0337 -0.0490 0.0742  43  ARG B NH1 
480 N NH2 . ARG B 32 ? 0.3232 0.5237 0.4956 -0.0284 -0.0530 0.0885  43  ARG B NH2 
481 N N   . ARG B 33 ? 0.1883 0.4867 0.3007 -0.0163 0.0382  0.1582  44  ARG B N   
482 C CA  . ARG B 33 ? 0.2583 0.4848 0.3361 -0.0364 0.0323  0.1901  44  ARG B CA  
483 C C   . ARG B 33 ? 0.3109 0.4608 0.3764 -0.0189 0.0217  0.1906  44  ARG B C   
484 O O   . ARG B 33 ? 0.3444 0.4697 0.4070 -0.0236 0.0271  0.1813  44  ARG B O   
485 C CB  . ARG B 33 ? 0.2558 0.5321 0.3790 -0.0626 0.0227  0.1994  44  ARG B CB  
486 C CG  . ARG B 33 ? 0.3207 0.5801 0.3810 -0.0855 0.0004  0.2154  44  ARG B CG  
487 C CD  . ARG B 33 ? 0.3758 0.6280 0.4020 -0.1043 -0.0014 0.2118  44  ARG B CD  
488 N NE  . ARG B 33 ? 0.3948 0.6569 0.4118 -0.1284 -0.0083 0.2230  44  ARG B NE  
489 C CZ  . ARG B 33 ? 0.4199 0.6693 0.4516 -0.1353 -0.0118 0.2071  44  ARG B CZ  
490 N NH1 . ARG B 33 ? 0.4415 0.6611 0.4699 -0.1428 -0.0036 0.2011  44  ARG B NH1 
491 N NH2 . ARG B 33 ? 0.4206 0.6894 0.4582 -0.1229 -0.0272 0.1989  44  ARG B NH2 
492 N N   . PHE B 34 ? 0.3045 0.4517 0.4068 0.0055  0.0024  0.1847  45  PHE B N   
493 C CA  . PHE B 34 ? 0.3327 0.4498 0.4408 0.0039  -0.0054 0.1705  45  PHE B CA  
494 C C   . PHE B 34 ? 0.3454 0.4844 0.4401 -0.0031 -0.0372 0.1633  45  PHE B C   
495 O O   . PHE B 34 ? 0.3558 0.5271 0.4128 -0.0116 -0.0560 0.1697  45  PHE B O   
496 C CB  . PHE B 34 ? 0.3958 0.4463 0.4399 0.0046  0.0039  0.1553  45  PHE B CB  
497 C CG  . PHE B 34 ? 0.4674 0.4349 0.4140 0.0024  0.0033  0.1476  45  PHE B CG  
498 C CD1 . PHE B 34 ? 0.4772 0.4355 0.4257 0.0053  0.0005  0.1389  45  PHE B CD1 
499 C CD2 . PHE B 34 ? 0.4885 0.4410 0.4131 -0.0025 0.0070  0.1469  45  PHE B CD2 
500 C CE1 . PHE B 34 ? 0.5031 0.4319 0.4349 0.0143  0.0027  0.1164  45  PHE B CE1 
501 C CE2 . PHE B 34 ? 0.5162 0.4322 0.4191 0.0053  -0.0014 0.1263  45  PHE B CE2 
502 C CZ  . PHE B 34 ? 0.5143 0.4341 0.4285 0.0145  -0.0060 0.1208  45  PHE B CZ  
503 N N   . TYR B 35 ? 0.3984 0.5061 0.4513 -0.0067 -0.0603 0.1193  46  TYR B N   
504 C CA  . TYR B 35 ? 0.4318 0.5347 0.4766 -0.0091 -0.0790 0.0679  46  TYR B CA  
505 C C   . TYR B 35 ? 0.4963 0.5953 0.5573 -0.0116 -0.0548 0.0582  46  TYR B C   
506 O O   . TYR B 35 ? 0.5093 0.6173 0.5858 -0.0145 -0.0454 0.0485  46  TYR B O   
507 C CB  . TYR B 35 ? 0.3956 0.4895 0.4169 -0.0121 -0.1122 0.0265  46  TYR B CB  
508 C CG  . TYR B 35 ? 0.3510 0.4119 0.3730 -0.0165 -0.1286 -0.0184 46  TYR B CG  
509 C CD1 . TYR B 35 ? 0.3437 0.3590 0.3777 -0.0246 -0.1314 -0.0432 46  TYR B CD1 
510 C CD2 . TYR B 35 ? 0.3476 0.3880 0.3581 -0.0179 -0.1170 -0.0502 46  TYR B CD2 
511 C CE1 . TYR B 35 ? 0.3488 0.3131 0.3725 -0.0159 -0.1268 -0.0848 46  TYR B CE1 
512 C CE2 . TYR B 35 ? 0.3295 0.3429 0.3673 0.0051  -0.1123 -0.1039 46  TYR B CE2 
513 C CZ  . TYR B 35 ? 0.3532 0.3105 0.3808 -0.0121 -0.1031 -0.1268 46  TYR B CZ  
514 O OH  . TYR B 35 ? 0.3769 0.3115 0.3941 -0.0146 -0.0912 -0.1518 46  TYR B OH  
515 N N   . GLY B 36 ? 0.5352 0.6213 0.6052 -0.0083 -0.0420 0.0609  47  GLY B N   
516 C CA  . GLY B 36 ? 0.5653 0.6465 0.6435 -0.0040 -0.0349 0.0656  47  GLY B CA  
517 C C   . GLY B 36 ? 0.5899 0.6667 0.6728 -0.0003 -0.0303 0.0671  47  GLY B C   
518 O O   . GLY B 36 ? 0.6070 0.6782 0.6985 0.0002  -0.0233 0.0625  47  GLY B O   
519 O O   . HOH C .  ? 0.4399 0.4124 0.4084 -0.1037 -0.0839 0.0313  101 HOH A O   
520 O O   . HOH C .  ? 0.2519 0.3644 0.2835 -0.0255 -0.0239 -0.0705 102 HOH A O   
521 O O   . HOH C .  ? 0.6168 0.5052 0.3778 -0.2324 0.2066  -0.0295 103 HOH A O   
522 O O   . HOH C .  ? 0.5023 0.6879 0.5971 -0.1903 0.2489  -0.0375 104 HOH A O   
523 O O   . HOH C .  ? 0.2448 0.2811 0.5483 -0.0427 -0.0916 -0.1296 105 HOH A O   
524 O O   . HOH C .  ? 0.1942 0.2520 0.1845 -0.0120 0.0023  -0.0334 106 HOH A O   
525 O O   . HOH C .  ? 0.4600 0.3654 0.2013 -0.1333 -0.0101 -0.0474 107 HOH A O   
526 O O   . HOH C .  ? 0.3542 0.6683 0.6382 -0.1660 0.1203  0.0232  108 HOH A O   
527 O O   . HOH C .  ? 0.3993 1.1157 0.4846 0.1090  0.0788  -0.2136 109 HOH A O   
528 O O   . HOH C .  ? 0.5063 0.3491 0.3635 0.0894  0.1815  0.0095  110 HOH A O   
529 O O   . HOH C .  ? 0.5540 0.4325 0.5485 -0.2348 0.0166  -0.1124 111 HOH A O   
530 O O   . HOH C .  ? 0.2207 0.3150 0.2679 -0.0694 0.0303  -0.0459 112 HOH A O   
532 O O   . HOH C .  ? 0.6245 0.7834 0.7221 0.2135  -0.0851 -0.0011 114 HOH A O   
533 O O   . HOH C .  ? 0.5558 1.1321 0.3362 0.3114  0.0047  0.0895  115 HOH A O   
536 O O   . HOH C .  ? 0.3300 0.8453 0.9139 -0.0008 -0.0264 -0.2525 118 HOH A O   
537 O O   . HOH C .  ? 1.1400 0.3673 0.7732 -0.1001 0.3352  -0.1081 119 HOH A O   
538 O O   . HOH C .  ? 0.2075 0.2989 0.3330 -0.0530 0.0668  -0.0729 120 HOH A O   
539 O O   . HOH C .  ? 0.4955 0.5141 0.9527 0.0312  0.1334  0.0921  121 HOH A O   
540 O O   . HOH C .  ? 0.8114 0.7605 0.3994 -0.0011 -0.1419 -0.1094 122 HOH A O   
541 O O   . HOH C .  ? 0.5932 0.3915 0.5416 -0.1014 0.0476  -0.0560 123 HOH A O   
542 O O   . HOH C .  ? 0.8375 0.7100 0.5279 -0.4079 -0.1830 0.2372  124 HOH A O   
543 O O   . HOH C .  ? 0.6974 0.6100 0.4400 -0.3773 0.1480  -0.1070 125 HOH A O   
544 O O   . HOH C .  ? 0.4786 0.5902 0.8174 0.0851  -0.0913 -0.3058 126 HOH A O   
545 O O   . HOH C .  ? 0.6162 0.3380 0.4953 0.0102  0.1455  -0.0027 127 HOH A O   
546 O O   . HOH C .  ? 0.5266 0.7546 0.3064 -0.2720 -0.1262 0.0669  128 HOH A O   
547 O O   . HOH D .  ? 0.5886 0.6023 0.4703 -0.2928 0.0984  -0.2256 101 HOH B O   
548 O O   . HOH D .  ? 0.8323 0.6276 0.6917 -0.1948 -0.0843 0.3204  102 HOH B O   
549 O O   . HOH D .  ? 0.3598 0.3042 0.2751 -0.0727 0.0437  -0.0009 103 HOH B O   
550 O O   . HOH D .  ? 0.3839 1.1729 0.2951 -0.0583 0.0083  -0.0063 104 HOH B O   
551 O O   . HOH D .  ? 0.6215 0.3393 0.8135 0.0149  -0.0880 -0.2427 105 HOH B O   
552 O O   . HOH D .  ? 0.2538 0.6872 0.4592 0.0584  -0.0710 -0.2328 106 HOH B O   
553 O O   . HOH D .  ? 0.3855 0.7239 0.4523 0.0844  0.0306  -0.0720 107 HOH B O   
554 O O   . HOH D .  ? 0.2174 0.2087 0.1922 -0.0347 0.0149  -0.0193 108 HOH B O   
555 O O   . HOH D .  ? 0.4701 0.5615 0.5777 -0.1653 0.1669  -0.1108 109 HOH B O   
556 O O   . HOH D .  ? 0.3540 0.2659 0.5024 -0.0486 -0.0587 -0.1179 110 HOH B O   
557 O O   . HOH D .  ? 0.2589 0.4670 0.2568 -0.0054 -0.0127 -0.0795 111 HOH B O   
558 O O   . HOH D .  ? 0.4253 0.4310 0.4633 0.0022  0.0391  0.0982  112 HOH B O   
559 O O   . HOH D .  ? 0.4155 0.2885 0.3249 0.0280  0.2166  0.0230  113 HOH B O   
560 O O   . HOH D .  ? 0.2276 0.3479 0.2397 -0.0554 0.0601  -0.0148 114 HOH B O   
562 O O   . HOH D .  ? 0.7242 0.7331 0.8729 0.2750  0.0293  -0.3553 116 HOH B O   
563 O O   . HOH D .  ? 0.5604 0.5550 0.4819 -0.2796 0.1980  -0.0963 117 HOH B O   
564 O O   . HOH D .  ? 0.4823 0.8631 0.6784 0.1289  0.3056  -0.0010 118 HOH B O   
567 O O   . HOH D .  ? 0.7854 0.4843 0.5785 0.0917  0.0970  -0.1132 121 HOH B O   
568 O O   . HOH D .  ? 0.5758 0.5519 0.5858 -0.2812 0.2519  -0.2695 122 HOH B O   
570 O O   . HOH D .  ? 1.1229 0.5779 0.5140 0.3686  -0.2208 -0.0626 124 HOH B O   
571 O O   . HOH D .  ? 0.4988 0.6841 0.6301 0.0917  0.1433  -0.2744 125 HOH B O   
572 O O   . HOH D .  ? 0.5493 0.3964 0.6242 0.0606  0.0262  -0.1779 126 HOH B O   
573 O O   . HOH D .  ? 0.4359 0.7578 0.2299 0.0349  0.0637  0.0623  127 HOH B O   
574 O O   . HOH D .  ? 0.2770 0.4162 0.3389 -0.0996 -0.0429 0.0198  128 HOH B O   
575 O O   . HOH D .  ? 0.6278 1.0532 0.5517 0.1806  -0.2137 -0.3351 129 HOH B O   
# 
